data_7EBC
#
_entry.id   7EBC
#
_cell.length_a   95.522
_cell.length_b   129.377
_cell.length_c   210.787
_cell.angle_alpha   90.00
_cell.angle_beta   90.00
_cell.angle_gamma   90.00
#
_symmetry.space_group_name_H-M   'P 21 21 21'
#
loop_
_entity.id
_entity.type
_entity.pdbx_description
1 polymer 'Isocitrate lyase'
2 non-polymer 'MAGNESIUM ION'
3 non-polymer 'TETRAETHYLENE GLYCOL'
4 water water
#
_entity_poly.entity_id   1
_entity_poly.type   'polypeptide(L)'
_entity_poly.pdbx_seq_one_letter_code
;HHHHHHMPIPVGNTKNDFAALQAKLDADAAEIEKWWSDSRWSKTKRNYSARDIAVRRGTFPPIEYPSSVMARKLFKVLEK
HHNEGTVSKTFGALDPVQISQMAKYLDTIYISGWQCSSTASTSNEPGPDLADYPMDTVPNKVEHLFKAQLFHDRKQLEAR
SKAKSQEELDEMGAPIDYLTPIVADADAGHGGLTAVFKLTKMFIERGAAGIHMEDQTSTNKKCGHMAGRCVIPVQEHVNR
LVTIRMCADIMHSDLIVVARTDSEAATLISSTIDTRDHYFIVGATNPNIEPFAEVLNDAIMSGASGQELADIEQKWCRDA
GLKLFHEAVIDEIERSALSNKQELIKKFTSKVGPLTETSHREAKKLAKEILGHEIFFDWELPRVREGLYRYRGGTQCSIM
RARAFAPYADLVWMESNYPDFQQAKEFAEGVKEKFPDQWLAYNLSPSFNWPKAMSVDEQHTFIQRLGDLGYIWQFITLAG
LHTNALAVHNFSRDFAKDGMKAYAQNVQQREMDDGVDVLKHQKWSGAEYIDGLLKLAQGGVSATAAMGTGVTEDQFKENG
VKK
;
_entity_poly.pdbx_strand_id   A,B,C,D
#
# COMPACT_ATOMS: atom_id res chain seq x y z
N ASN A 16 -31.62 19.39 15.57
CA ASN A 16 -32.27 18.05 15.73
C ASN A 16 -33.75 18.10 15.35
N ASP A 17 -34.06 18.76 14.24
CA ASP A 17 -35.45 18.96 13.82
C ASP A 17 -35.96 17.84 12.89
N PHE A 18 -37.00 17.14 13.34
CA PHE A 18 -37.49 15.95 12.67
C PHE A 18 -38.07 16.28 11.30
N ALA A 19 -38.96 17.26 11.26
CA ALA A 19 -39.67 17.60 10.03
C ALA A 19 -38.69 18.08 8.95
N ALA A 20 -37.66 18.82 9.37
CA ALA A 20 -36.64 19.31 8.45
C ALA A 20 -35.85 18.14 7.84
N LEU A 21 -35.65 17.09 8.63
CA LEU A 21 -34.91 15.92 8.17
C LEU A 21 -35.73 15.17 7.13
N GLN A 22 -37.00 14.92 7.45
CA GLN A 22 -37.89 14.26 6.51
C GLN A 22 -37.96 15.03 5.19
N ALA A 23 -38.02 16.36 5.29
CA ALA A 23 -38.15 17.20 4.09
C ALA A 23 -36.87 17.16 3.26
N LYS A 24 -35.72 17.18 3.95
CA LYS A 24 -34.43 17.10 3.29
C LYS A 24 -34.30 15.78 2.54
N LEU A 25 -34.71 14.69 3.16
CA LEU A 25 -34.59 13.37 2.57
C LEU A 25 -35.54 13.19 1.40
N ASP A 26 -36.74 13.77 1.51
CA ASP A 26 -37.73 13.72 0.42
C ASP A 26 -37.19 14.48 -0.80
N ALA A 27 -36.53 15.60 -0.57
CA ALA A 27 -35.95 16.40 -1.64
C ALA A 27 -34.75 15.70 -2.28
N ASP A 28 -33.90 15.12 -1.45
CA ASP A 28 -32.80 14.29 -1.94
C ASP A 28 -33.35 13.14 -2.79
N ALA A 29 -34.38 12.48 -2.29
CA ALA A 29 -35.03 11.40 -3.02
C ALA A 29 -35.46 11.87 -4.41
N ALA A 30 -35.99 13.09 -4.48
CA ALA A 30 -36.55 13.57 -5.73
C ALA A 30 -35.45 13.92 -6.74
N GLU A 31 -34.32 14.42 -6.25
CA GLU A 31 -33.13 14.60 -7.10
C GLU A 31 -32.68 13.27 -7.67
N ILE A 32 -32.71 12.23 -6.84
CA ILE A 32 -32.28 10.91 -7.27
C ILE A 32 -33.24 10.32 -8.29
N GLU A 33 -34.55 10.43 -8.02
CA GLU A 33 -35.58 10.03 -8.99
C GLU A 33 -35.39 10.71 -10.35
N LYS A 34 -35.05 11.99 -10.32
CA LYS A 34 -34.84 12.75 -11.54
C LYS A 34 -33.62 12.24 -12.33
N TRP A 35 -32.51 12.03 -11.63
CA TRP A 35 -31.35 11.34 -12.17
C TRP A 35 -31.77 10.04 -12.86
N TRP A 36 -32.58 9.24 -12.17
CA TRP A 36 -32.93 7.91 -12.64
C TRP A 36 -33.87 7.94 -13.85
N SER A 37 -34.42 9.11 -14.15
CA SER A 37 -35.29 9.26 -15.32
C SER A 37 -34.49 9.60 -16.59
N ASP A 38 -33.22 9.89 -16.45
CA ASP A 38 -32.33 10.02 -17.61
C ASP A 38 -32.38 8.77 -18.48
N SER A 39 -32.17 8.93 -19.78
CA SER A 39 -32.37 7.83 -20.72
C SER A 39 -31.28 6.76 -20.56
N ARG A 40 -30.16 7.14 -19.98
CA ARG A 40 -29.11 6.18 -19.67
C ARG A 40 -29.67 5.00 -18.88
N TRP A 41 -30.77 5.22 -18.17
CA TRP A 41 -31.28 4.24 -17.22
C TRP A 41 -32.51 3.50 -17.73
N SER A 42 -32.78 3.62 -19.03
CA SER A 42 -34.08 3.23 -19.57
C SER A 42 -34.31 1.72 -19.44
N LYS A 43 -33.23 0.94 -19.41
CA LYS A 43 -33.35 -0.52 -19.32
C LYS A 43 -33.06 -1.02 -17.91
N THR A 44 -32.79 -0.12 -16.99
CA THR A 44 -32.21 -0.51 -15.71
C THR A 44 -33.28 -0.75 -14.65
N LYS A 45 -33.35 -1.97 -14.14
CA LYS A 45 -34.28 -2.32 -13.08
C LYS A 45 -33.64 -2.09 -11.71
N ARG A 46 -34.34 -1.36 -10.86
CA ARG A 46 -33.86 -1.09 -9.53
C ARG A 46 -34.82 -1.68 -8.50
N ASN A 47 -34.27 -2.40 -7.52
CA ASN A 47 -35.07 -3.15 -6.55
C ASN A 47 -35.29 -2.37 -5.26
N TYR A 48 -35.16 -1.05 -5.32
CA TYR A 48 -35.32 -0.20 -4.15
C TYR A 48 -35.79 1.16 -4.59
N SER A 49 -36.14 2.00 -3.64
CA SER A 49 -36.67 3.32 -3.94
C SER A 49 -35.55 4.37 -3.89
N ALA A 50 -35.84 5.55 -4.43
CA ALA A 50 -34.93 6.68 -4.36
C ALA A 50 -34.63 7.07 -2.91
N ARG A 51 -35.64 6.98 -2.06
CA ARG A 51 -35.47 7.38 -0.67
C ARG A 51 -34.64 6.37 0.09
N ASP A 52 -34.73 5.10 -0.28
CA ASP A 52 -33.89 4.07 0.31
C ASP A 52 -32.43 4.46 0.14
N ILE A 53 -32.12 5.07 -1.01
CA ILE A 53 -30.75 5.47 -1.31
C ILE A 53 -30.39 6.76 -0.59
N ALA A 54 -31.34 7.70 -0.56
CA ALA A 54 -31.12 8.99 0.08
C ALA A 54 -30.70 8.82 1.53
N VAL A 55 -31.32 7.88 2.24
CA VAL A 55 -31.06 7.73 3.68
C VAL A 55 -29.73 7.03 3.94
N ARG A 56 -29.08 6.57 2.88
CA ARG A 56 -27.89 5.75 3.01
C ARG A 56 -26.60 6.42 2.53
N ARG A 57 -26.70 7.65 2.03
CA ARG A 57 -25.57 8.27 1.36
C ARG A 57 -24.93 9.41 2.13
N GLY A 58 -25.39 9.66 3.36
CA GLY A 58 -24.74 10.61 4.25
C GLY A 58 -25.08 12.05 3.90
N THR A 59 -24.45 12.99 4.61
CA THR A 59 -24.80 14.40 4.52
C THR A 59 -23.76 15.23 3.76
N PHE A 60 -22.68 14.59 3.34
CA PHE A 60 -21.71 15.26 2.47
C PHE A 60 -22.38 15.63 1.15
N PRO A 61 -22.10 16.83 0.63
CA PRO A 61 -22.61 17.16 -0.69
C PRO A 61 -22.34 16.04 -1.68
N PRO A 62 -23.33 15.70 -2.53
CA PRO A 62 -23.07 14.71 -3.56
C PRO A 62 -21.77 14.99 -4.32
N ILE A 63 -20.92 13.99 -4.44
CA ILE A 63 -19.65 14.11 -5.15
C ILE A 63 -19.83 13.59 -6.57
N GLU A 64 -19.34 14.33 -7.55
CA GLU A 64 -19.12 13.72 -8.86
C GLU A 64 -17.71 13.14 -8.93
N TYR A 65 -17.65 11.81 -9.02
CA TYR A 65 -16.38 11.11 -9.14
C TYR A 65 -15.91 11.15 -10.57
N PRO A 66 -14.61 11.36 -10.78
CA PRO A 66 -14.05 11.35 -12.14
C PRO A 66 -14.42 10.09 -12.90
N SER A 67 -14.51 8.96 -12.21
CA SER A 67 -14.90 7.70 -12.85
C SER A 67 -16.28 7.82 -13.51
N SER A 68 -17.16 8.60 -12.91
CA SER A 68 -18.53 8.70 -13.40
C SER A 68 -18.57 9.49 -14.70
N VAL A 69 -17.67 10.47 -14.82
CA VAL A 69 -17.49 11.18 -16.07
C VAL A 69 -17.11 10.20 -17.18
N MET A 70 -16.20 9.28 -16.87
CA MET A 70 -15.74 8.31 -17.85
C MET A 70 -16.83 7.28 -18.15
N ALA A 71 -17.64 6.96 -17.14
CA ALA A 71 -18.78 6.07 -17.34
C ALA A 71 -19.77 6.63 -18.36
N ARG A 72 -20.07 7.92 -18.27
CA ARG A 72 -20.99 8.56 -19.20
C ARG A 72 -20.39 8.57 -20.60
N LYS A 73 -19.09 8.80 -20.70
CA LYS A 73 -18.42 8.73 -21.99
C LYS A 73 -18.48 7.32 -22.55
N LEU A 74 -18.26 6.33 -21.69
CA LEU A 74 -18.28 4.93 -22.11
C LEU A 74 -19.67 4.56 -22.63
N PHE A 75 -20.71 4.98 -21.94
CA PHE A 75 -22.08 4.67 -22.36
C PHE A 75 -22.35 5.17 -23.76
N LYS A 76 -21.92 6.40 -24.04
CA LYS A 76 -22.15 7.02 -25.34
C LYS A 76 -21.32 6.38 -26.44
N VAL A 77 -20.10 5.97 -26.11
CA VAL A 77 -19.27 5.22 -27.04
C VAL A 77 -19.93 3.90 -27.43
N LEU A 78 -20.49 3.20 -26.45
CA LEU A 78 -21.07 1.89 -26.68
C LEU A 78 -22.41 2.01 -27.39
N GLU A 79 -23.19 3.01 -26.99
CA GLU A 79 -24.46 3.28 -27.65
C GLU A 79 -24.25 3.51 -29.14
N LYS A 80 -23.21 4.26 -29.47
CA LYS A 80 -22.93 4.59 -30.86
C LYS A 80 -22.58 3.33 -31.65
N HIS A 81 -21.73 2.49 -31.07
CA HIS A 81 -21.35 1.23 -31.72
C HIS A 81 -22.57 0.33 -31.92
N HIS A 82 -23.46 0.31 -30.94
CA HIS A 82 -24.69 -0.46 -31.03
C HIS A 82 -25.54 0.02 -32.20
N ASN A 83 -25.73 1.33 -32.29
CA ASN A 83 -26.62 1.92 -33.30
C ASN A 83 -26.06 1.69 -34.70
N GLU A 84 -24.74 1.70 -34.83
CA GLU A 84 -24.10 1.65 -36.14
C GLU A 84 -23.59 0.27 -36.50
N GLY A 85 -23.76 -0.68 -35.59
CA GLY A 85 -23.39 -2.07 -35.84
C GLY A 85 -21.90 -2.33 -35.84
N THR A 86 -21.16 -1.51 -35.11
CA THR A 86 -19.70 -1.65 -35.07
C THR A 86 -19.25 -2.12 -33.68
N VAL A 87 -17.94 -2.18 -33.48
CA VAL A 87 -17.38 -2.79 -32.28
C VAL A 87 -16.33 -1.88 -31.64
N SER A 88 -16.43 -1.68 -30.34
CA SER A 88 -15.29 -1.24 -29.54
C SER A 88 -14.33 -2.40 -29.24
N LYS A 89 -13.17 -2.39 -29.89
CA LYS A 89 -12.16 -3.41 -29.69
C LYS A 89 -11.15 -2.93 -28.66
N THR A 90 -10.75 -3.82 -27.76
CA THR A 90 -9.67 -3.51 -26.85
C THR A 90 -8.97 -4.76 -26.35
N PHE A 91 -8.05 -4.58 -25.42
CA PHE A 91 -7.43 -5.71 -24.76
C PHE A 91 -6.93 -5.31 -23.38
N GLY A 92 -6.47 -6.29 -22.61
CA GLY A 92 -6.05 -6.05 -21.24
C GLY A 92 -4.71 -5.34 -21.17
N ALA A 93 -4.68 -4.22 -20.45
CA ALA A 93 -3.51 -3.38 -20.37
C ALA A 93 -2.76 -3.62 -19.07
N LEU A 94 -1.43 -3.64 -19.13
CA LEU A 94 -0.59 -3.93 -17.96
C LEU A 94 -0.27 -2.68 -17.14
N ASP A 95 -0.04 -1.56 -17.82
CA ASP A 95 0.74 -0.47 -17.23
C ASP A 95 0.56 0.82 -18.02
N PRO A 96 1.06 1.94 -17.47
CA PRO A 96 0.95 3.25 -18.10
C PRO A 96 1.57 3.34 -19.50
N VAL A 97 2.66 2.62 -19.73
CA VAL A 97 3.24 2.62 -21.07
C VAL A 97 2.18 2.14 -22.07
N GLN A 98 1.50 1.06 -21.70
CA GLN A 98 0.59 0.39 -22.61
C GLN A 98 -0.61 1.28 -22.92
N ILE A 99 -1.23 1.87 -21.91
CA ILE A 99 -2.39 2.72 -22.15
C ILE A 99 -2.00 4.00 -22.89
N SER A 100 -0.74 4.42 -22.75
CA SER A 100 -0.28 5.61 -23.43
C SER A 100 -0.20 5.39 -24.93
N GLN A 101 -0.01 4.15 -25.33
CA GLN A 101 0.01 3.81 -26.75
C GLN A 101 -1.38 3.41 -27.24
N MET A 102 -2.09 2.65 -26.42
CA MET A 102 -3.42 2.17 -26.77
C MET A 102 -4.37 3.34 -27.04
N ALA A 103 -4.15 4.45 -26.35
CA ALA A 103 -5.07 5.58 -26.41
C ALA A 103 -5.15 6.12 -27.82
N LYS A 104 -4.09 5.91 -28.58
CA LYS A 104 -4.00 6.44 -29.93
C LYS A 104 -4.95 5.71 -30.89
N TYR A 105 -5.23 4.44 -30.61
CA TYR A 105 -5.86 3.56 -31.59
C TYR A 105 -7.18 2.95 -31.12
N LEU A 106 -7.44 2.99 -29.81
CA LEU A 106 -8.57 2.26 -29.22
C LEU A 106 -9.43 3.19 -28.39
N ASP A 107 -10.70 2.84 -28.23
CA ASP A 107 -11.66 3.73 -27.57
C ASP A 107 -12.19 3.19 -26.24
N THR A 108 -11.70 2.01 -25.83
CA THR A 108 -11.84 1.57 -24.46
C THR A 108 -10.56 0.86 -23.99
N ILE A 109 -10.39 0.79 -22.68
CA ILE A 109 -9.31 0.02 -22.07
C ILE A 109 -9.91 -1.08 -21.20
N TYR A 110 -9.31 -2.27 -21.27
CA TYR A 110 -9.70 -3.36 -20.39
C TYR A 110 -8.64 -3.63 -19.34
N ILE A 111 -9.07 -3.93 -18.13
CA ILE A 111 -8.16 -4.40 -17.10
C ILE A 111 -8.53 -5.81 -16.65
N SER A 112 -7.56 -6.71 -16.77
CA SER A 112 -7.79 -8.14 -16.62
C SER A 112 -7.36 -8.58 -15.24
N GLY A 113 -8.25 -9.28 -14.55
CA GLY A 113 -7.90 -9.90 -13.26
C GLY A 113 -6.87 -11.01 -13.42
N TRP A 114 -6.92 -11.72 -14.54
CA TRP A 114 -5.90 -12.70 -14.88
C TRP A 114 -4.52 -12.04 -14.88
N GLN A 115 -4.39 -10.93 -15.59
CA GLN A 115 -3.10 -10.25 -15.71
C GLN A 115 -2.69 -9.69 -14.36
N CYS A 116 -3.67 -9.29 -13.56
CA CYS A 116 -3.38 -8.78 -12.23
C CYS A 116 -2.81 -9.84 -11.31
N SER A 117 -3.30 -11.06 -11.43
CA SER A 117 -2.84 -12.13 -10.57
C SER A 117 -1.39 -12.48 -10.86
N SER A 118 -1.01 -12.40 -12.12
CA SER A 118 0.36 -12.70 -12.52
C SER A 118 1.31 -11.53 -12.41
N THR A 119 0.78 -10.29 -12.39
CA THR A 119 1.64 -9.10 -12.49
C THR A 119 1.38 -7.93 -11.51
N ALA A 120 0.34 -7.98 -10.69
CA ALA A 120 -0.09 -6.73 -10.04
C ALA A 120 -0.82 -6.86 -8.70
N SER A 121 -0.80 -8.04 -8.09
CA SER A 121 -1.35 -8.20 -6.73
C SER A 121 -0.75 -7.16 -5.80
N THR A 122 -1.57 -6.58 -4.94
CA THR A 122 -1.11 -5.57 -4.00
C THR A 122 -0.27 -6.16 -2.88
N SER A 123 -0.20 -7.49 -2.80
CA SER A 123 0.73 -8.15 -1.89
C SER A 123 2.04 -8.52 -2.60
N ASN A 124 2.07 -8.32 -3.91
CA ASN A 124 3.22 -8.65 -4.74
C ASN A 124 3.44 -10.16 -4.83
N GLU A 125 2.51 -10.94 -4.30
CA GLU A 125 2.55 -12.39 -4.48
C GLU A 125 1.72 -12.79 -5.71
N PRO A 126 2.41 -13.25 -6.77
CA PRO A 126 1.75 -13.59 -7.99
C PRO A 126 1.16 -14.98 -7.94
N GLY A 127 0.45 -15.37 -9.00
CA GLY A 127 -0.01 -16.73 -9.15
C GLY A 127 -1.09 -16.82 -10.21
N PRO A 128 -1.63 -18.02 -10.42
CA PRO A 128 -2.66 -18.24 -11.43
C PRO A 128 -3.99 -17.58 -11.06
N ASP A 129 -4.90 -17.52 -12.02
CA ASP A 129 -6.09 -16.70 -11.90
C ASP A 129 -7.13 -17.36 -10.97
N LEU A 130 -7.10 -16.97 -9.70
CA LEU A 130 -8.03 -17.51 -8.71
C LEU A 130 -8.74 -16.39 -7.95
N ALA A 131 -8.53 -15.16 -8.38
CA ALA A 131 -9.06 -13.99 -7.67
C ALA A 131 -8.79 -14.09 -6.17
N ASP A 132 -7.60 -14.55 -5.80
CA ASP A 132 -7.25 -14.68 -4.39
C ASP A 132 -6.09 -13.76 -3.98
N TYR A 133 -5.73 -12.82 -4.84
CA TYR A 133 -5.09 -11.59 -4.39
C TYR A 133 -6.02 -10.78 -3.48
N PRO A 134 -5.46 -9.84 -2.72
CA PRO A 134 -6.30 -8.94 -1.92
C PRO A 134 -7.23 -8.11 -2.81
N MET A 135 -8.41 -7.79 -2.29
CA MET A 135 -9.52 -7.36 -3.13
C MET A 135 -9.27 -5.96 -3.69
N ASP A 136 -8.31 -5.22 -3.13
CA ASP A 136 -7.97 -3.92 -3.67
C ASP A 136 -7.07 -3.97 -4.91
N THR A 137 -6.78 -5.18 -5.38
CA THR A 137 -5.76 -5.35 -6.42
C THR A 137 -6.19 -4.74 -7.75
N VAL A 138 -7.38 -5.06 -8.22
CA VAL A 138 -7.80 -4.57 -9.52
C VAL A 138 -8.19 -3.09 -9.49
N PRO A 139 -8.87 -2.65 -8.42
CA PRO A 139 -9.03 -1.21 -8.23
C PRO A 139 -7.71 -0.42 -8.20
N ASN A 140 -6.66 -1.00 -7.63
CA ASN A 140 -5.38 -0.34 -7.62
C ASN A 140 -4.81 -0.22 -9.04
N LYS A 141 -4.99 -1.28 -9.84
CA LYS A 141 -4.59 -1.25 -11.23
C LYS A 141 -5.39 -0.19 -12.01
N VAL A 142 -6.68 -0.05 -11.70
CA VAL A 142 -7.48 1.00 -12.32
C VAL A 142 -6.85 2.36 -12.04
N GLU A 143 -6.55 2.64 -10.77
CA GLU A 143 -5.93 3.90 -10.39
C GLU A 143 -4.59 4.06 -11.10
N HIS A 144 -3.84 2.97 -11.18
CA HIS A 144 -2.53 2.98 -11.82
C HIS A 144 -2.63 3.53 -13.24
N LEU A 145 -3.62 3.04 -13.98
CA LEU A 145 -3.76 3.41 -15.38
C LEU A 145 -4.46 4.75 -15.51
N PHE A 146 -5.44 4.99 -14.66
CA PHE A 146 -6.27 6.18 -14.78
C PHE A 146 -5.45 7.44 -14.50
N LYS A 147 -4.63 7.42 -13.46
CA LYS A 147 -3.84 8.59 -13.10
C LYS A 147 -2.75 8.84 -14.13
N ALA A 148 -2.28 7.78 -14.77
CA ALA A 148 -1.37 7.93 -15.91
C ALA A 148 -2.06 8.60 -17.09
N GLN A 149 -3.31 8.22 -17.35
CA GLN A 149 -4.10 8.85 -18.40
C GLN A 149 -4.23 10.35 -18.14
N LEU A 150 -4.60 10.71 -16.92
CA LEU A 150 -4.80 12.12 -16.57
C LEU A 150 -3.49 12.89 -16.69
N PHE A 151 -2.39 12.25 -16.32
CA PHE A 151 -1.10 12.93 -16.37
C PHE A 151 -0.71 13.22 -17.80
N HIS A 152 -0.86 12.23 -18.68
CA HIS A 152 -0.48 12.40 -20.05
C HIS A 152 -1.41 13.39 -20.76
N ASP A 153 -2.67 13.43 -20.33
CA ASP A 153 -3.59 14.45 -20.82
C ASP A 153 -3.11 15.85 -20.45
N ARG A 154 -2.69 16.04 -19.22
CA ARG A 154 -2.19 17.33 -18.78
C ARG A 154 -0.94 17.70 -19.56
N LYS A 155 -0.01 16.74 -19.65
CA LYS A 155 1.23 16.97 -20.39
C LYS A 155 0.94 17.43 -21.81
N GLN A 156 0.02 16.76 -22.48
CA GLN A 156 -0.22 17.02 -23.89
C GLN A 156 -0.86 18.39 -24.10
N LEU A 157 -1.82 18.76 -23.25
CA LEU A 157 -2.44 20.06 -23.38
C LEU A 157 -1.39 21.15 -23.22
N GLU A 158 -0.50 21.01 -22.24
CA GLU A 158 0.50 22.03 -21.97
C GLU A 158 1.42 22.17 -23.19
N ALA A 159 1.84 21.04 -23.76
CA ALA A 159 2.69 21.04 -24.94
C ALA A 159 2.02 21.77 -26.11
N ARG A 160 0.74 21.52 -26.30
CA ARG A 160 0.03 22.06 -27.46
C ARG A 160 -0.31 23.53 -27.27
N SER A 161 -0.40 23.95 -26.01
CA SER A 161 -0.66 25.35 -25.68
C SER A 161 0.50 26.26 -26.13
N LYS A 162 1.65 25.67 -26.41
CA LYS A 162 2.84 26.43 -26.79
C LYS A 162 2.86 26.78 -28.28
N ALA A 163 1.99 26.13 -29.04
CA ALA A 163 1.89 26.40 -30.47
C ALA A 163 1.40 27.84 -30.71
N LYS A 164 2.04 28.53 -31.65
CA LYS A 164 1.75 29.94 -31.90
C LYS A 164 0.86 30.11 -33.15
N SER A 165 0.68 29.03 -33.90
CA SER A 165 -0.10 29.08 -35.13
C SER A 165 -0.63 27.71 -35.50
N GLN A 166 -1.61 27.68 -36.39
CA GLN A 166 -2.16 26.43 -36.88
C GLN A 166 -1.08 25.49 -37.43
N GLU A 167 -0.09 26.06 -38.10
CA GLU A 167 0.96 25.27 -38.73
C GLU A 167 1.84 24.61 -37.66
N GLU A 168 2.17 25.36 -36.62
CA GLU A 168 2.97 24.82 -35.51
C GLU A 168 2.22 23.71 -34.79
N LEU A 169 0.90 23.83 -34.72
CA LEU A 169 0.07 22.83 -34.06
C LEU A 169 0.00 21.57 -34.90
N ASP A 170 -0.13 21.74 -36.21
CA ASP A 170 -0.12 20.60 -37.13
C ASP A 170 1.17 19.80 -37.00
N GLU A 171 2.28 20.50 -36.73
CA GLU A 171 3.60 19.86 -36.69
C GLU A 171 3.72 18.96 -35.47
N MET A 172 2.88 19.21 -34.47
CA MET A 172 2.88 18.37 -33.27
C MET A 172 2.10 17.07 -33.49
N GLY A 173 1.26 17.04 -34.51
CA GLY A 173 0.45 15.86 -34.80
C GLY A 173 -0.94 15.99 -34.22
N ALA A 174 -1.82 15.09 -34.64
CA ALA A 174 -3.17 15.05 -34.08
C ALA A 174 -3.11 14.71 -32.59
N PRO A 175 -3.98 15.34 -31.79
CA PRO A 175 -4.00 15.06 -30.36
C PRO A 175 -4.44 13.64 -30.10
N ILE A 176 -3.79 12.99 -29.15
CA ILE A 176 -4.23 11.71 -28.64
C ILE A 176 -5.29 11.90 -27.56
N ASP A 177 -6.38 11.14 -27.64
CA ASP A 177 -7.37 11.11 -26.57
C ASP A 177 -6.95 10.10 -25.50
N TYR A 178 -6.34 10.60 -24.43
CA TYR A 178 -5.81 9.77 -23.36
C TYR A 178 -6.91 9.35 -22.38
N LEU A 179 -8.04 10.04 -22.44
CA LEU A 179 -9.15 9.78 -21.53
C LEU A 179 -9.99 8.62 -22.05
N THR A 180 -9.41 7.43 -22.03
CA THR A 180 -10.02 6.25 -22.59
C THR A 180 -10.73 5.45 -21.49
N PRO A 181 -12.05 5.35 -21.57
CA PRO A 181 -12.81 4.73 -20.47
C PRO A 181 -12.31 3.33 -20.16
N ILE A 182 -12.26 3.00 -18.88
CA ILE A 182 -11.70 1.72 -18.41
C ILE A 182 -12.82 0.81 -17.92
N VAL A 183 -12.84 -0.43 -18.42
CA VAL A 183 -13.69 -1.47 -17.85
C VAL A 183 -12.84 -2.51 -17.14
N ALA A 184 -13.19 -2.81 -15.89
CA ALA A 184 -12.30 -3.57 -15.02
C ALA A 184 -12.97 -4.83 -14.48
N ASP A 185 -12.14 -5.85 -14.26
CA ASP A 185 -12.58 -7.14 -13.75
C ASP A 185 -12.85 -7.06 -12.26
N ALA A 186 -14.09 -7.30 -11.86
CA ALA A 186 -14.46 -7.35 -10.44
C ALA A 186 -14.66 -8.80 -9.99
N ASP A 187 -14.11 -9.72 -10.77
CA ASP A 187 -14.11 -11.14 -10.41
C ASP A 187 -15.51 -11.63 -10.01
N ALA A 188 -15.62 -12.28 -8.86
CA ALA A 188 -16.90 -12.80 -8.39
C ALA A 188 -17.36 -12.06 -7.14
N GLY A 189 -16.74 -10.92 -6.86
CA GLY A 189 -17.18 -10.09 -5.75
C GLY A 189 -16.26 -10.17 -4.54
N HIS A 190 -15.38 -11.17 -4.51
CA HIS A 190 -14.41 -11.32 -3.42
C HIS A 190 -15.06 -11.47 -2.06
N GLY A 191 -16.17 -12.21 -2.03
CA GLY A 191 -16.83 -12.54 -0.78
C GLY A 191 -18.32 -12.29 -0.85
N GLY A 192 -18.91 -11.95 0.28
CA GLY A 192 -20.35 -11.73 0.36
C GLY A 192 -20.75 -10.38 -0.22
N LEU A 193 -22.01 -10.02 -0.05
CA LEU A 193 -22.54 -8.85 -0.70
C LEU A 193 -21.93 -7.59 -0.13
N THR A 194 -21.45 -7.65 1.12
CA THR A 194 -20.82 -6.49 1.72
C THR A 194 -19.43 -6.27 1.10
N ALA A 195 -18.76 -7.35 0.73
CA ALA A 195 -17.52 -7.25 -0.03
C ALA A 195 -17.79 -6.68 -1.41
N VAL A 196 -18.84 -7.17 -2.07
CA VAL A 196 -19.22 -6.66 -3.38
C VAL A 196 -19.38 -5.15 -3.32
N PHE A 197 -20.03 -4.68 -2.28
CA PHE A 197 -20.28 -3.25 -2.09
C PHE A 197 -18.97 -2.46 -1.97
N LYS A 198 -18.08 -2.95 -1.12
CA LYS A 198 -16.83 -2.27 -0.83
C LYS A 198 -15.91 -2.29 -2.05
N LEU A 199 -15.96 -3.40 -2.78
CA LEU A 199 -15.17 -3.54 -4.00
C LEU A 199 -15.65 -2.51 -5.02
N THR A 200 -16.95 -2.43 -5.22
CA THR A 200 -17.53 -1.45 -6.15
C THR A 200 -17.13 -0.02 -5.77
N LYS A 201 -17.16 0.26 -4.47
CA LYS A 201 -16.83 1.58 -3.97
C LYS A 201 -15.40 1.96 -4.34
N MET A 202 -14.46 1.04 -4.14
CA MET A 202 -13.08 1.28 -4.50
C MET A 202 -12.95 1.55 -6.00
N PHE A 203 -13.64 0.74 -6.81
CA PHE A 203 -13.58 0.89 -8.25
C PHE A 203 -14.06 2.27 -8.69
N ILE A 204 -15.13 2.74 -8.06
CA ILE A 204 -15.68 4.05 -8.42
C ILE A 204 -14.74 5.16 -7.96
N GLU A 205 -14.15 5.01 -6.79
CA GLU A 205 -13.24 6.02 -6.27
C GLU A 205 -11.97 6.15 -7.11
N ARG A 206 -11.57 5.06 -7.77
CA ARG A 206 -10.23 4.97 -8.30
C ARG A 206 -10.18 5.03 -9.82
N GLY A 207 -11.34 4.94 -10.47
CA GLY A 207 -11.52 5.52 -11.81
C GLY A 207 -12.17 4.61 -12.84
N ALA A 208 -12.91 3.61 -12.39
CA ALA A 208 -13.51 2.64 -13.29
C ALA A 208 -14.75 3.22 -13.96
N ALA A 209 -14.77 3.23 -15.29
CA ALA A 209 -15.97 3.59 -16.05
C ALA A 209 -17.00 2.44 -16.04
N GLY A 210 -16.52 1.20 -15.95
CA GLY A 210 -17.38 0.04 -15.81
C GLY A 210 -16.63 -1.12 -15.19
N ILE A 211 -17.38 -2.08 -14.65
CA ILE A 211 -16.80 -3.29 -14.12
C ILE A 211 -17.64 -4.50 -14.52
N HIS A 212 -17.01 -5.68 -14.56
CA HIS A 212 -17.76 -6.91 -14.79
C HIS A 212 -17.63 -7.88 -13.61
N MET A 213 -18.73 -8.56 -13.32
CA MET A 213 -18.77 -9.54 -12.25
C MET A 213 -19.47 -10.82 -12.73
N GLU A 214 -18.93 -11.96 -12.31
CA GLU A 214 -19.29 -13.24 -12.91
C GLU A 214 -19.99 -14.11 -11.87
N ASP A 215 -20.81 -15.04 -12.34
CA ASP A 215 -21.60 -15.91 -11.46
C ASP A 215 -20.84 -17.14 -10.97
N GLN A 216 -19.55 -16.98 -10.69
CA GLN A 216 -18.78 -18.04 -10.00
C GLN A 216 -18.81 -17.86 -8.48
N THR A 217 -18.32 -18.86 -7.76
CA THR A 217 -18.06 -18.74 -6.34
C THR A 217 -16.79 -17.93 -6.11
N SER A 218 -16.61 -17.47 -4.87
CA SER A 218 -15.33 -16.97 -4.43
C SER A 218 -14.63 -17.96 -3.50
N THR A 219 -15.24 -19.12 -3.27
CA THR A 219 -14.76 -20.06 -2.27
C THR A 219 -14.34 -21.39 -2.86
N ASN A 220 -14.70 -21.64 -4.12
CA ASN A 220 -14.49 -22.96 -4.72
C ASN A 220 -13.88 -22.84 -6.10
N LYS A 221 -13.12 -21.77 -6.32
CA LYS A 221 -12.46 -21.57 -7.60
C LYS A 221 -11.32 -22.56 -7.77
N LYS A 222 -11.12 -23.00 -9.01
CA LYS A 222 -10.09 -23.99 -9.32
C LYS A 222 -9.28 -23.53 -10.51
N CYS A 223 -8.09 -24.09 -10.69
CA CYS A 223 -7.19 -23.64 -11.75
C CYS A 223 -6.59 -24.78 -12.55
N GLY A 224 -6.75 -26.01 -12.06
CA GLY A 224 -6.35 -27.20 -12.81
C GLY A 224 -6.89 -27.22 -14.24
N HIS A 225 -6.14 -27.87 -15.13
CA HIS A 225 -6.56 -28.04 -16.52
C HIS A 225 -7.90 -28.80 -16.63
N MET A 226 -8.01 -29.91 -15.90
CA MET A 226 -9.20 -30.75 -16.00
C MET A 226 -10.28 -30.39 -14.98
N ALA A 227 -10.08 -29.28 -14.25
CA ALA A 227 -10.49 -29.23 -12.85
C ALA A 227 -12.01 -29.14 -12.68
N GLY A 228 -12.69 -28.52 -13.64
CA GLY A 228 -14.11 -28.21 -13.50
C GLY A 228 -14.34 -26.82 -12.92
N ARG A 229 -15.61 -26.48 -12.68
CA ARG A 229 -15.99 -25.09 -12.45
C ARG A 229 -17.37 -24.93 -11.82
N CYS A 230 -17.43 -24.27 -10.67
CA CYS A 230 -18.67 -24.12 -9.93
C CYS A 230 -19.27 -22.73 -10.15
N VAL A 231 -20.56 -22.68 -10.46
CA VAL A 231 -21.30 -21.41 -10.42
C VAL A 231 -22.21 -21.32 -9.19
N ILE A 232 -22.79 -20.14 -8.97
CA ILE A 232 -23.73 -19.91 -7.88
C ILE A 232 -25.14 -19.82 -8.43
N PRO A 233 -26.15 -20.00 -7.57
CA PRO A 233 -27.55 -19.84 -7.94
C PRO A 233 -27.82 -18.51 -8.63
N VAL A 234 -28.75 -18.52 -9.58
CA VAL A 234 -29.03 -17.35 -10.41
C VAL A 234 -29.27 -16.11 -9.55
N GLN A 235 -30.13 -16.23 -8.55
CA GLN A 235 -30.55 -15.07 -7.78
C GLN A 235 -29.39 -14.48 -6.98
N GLU A 236 -28.49 -15.34 -6.53
CA GLU A 236 -27.37 -14.87 -5.74
C GLU A 236 -26.50 -13.93 -6.56
N HIS A 237 -26.33 -14.23 -7.86
CA HIS A 237 -25.63 -13.32 -8.73
C HIS A 237 -26.44 -12.06 -9.05
N VAL A 238 -27.74 -12.23 -9.25
CA VAL A 238 -28.59 -11.07 -9.42
C VAL A 238 -28.38 -10.11 -8.24
N ASN A 239 -28.31 -10.65 -7.03
CA ASN A 239 -28.16 -9.82 -5.84
C ASN A 239 -26.80 -9.11 -5.81
N ARG A 240 -25.77 -9.77 -6.32
CA ARG A 240 -24.48 -9.12 -6.54
C ARG A 240 -24.67 -7.90 -7.42
N LEU A 241 -25.33 -8.08 -8.56
CA LEU A 241 -25.46 -7.01 -9.53
C LEU A 241 -26.26 -5.87 -8.94
N VAL A 242 -27.31 -6.21 -8.19
CA VAL A 242 -28.10 -5.22 -7.47
C VAL A 242 -27.24 -4.43 -6.50
N THR A 243 -26.29 -5.10 -5.87
CA THR A 243 -25.47 -4.48 -4.82
C THR A 243 -24.45 -3.52 -5.43
N ILE A 244 -23.87 -3.89 -6.57
CA ILE A 244 -23.06 -2.97 -7.36
C ILE A 244 -23.83 -1.70 -7.72
N ARG A 245 -25.01 -1.86 -8.30
CA ARG A 245 -25.82 -0.72 -8.71
C ARG A 245 -26.23 0.13 -7.52
N MET A 246 -26.43 -0.52 -6.37
CA MET A 246 -26.81 0.18 -5.15
C MET A 246 -25.68 1.07 -4.67
N CYS A 247 -24.47 0.53 -4.67
CA CYS A 247 -23.30 1.32 -4.32
C CYS A 247 -23.14 2.49 -5.29
N ALA A 248 -23.30 2.22 -6.58
CA ALA A 248 -23.18 3.27 -7.59
C ALA A 248 -24.23 4.34 -7.38
N ASP A 249 -25.44 3.94 -7.01
CA ASP A 249 -26.51 4.89 -6.76
C ASP A 249 -26.21 5.75 -5.55
N ILE A 250 -25.65 5.13 -4.52
CA ILE A 250 -25.29 5.85 -3.32
C ILE A 250 -24.21 6.89 -3.63
N MET A 251 -23.37 6.59 -4.61
CA MET A 251 -22.22 7.44 -4.94
C MET A 251 -22.50 8.29 -6.17
N HIS A 252 -23.73 8.26 -6.64
CA HIS A 252 -24.16 9.03 -7.79
C HIS A 252 -23.29 8.77 -9.02
N SER A 253 -22.94 7.52 -9.25
CA SER A 253 -22.12 7.15 -10.41
C SER A 253 -22.97 6.52 -11.52
N ASP A 254 -22.62 6.83 -12.77
CA ASP A 254 -23.28 6.21 -13.92
C ASP A 254 -22.58 4.91 -14.33
N LEU A 255 -21.71 4.41 -13.46
CA LEU A 255 -20.97 3.16 -13.67
C LEU A 255 -21.68 2.13 -14.55
N ILE A 256 -21.01 1.72 -15.63
CA ILE A 256 -21.49 0.63 -16.46
C ILE A 256 -21.25 -0.70 -15.76
N VAL A 257 -22.25 -1.58 -15.81
CA VAL A 257 -22.15 -2.88 -15.18
C VAL A 257 -22.24 -3.96 -16.25
N VAL A 258 -21.27 -4.87 -16.24
CA VAL A 258 -21.27 -6.00 -17.17
C VAL A 258 -21.49 -7.27 -16.39
N ALA A 259 -22.56 -7.99 -16.74
CA ALA A 259 -22.84 -9.27 -16.11
C ALA A 259 -22.27 -10.39 -16.96
N ARG A 260 -21.39 -11.18 -16.34
CA ARG A 260 -20.79 -12.31 -17.02
C ARG A 260 -21.31 -13.60 -16.41
N THR A 261 -21.68 -14.55 -17.24
CA THR A 261 -21.95 -15.90 -16.78
C THR A 261 -20.86 -16.85 -17.22
N ASP A 262 -20.45 -17.72 -16.31
CA ASP A 262 -19.43 -18.72 -16.59
C ASP A 262 -20.10 -20.10 -16.71
N SER A 263 -21.38 -20.11 -17.04
CA SER A 263 -22.17 -21.34 -16.98
C SER A 263 -21.98 -22.22 -18.22
N GLU A 264 -21.34 -21.69 -19.25
CA GLU A 264 -21.18 -22.42 -20.50
C GLU A 264 -20.38 -23.70 -20.29
N ALA A 265 -19.41 -23.67 -19.37
CA ALA A 265 -18.60 -24.85 -19.08
C ALA A 265 -18.62 -25.19 -17.60
N ALA A 266 -19.66 -24.74 -16.89
CA ALA A 266 -19.82 -25.10 -15.50
C ALA A 266 -20.11 -26.57 -15.35
N THR A 267 -19.54 -27.19 -14.33
CA THR A 267 -19.82 -28.60 -14.02
C THR A 267 -20.43 -28.77 -12.64
N LEU A 268 -20.48 -27.68 -11.88
CA LEU A 268 -20.94 -27.74 -10.50
C LEU A 268 -21.73 -26.49 -10.18
N ILE A 269 -22.64 -26.59 -9.21
CA ILE A 269 -23.32 -25.44 -8.66
C ILE A 269 -23.35 -25.53 -7.15
N SER A 270 -23.32 -24.39 -6.47
CA SER A 270 -23.06 -24.35 -5.05
C SER A 270 -24.30 -24.67 -4.23
N SER A 271 -25.47 -24.63 -4.88
CA SER A 271 -26.75 -24.85 -4.18
C SER A 271 -27.88 -25.04 -5.18
N THR A 272 -28.93 -25.75 -4.77
CA THR A 272 -30.06 -26.03 -5.65
C THR A 272 -31.22 -25.08 -5.42
N ILE A 273 -30.98 -24.00 -4.67
CA ILE A 273 -32.07 -23.23 -4.08
C ILE A 273 -32.89 -22.50 -5.14
N ASP A 274 -32.28 -22.19 -6.28
CA ASP A 274 -32.97 -21.40 -7.30
C ASP A 274 -33.64 -22.31 -8.33
N THR A 275 -34.95 -22.17 -8.47
CA THR A 275 -35.74 -23.08 -9.28
C THR A 275 -35.34 -22.99 -10.75
N ARG A 276 -34.80 -21.85 -11.16
CA ARG A 276 -34.37 -21.67 -12.55
C ARG A 276 -33.22 -22.60 -12.91
N ASP A 277 -32.45 -23.02 -11.90
CA ASP A 277 -31.29 -23.87 -12.10
C ASP A 277 -31.67 -25.35 -12.24
N HIS A 278 -32.89 -25.70 -11.87
CA HIS A 278 -33.21 -27.10 -11.58
C HIS A 278 -33.06 -27.99 -12.82
N TYR A 279 -33.47 -27.48 -13.97
CA TYR A 279 -33.32 -28.21 -15.22
C TYR A 279 -31.90 -28.79 -15.37
N PHE A 280 -30.91 -28.05 -14.88
CA PHE A 280 -29.52 -28.31 -15.23
C PHE A 280 -28.78 -29.12 -14.17
N ILE A 281 -29.48 -29.44 -13.08
CA ILE A 281 -28.83 -30.09 -11.96
C ILE A 281 -28.87 -31.61 -12.09
N VAL A 282 -27.70 -32.24 -11.98
CA VAL A 282 -27.55 -33.65 -12.29
C VAL A 282 -27.95 -34.49 -11.09
N GLY A 283 -28.77 -35.51 -11.34
CA GLY A 283 -29.21 -36.43 -10.28
C GLY A 283 -28.85 -37.87 -10.60
N ALA A 284 -28.75 -38.68 -9.55
CA ALA A 284 -28.57 -40.12 -9.68
C ALA A 284 -29.92 -40.81 -9.82
N THR A 285 -30.00 -41.79 -10.71
CA THR A 285 -31.23 -42.53 -10.94
C THR A 285 -31.15 -43.96 -10.39
N ASN A 286 -29.99 -44.32 -9.83
CA ASN A 286 -29.81 -45.62 -9.15
C ASN A 286 -29.90 -45.47 -7.63
N PRO A 287 -30.99 -45.96 -7.03
CA PRO A 287 -31.27 -45.81 -5.60
C PRO A 287 -30.47 -46.79 -4.73
N ASN A 288 -29.59 -47.56 -5.34
CA ASN A 288 -28.92 -48.66 -4.66
C ASN A 288 -27.42 -48.40 -4.57
N ILE A 289 -27.03 -47.16 -4.83
CA ILE A 289 -25.63 -46.77 -4.71
C ILE A 289 -25.39 -45.83 -3.53
N GLU A 290 -24.23 -45.98 -2.90
CA GLU A 290 -23.85 -45.12 -1.79
C GLU A 290 -23.55 -43.71 -2.31
N PRO A 291 -23.65 -42.71 -1.42
CA PRO A 291 -23.33 -41.33 -1.79
C PRO A 291 -21.89 -41.20 -2.27
N PHE A 292 -21.69 -40.48 -3.36
CA PHE A 292 -20.35 -40.28 -3.90
C PHE A 292 -19.36 -39.79 -2.84
N ALA A 293 -19.77 -38.79 -2.05
CA ALA A 293 -18.83 -38.16 -1.13
C ALA A 293 -18.35 -39.14 -0.07
N GLU A 294 -19.27 -39.97 0.43
CA GLU A 294 -18.93 -40.94 1.46
C GLU A 294 -18.06 -42.05 0.88
N VAL A 295 -18.35 -42.45 -0.36
CA VAL A 295 -17.53 -43.43 -1.05
C VAL A 295 -16.10 -42.93 -1.23
N LEU A 296 -15.96 -41.69 -1.71
CA LEU A 296 -14.64 -41.12 -1.97
C LEU A 296 -13.87 -40.93 -0.67
N ASN A 297 -14.57 -40.54 0.39
CA ASN A 297 -13.97 -40.39 1.70
C ASN A 297 -13.46 -41.73 2.24
N ASP A 298 -14.30 -42.74 2.20
CA ASP A 298 -13.91 -44.10 2.61
C ASP A 298 -12.66 -44.57 1.86
N ALA A 299 -12.58 -44.22 0.58
CA ALA A 299 -11.47 -44.66 -0.28
C ALA A 299 -10.17 -43.94 0.08
N ILE A 300 -10.28 -42.68 0.47
CA ILE A 300 -9.13 -41.92 0.95
C ILE A 300 -8.66 -42.46 2.31
N MET A 301 -9.61 -42.80 3.16
CA MET A 301 -9.30 -43.31 4.51
C MET A 301 -8.46 -44.58 4.49
N SER A 302 -8.62 -45.38 3.43
CA SER A 302 -7.78 -46.56 3.23
C SER A 302 -6.71 -46.24 2.21
N GLY A 303 -6.41 -44.95 2.05
CA GLY A 303 -5.17 -44.53 1.42
C GLY A 303 -5.12 -44.97 -0.04
N ALA A 304 -6.12 -44.55 -0.81
CA ALA A 304 -6.11 -44.81 -2.24
C ALA A 304 -5.21 -43.80 -2.95
N SER A 305 -4.59 -44.23 -4.05
CA SER A 305 -3.73 -43.35 -4.83
C SER A 305 -4.57 -42.43 -5.71
N GLY A 306 -3.91 -41.44 -6.31
CA GLY A 306 -4.61 -40.40 -7.07
C GLY A 306 -5.25 -40.95 -8.32
N GLN A 307 -4.67 -42.01 -8.87
CA GLN A 307 -5.22 -42.68 -10.04
C GLN A 307 -6.38 -43.59 -9.62
N GLU A 308 -6.25 -44.23 -8.47
CA GLU A 308 -7.31 -45.09 -7.95
C GLU A 308 -8.57 -44.28 -7.65
N LEU A 309 -8.41 -43.03 -7.25
CA LEU A 309 -9.54 -42.18 -6.90
C LEU A 309 -10.27 -41.66 -8.13
N ALA A 310 -9.52 -41.47 -9.22
CA ALA A 310 -10.11 -41.12 -10.50
C ALA A 310 -10.88 -42.30 -11.09
N ASP A 311 -10.38 -43.50 -10.83
CA ASP A 311 -11.05 -44.73 -11.25
C ASP A 311 -12.36 -44.91 -10.50
N ILE A 312 -12.31 -44.74 -9.19
CA ILE A 312 -13.49 -44.92 -8.34
C ILE A 312 -14.56 -43.90 -8.72
N GLU A 313 -14.14 -42.68 -8.99
CA GLU A 313 -15.08 -41.60 -9.30
C GLU A 313 -15.79 -41.89 -10.62
N GLN A 314 -15.01 -42.26 -11.63
CA GLN A 314 -15.53 -42.46 -12.97
C GLN A 314 -16.49 -43.65 -13.00
N LYS A 315 -16.17 -44.68 -12.24
CA LYS A 315 -17.04 -45.84 -12.13
C LYS A 315 -18.29 -45.55 -11.29
N TRP A 316 -18.16 -44.74 -10.25
CA TRP A 316 -19.31 -44.35 -9.44
C TRP A 316 -20.31 -43.59 -10.30
N CYS A 317 -19.81 -42.71 -11.15
CA CYS A 317 -20.67 -41.86 -11.97
C CYS A 317 -21.43 -42.70 -13.00
N ARG A 318 -20.73 -43.68 -13.55
CA ARG A 318 -21.31 -44.59 -14.52
C ARG A 318 -22.44 -45.40 -13.87
N ASP A 319 -22.18 -45.94 -12.69
CA ASP A 319 -23.10 -46.88 -12.05
C ASP A 319 -24.26 -46.14 -11.37
N ALA A 320 -24.07 -44.87 -11.06
CA ALA A 320 -25.09 -44.06 -10.38
C ALA A 320 -26.22 -43.63 -11.34
N GLY A 321 -25.95 -43.72 -12.64
CA GLY A 321 -26.92 -43.31 -13.63
C GLY A 321 -27.21 -41.82 -13.57
N LEU A 322 -26.18 -41.02 -13.80
CA LEU A 322 -26.30 -39.58 -13.68
C LEU A 322 -27.03 -39.00 -14.89
N LYS A 323 -28.11 -38.28 -14.63
CA LYS A 323 -28.89 -37.65 -15.70
C LYS A 323 -29.45 -36.32 -15.24
N LEU A 324 -29.83 -35.47 -16.18
CA LEU A 324 -30.80 -34.41 -15.90
C LEU A 324 -32.19 -35.02 -15.79
N PHE A 325 -33.05 -34.35 -15.04
CA PHE A 325 -34.35 -34.94 -14.72
C PHE A 325 -35.16 -35.20 -15.97
N HIS A 326 -35.14 -34.26 -16.91
CA HIS A 326 -35.92 -34.43 -18.12
C HIS A 326 -35.45 -35.62 -18.94
N GLU A 327 -34.15 -35.91 -18.90
CA GLU A 327 -33.63 -37.12 -19.54
C GLU A 327 -34.13 -38.35 -18.82
N ALA A 328 -34.08 -38.33 -17.50
CA ALA A 328 -34.53 -39.47 -16.71
C ALA A 328 -35.97 -39.76 -17.06
N VAL A 329 -36.79 -38.72 -17.16
CA VAL A 329 -38.21 -38.87 -17.44
C VAL A 329 -38.45 -39.37 -18.86
N ILE A 330 -37.80 -38.73 -19.83
CA ILE A 330 -37.94 -39.14 -21.23
C ILE A 330 -37.49 -40.59 -21.43
N ASP A 331 -36.37 -40.96 -20.80
CA ASP A 331 -35.86 -42.32 -20.89
C ASP A 331 -36.89 -43.34 -20.36
N GLU A 332 -37.53 -43.00 -19.24
CA GLU A 332 -38.53 -43.89 -18.62
C GLU A 332 -39.79 -44.02 -19.47
N ILE A 333 -40.16 -42.92 -20.13
CA ILE A 333 -41.31 -42.93 -21.03
C ILE A 333 -41.07 -43.85 -22.22
N GLU A 334 -39.89 -43.75 -22.81
CA GLU A 334 -39.55 -44.57 -23.98
C GLU A 334 -39.56 -46.06 -23.64
N ARG A 335 -39.38 -46.39 -22.36
CA ARG A 335 -39.29 -47.79 -21.91
C ARG A 335 -40.64 -48.35 -21.54
N SER A 336 -41.62 -47.46 -21.40
CA SER A 336 -42.85 -47.79 -20.70
C SER A 336 -43.82 -48.43 -21.69
N ALA A 337 -45.00 -48.80 -21.20
CA ALA A 337 -46.02 -49.45 -22.02
C ALA A 337 -47.00 -48.45 -22.64
N LEU A 338 -46.67 -47.15 -22.56
CA LEU A 338 -47.65 -46.11 -22.83
C LEU A 338 -47.84 -45.90 -24.33
N SER A 339 -49.04 -45.41 -24.69
CA SER A 339 -49.35 -45.07 -26.07
C SER A 339 -48.96 -43.62 -26.36
N ASN A 340 -48.64 -43.34 -27.62
CA ASN A 340 -48.41 -41.96 -28.06
C ASN A 340 -47.21 -41.36 -27.35
N LYS A 341 -46.13 -42.14 -27.26
CA LYS A 341 -44.94 -41.72 -26.52
C LYS A 341 -44.40 -40.40 -27.06
N GLN A 342 -44.33 -40.29 -28.37
CA GLN A 342 -43.72 -39.12 -29.00
C GLN A 342 -44.47 -37.84 -28.67
N GLU A 343 -45.78 -37.95 -28.46
CA GLU A 343 -46.60 -36.78 -28.19
C GLU A 343 -46.62 -36.44 -26.70
N LEU A 344 -46.48 -37.45 -25.85
CA LEU A 344 -46.29 -37.24 -24.42
C LEU A 344 -44.98 -36.52 -24.14
N ILE A 345 -43.93 -36.95 -24.84
CA ILE A 345 -42.60 -36.38 -24.67
C ILE A 345 -42.59 -34.93 -25.14
N LYS A 346 -43.29 -34.66 -26.23
CA LYS A 346 -43.38 -33.31 -26.78
C LYS A 346 -44.13 -32.38 -25.82
N LYS A 347 -45.16 -32.92 -25.18
CA LYS A 347 -45.93 -32.17 -24.19
C LYS A 347 -45.07 -31.86 -22.96
N PHE A 348 -44.41 -32.89 -22.44
CA PHE A 348 -43.52 -32.73 -21.29
C PHE A 348 -42.44 -31.69 -21.60
N THR A 349 -41.81 -31.83 -22.75
CA THR A 349 -40.66 -31.00 -23.12
C THR A 349 -41.04 -29.54 -23.33
N SER A 350 -42.28 -29.29 -23.71
CA SER A 350 -42.78 -27.94 -23.90
C SER A 350 -43.03 -27.26 -22.56
N LYS A 351 -43.20 -28.05 -21.51
CA LYS A 351 -43.37 -27.54 -20.15
C LYS A 351 -42.04 -27.54 -19.39
N VAL A 352 -41.11 -28.38 -19.83
CA VAL A 352 -39.86 -28.60 -19.10
C VAL A 352 -38.66 -28.53 -20.04
N GLY A 353 -38.04 -27.36 -20.11
CA GLY A 353 -36.94 -27.13 -21.04
C GLY A 353 -35.89 -26.22 -20.43
N PRO A 354 -34.74 -26.06 -21.10
CA PRO A 354 -33.63 -25.29 -20.55
C PRO A 354 -34.03 -23.86 -20.21
N LEU A 355 -34.96 -23.30 -20.96
CA LEU A 355 -35.31 -21.89 -20.84
C LEU A 355 -36.63 -21.66 -20.12
N THR A 356 -37.33 -22.74 -19.76
CA THR A 356 -38.69 -22.60 -19.21
C THR A 356 -38.67 -22.32 -17.71
N GLU A 357 -37.51 -22.52 -17.09
CA GLU A 357 -37.36 -22.18 -15.67
C GLU A 357 -38.40 -22.91 -14.85
N THR A 358 -38.60 -24.19 -15.15
CA THR A 358 -39.55 -25.01 -14.41
C THR A 358 -38.89 -25.63 -13.19
N SER A 359 -39.54 -25.47 -12.04
CA SER A 359 -39.04 -26.03 -10.80
C SER A 359 -39.08 -27.56 -10.81
N HIS A 360 -38.22 -28.19 -10.03
CA HIS A 360 -38.15 -29.64 -10.01
C HIS A 360 -39.47 -30.23 -9.49
N ARG A 361 -40.06 -29.58 -8.49
CA ARG A 361 -41.37 -29.98 -7.98
C ARG A 361 -42.40 -30.03 -9.09
N GLU A 362 -42.46 -28.96 -9.90
CA GLU A 362 -43.42 -28.89 -11.01
C GLU A 362 -43.14 -30.00 -12.02
N ALA A 363 -41.87 -30.25 -12.29
CA ALA A 363 -41.48 -31.23 -13.29
C ALA A 363 -41.77 -32.65 -12.79
N LYS A 364 -41.62 -32.87 -11.49
CA LYS A 364 -41.98 -34.15 -10.86
C LYS A 364 -43.47 -34.43 -10.98
N LYS A 365 -44.28 -33.40 -10.77
CA LYS A 365 -45.73 -33.53 -10.85
C LYS A 365 -46.13 -33.97 -12.26
N LEU A 366 -45.59 -33.30 -13.26
CA LEU A 366 -45.89 -33.63 -14.65
C LEU A 366 -45.40 -35.03 -15.00
N ALA A 367 -44.23 -35.41 -14.48
CA ALA A 367 -43.65 -36.72 -14.75
C ALA A 367 -44.52 -37.85 -14.20
N LYS A 368 -45.04 -37.66 -12.99
CA LYS A 368 -45.87 -38.66 -12.34
C LYS A 368 -47.23 -38.78 -13.04
N GLU A 369 -47.78 -37.64 -13.46
CA GLU A 369 -49.06 -37.62 -14.16
C GLU A 369 -48.96 -38.44 -15.44
N ILE A 370 -47.77 -38.52 -16.01
CA ILE A 370 -47.57 -39.18 -17.29
C ILE A 370 -47.24 -40.66 -17.11
N LEU A 371 -46.34 -40.97 -16.18
CA LEU A 371 -45.86 -42.33 -16.01
C LEU A 371 -46.73 -43.11 -15.04
N GLY A 372 -47.42 -42.40 -14.15
CA GLY A 372 -48.26 -43.03 -13.14
C GLY A 372 -47.50 -43.47 -11.91
N HIS A 373 -46.18 -43.26 -11.90
CA HIS A 373 -45.39 -43.43 -10.69
C HIS A 373 -44.25 -42.42 -10.59
N GLU A 374 -43.62 -42.38 -9.42
CA GLU A 374 -42.52 -41.46 -9.16
C GLU A 374 -41.19 -42.18 -9.40
N ILE A 375 -40.38 -41.65 -10.30
CA ILE A 375 -39.08 -42.26 -10.58
C ILE A 375 -38.05 -41.73 -9.57
N PHE A 376 -37.09 -42.57 -9.22
CA PHE A 376 -36.05 -42.16 -8.30
C PHE A 376 -35.09 -41.18 -8.98
N PHE A 377 -34.87 -40.04 -8.32
CA PHE A 377 -33.96 -39.02 -8.80
C PHE A 377 -33.44 -38.19 -7.63
N ASP A 378 -32.14 -38.25 -7.42
CA ASP A 378 -31.54 -37.73 -6.20
C ASP A 378 -30.27 -36.97 -6.54
N TRP A 379 -30.29 -35.66 -6.31
CA TRP A 379 -29.13 -34.83 -6.65
C TRP A 379 -28.27 -34.49 -5.44
N GLU A 380 -28.65 -34.98 -4.27
CA GLU A 380 -27.75 -35.01 -3.11
C GLU A 380 -26.64 -36.06 -3.27
N LEU A 381 -26.98 -37.24 -3.82
CA LEU A 381 -26.05 -38.38 -3.86
C LEU A 381 -24.75 -38.09 -4.61
N PRO A 382 -24.84 -37.33 -5.72
CA PRO A 382 -23.65 -37.10 -6.55
C PRO A 382 -22.73 -35.96 -6.07
N ARG A 383 -23.13 -35.26 -5.00
CA ARG A 383 -22.36 -34.11 -4.53
C ARG A 383 -20.90 -34.49 -4.32
N VAL A 384 -20.00 -33.60 -4.72
CA VAL A 384 -18.58 -33.75 -4.38
C VAL A 384 -18.35 -33.44 -2.91
N ARG A 385 -17.13 -33.65 -2.43
CA ARG A 385 -16.86 -33.64 -1.00
C ARG A 385 -17.10 -32.27 -0.37
N GLU A 386 -16.90 -31.20 -1.14
CA GLU A 386 -17.17 -29.85 -0.65
C GLU A 386 -18.67 -29.57 -0.59
N GLY A 387 -19.47 -30.47 -1.15
CA GLY A 387 -20.92 -30.38 -1.02
C GLY A 387 -21.57 -29.76 -2.23
N LEU A 388 -20.77 -29.51 -3.26
CA LEU A 388 -21.25 -28.87 -4.47
C LEU A 388 -22.03 -29.86 -5.34
N TYR A 389 -23.06 -29.36 -5.99
CA TYR A 389 -23.91 -30.19 -6.81
C TYR A 389 -23.39 -30.27 -8.23
N ARG A 390 -23.60 -31.42 -8.87
CA ARG A 390 -23.21 -31.57 -10.27
C ARG A 390 -24.23 -30.89 -11.16
N TYR A 391 -23.74 -30.25 -12.21
CA TYR A 391 -24.50 -29.23 -12.93
C TYR A 391 -24.04 -29.33 -14.38
N ARG A 392 -24.97 -29.46 -15.30
CA ARG A 392 -24.58 -29.52 -16.70
C ARG A 392 -24.77 -28.17 -17.36
N GLY A 393 -23.69 -27.41 -17.43
CA GLY A 393 -23.70 -26.11 -18.10
C GLY A 393 -23.64 -26.25 -19.61
N GLY A 394 -23.89 -25.14 -20.30
CA GLY A 394 -23.88 -25.11 -21.76
C GLY A 394 -24.48 -23.81 -22.26
N THR A 395 -24.61 -23.69 -23.57
CA THR A 395 -25.06 -22.45 -24.19
C THR A 395 -26.43 -22.03 -23.68
N GLN A 396 -27.35 -22.99 -23.62
CA GLN A 396 -28.73 -22.70 -23.23
C GLN A 396 -28.82 -22.30 -21.77
N CYS A 397 -28.03 -22.95 -20.93
CA CYS A 397 -27.89 -22.52 -19.53
C CYS A 397 -27.45 -21.07 -19.45
N SER A 398 -26.47 -20.70 -20.27
CA SER A 398 -25.94 -19.34 -20.26
C SER A 398 -26.97 -18.34 -20.74
N ILE A 399 -27.80 -18.74 -21.69
CA ILE A 399 -28.89 -17.89 -22.15
C ILE A 399 -29.89 -17.65 -21.03
N MET A 400 -30.23 -18.70 -20.30
CA MET A 400 -31.18 -18.59 -19.19
C MET A 400 -30.64 -17.57 -18.19
N ARG A 401 -29.37 -17.70 -17.86
CA ARG A 401 -28.75 -16.87 -16.84
C ARG A 401 -28.59 -15.43 -17.29
N ALA A 402 -28.11 -15.23 -18.52
CA ALA A 402 -27.92 -13.89 -19.06
C ALA A 402 -29.24 -13.14 -19.15
N ARG A 403 -30.30 -13.87 -19.48
CA ARG A 403 -31.65 -13.30 -19.49
C ARG A 403 -32.04 -12.82 -18.10
N ALA A 404 -31.67 -13.58 -17.08
CA ALA A 404 -32.00 -13.22 -15.70
C ALA A 404 -31.18 -12.02 -15.25
N PHE A 405 -29.97 -11.90 -15.80
CA PHE A 405 -29.05 -10.85 -15.39
C PHE A 405 -29.37 -9.53 -16.10
N ALA A 406 -30.01 -9.63 -17.26
CA ALA A 406 -30.05 -8.54 -18.24
C ALA A 406 -30.71 -7.27 -17.70
N PRO A 407 -31.77 -7.42 -16.90
CA PRO A 407 -32.40 -6.23 -16.34
C PRO A 407 -31.47 -5.46 -15.40
N TYR A 408 -30.45 -6.14 -14.89
CA TYR A 408 -29.59 -5.56 -13.87
C TYR A 408 -28.19 -5.24 -14.41
N ALA A 409 -28.04 -5.26 -15.73
CA ALA A 409 -26.72 -5.12 -16.34
C ALA A 409 -26.81 -4.41 -17.69
N ASP A 410 -25.84 -3.53 -17.95
CA ASP A 410 -25.79 -2.80 -19.20
C ASP A 410 -25.28 -3.66 -20.37
N LEU A 411 -24.40 -4.60 -20.07
CA LEU A 411 -24.00 -5.62 -21.04
C LEU A 411 -24.03 -6.99 -20.39
N VAL A 412 -24.31 -8.02 -21.20
CA VAL A 412 -24.11 -9.38 -20.75
C VAL A 412 -23.08 -10.08 -21.61
N TRP A 413 -22.55 -11.17 -21.08
CA TRP A 413 -21.30 -11.74 -21.56
C TRP A 413 -21.28 -13.22 -21.16
N MET A 414 -21.22 -14.10 -22.15
CA MET A 414 -21.00 -15.52 -21.90
C MET A 414 -19.53 -15.83 -22.07
N GLU A 415 -18.86 -16.14 -20.96
CA GLU A 415 -17.46 -16.53 -21.00
C GLU A 415 -17.27 -17.72 -21.91
N SER A 416 -16.35 -17.59 -22.87
CA SER A 416 -16.06 -18.66 -23.82
C SER A 416 -14.56 -18.91 -23.86
N ASN A 417 -14.16 -20.17 -23.95
CA ASN A 417 -12.76 -20.52 -24.09
C ASN A 417 -12.43 -20.89 -25.54
N TYR A 418 -13.48 -21.00 -26.36
CA TYR A 418 -13.33 -21.44 -27.74
C TYR A 418 -14.14 -20.52 -28.64
N PRO A 419 -13.47 -19.79 -29.55
CA PRO A 419 -14.19 -18.89 -30.45
C PRO A 419 -14.99 -19.64 -31.50
N ASP A 420 -16.30 -19.61 -31.35
CA ASP A 420 -17.18 -20.37 -32.22
C ASP A 420 -18.33 -19.47 -32.66
N PHE A 421 -18.34 -19.12 -33.95
CA PHE A 421 -19.32 -18.18 -34.47
C PHE A 421 -20.74 -18.64 -34.18
N GLN A 422 -20.99 -19.93 -34.40
CA GLN A 422 -22.34 -20.48 -34.31
C GLN A 422 -22.87 -20.38 -32.88
N GLN A 423 -22.03 -20.73 -31.91
CA GLN A 423 -22.40 -20.65 -30.51
C GLN A 423 -22.66 -19.20 -30.09
N ALA A 424 -21.84 -18.29 -30.60
CA ALA A 424 -22.00 -16.87 -30.30
C ALA A 424 -23.28 -16.31 -30.91
N LYS A 425 -23.68 -16.86 -32.05
CA LYS A 425 -24.94 -16.52 -32.70
C LYS A 425 -26.12 -17.02 -31.86
N GLU A 426 -25.98 -18.24 -31.34
CA GLU A 426 -27.01 -18.89 -30.57
C GLU A 426 -27.24 -18.16 -29.25
N PHE A 427 -26.16 -17.73 -28.60
CA PHE A 427 -26.26 -16.94 -27.37
C PHE A 427 -26.87 -15.56 -27.63
N ALA A 428 -26.38 -14.87 -28.65
CA ALA A 428 -26.90 -13.55 -29.01
C ALA A 428 -28.40 -13.61 -29.25
N GLU A 429 -28.83 -14.55 -30.09
CA GLU A 429 -30.24 -14.64 -30.48
C GLU A 429 -31.11 -15.09 -29.30
N GLY A 430 -30.58 -16.02 -28.50
CA GLY A 430 -31.29 -16.47 -27.31
C GLY A 430 -31.57 -15.34 -26.33
N VAL A 431 -30.59 -14.47 -26.13
CA VAL A 431 -30.76 -13.32 -25.25
C VAL A 431 -31.66 -12.28 -25.89
N LYS A 432 -31.47 -12.06 -27.18
CA LYS A 432 -32.13 -10.95 -27.87
C LYS A 432 -33.61 -11.27 -28.11
N GLU A 433 -33.97 -12.54 -28.04
CA GLU A 433 -35.37 -12.96 -28.10
C GLU A 433 -36.22 -12.37 -26.97
N LYS A 434 -35.61 -12.15 -25.81
CA LYS A 434 -36.29 -11.52 -24.68
C LYS A 434 -35.91 -10.06 -24.53
N PHE A 435 -34.69 -9.72 -24.95
CA PHE A 435 -34.17 -8.38 -24.77
C PHE A 435 -33.50 -7.94 -26.06
N PRO A 436 -34.31 -7.54 -27.06
CA PRO A 436 -33.81 -7.31 -28.42
C PRO A 436 -32.78 -6.18 -28.51
N ASP A 437 -32.75 -5.31 -27.50
CA ASP A 437 -31.82 -4.19 -27.49
C ASP A 437 -30.64 -4.41 -26.56
N GLN A 438 -30.49 -5.62 -26.04
CA GLN A 438 -29.42 -5.90 -25.07
C GLN A 438 -28.05 -5.74 -25.74
N TRP A 439 -27.17 -4.99 -25.06
CA TRP A 439 -25.77 -4.92 -25.47
C TRP A 439 -25.05 -6.21 -25.07
N LEU A 440 -24.22 -6.73 -25.98
CA LEU A 440 -23.49 -7.96 -25.71
C LEU A 440 -21.98 -7.68 -25.73
N ALA A 441 -21.26 -8.43 -24.90
CA ALA A 441 -19.81 -8.40 -24.92
C ALA A 441 -19.28 -9.80 -25.21
N TYR A 442 -18.07 -9.86 -25.77
CA TYR A 442 -17.45 -11.12 -26.13
C TYR A 442 -15.96 -11.08 -25.84
N ASN A 443 -15.45 -12.09 -25.14
CA ASN A 443 -14.02 -12.22 -24.95
C ASN A 443 -13.38 -13.06 -26.05
N LEU A 444 -12.32 -12.52 -26.64
CA LEU A 444 -11.57 -13.20 -27.70
C LEU A 444 -10.42 -13.99 -27.10
N SER A 445 -10.55 -15.31 -27.10
CA SER A 445 -9.73 -16.17 -26.26
C SER A 445 -8.27 -16.15 -26.73
N PRO A 446 -7.35 -15.88 -25.81
CA PRO A 446 -5.93 -15.94 -26.10
C PRO A 446 -5.34 -17.35 -26.00
N SER A 447 -6.10 -18.30 -25.47
CA SER A 447 -5.68 -19.72 -25.36
C SER A 447 -5.81 -20.40 -26.72
N PHE A 448 -6.81 -19.97 -27.47
CA PHE A 448 -7.13 -20.58 -28.74
C PHE A 448 -5.96 -20.42 -29.71
N ASN A 449 -5.75 -21.44 -30.53
CA ASN A 449 -4.70 -21.38 -31.54
C ASN A 449 -5.25 -20.71 -32.81
N TRP A 450 -5.25 -19.38 -32.82
CA TRP A 450 -5.87 -18.64 -33.91
C TRP A 450 -5.19 -18.90 -35.26
N PRO A 451 -3.85 -18.87 -35.28
CA PRO A 451 -3.13 -19.02 -36.57
C PRO A 451 -3.40 -20.35 -37.27
N LYS A 452 -3.60 -21.41 -36.49
CA LYS A 452 -3.67 -22.77 -37.05
C LYS A 452 -5.12 -23.23 -37.24
N ALA A 453 -6.03 -22.74 -36.38
CA ALA A 453 -7.35 -23.33 -36.27
C ALA A 453 -8.44 -22.42 -36.83
N MET A 454 -8.03 -21.36 -37.51
CA MET A 454 -8.91 -20.74 -38.50
C MET A 454 -8.15 -19.95 -39.54
N SER A 455 -8.77 -19.80 -40.70
CA SER A 455 -8.09 -19.25 -41.86
C SER A 455 -7.77 -17.78 -41.62
N VAL A 456 -6.81 -17.27 -42.37
CA VAL A 456 -6.41 -15.87 -42.23
C VAL A 456 -7.61 -14.96 -42.44
N ASP A 457 -8.44 -15.29 -43.43
CA ASP A 457 -9.58 -14.45 -43.77
C ASP A 457 -10.64 -14.45 -42.66
N GLU A 458 -10.81 -15.59 -42.00
CA GLU A 458 -11.72 -15.68 -40.87
C GLU A 458 -11.19 -14.90 -39.66
N GLN A 459 -9.89 -15.03 -39.38
CA GLN A 459 -9.23 -14.18 -38.38
C GLN A 459 -9.57 -12.71 -38.61
N HIS A 460 -9.45 -12.29 -39.87
CA HIS A 460 -9.52 -10.88 -40.23
C HIS A 460 -10.93 -10.35 -40.01
N THR A 461 -11.94 -11.20 -40.16
CA THR A 461 -13.32 -10.76 -40.17
C THR A 461 -14.05 -11.11 -38.87
N PHE A 462 -13.42 -11.90 -38.02
CA PHE A 462 -14.13 -12.55 -36.91
C PHE A 462 -14.86 -11.51 -36.07
N ILE A 463 -14.15 -10.44 -35.74
CA ILE A 463 -14.67 -9.45 -34.82
C ILE A 463 -15.88 -8.71 -35.42
N GLN A 464 -15.79 -8.34 -36.70
CA GLN A 464 -16.89 -7.63 -37.35
C GLN A 464 -18.10 -8.54 -37.55
N ARG A 465 -17.85 -9.83 -37.75
CA ARG A 465 -18.95 -10.78 -37.88
C ARG A 465 -19.72 -10.93 -36.56
N LEU A 466 -19.01 -10.98 -35.44
CA LEU A 466 -19.66 -10.98 -34.14
C LEU A 466 -20.32 -9.61 -33.89
N GLY A 467 -19.70 -8.56 -34.41
CA GLY A 467 -20.29 -7.22 -34.33
C GLY A 467 -21.65 -7.14 -35.00
N ASP A 468 -21.84 -7.91 -36.06
CA ASP A 468 -23.11 -7.92 -36.77
C ASP A 468 -24.19 -8.63 -35.95
N LEU A 469 -23.76 -9.42 -34.97
CA LEU A 469 -24.68 -10.14 -34.09
C LEU A 469 -25.08 -9.30 -32.90
N GLY A 470 -24.37 -8.19 -32.68
CA GLY A 470 -24.65 -7.28 -31.57
C GLY A 470 -23.62 -7.33 -30.44
N TYR A 471 -22.47 -7.94 -30.70
CA TYR A 471 -21.36 -7.89 -29.74
C TYR A 471 -20.57 -6.60 -29.95
N ILE A 472 -20.91 -5.58 -29.17
CA ILE A 472 -20.44 -4.22 -29.43
C ILE A 472 -19.15 -3.93 -28.68
N TRP A 473 -18.79 -4.80 -27.75
CA TRP A 473 -17.55 -4.67 -27.00
C TRP A 473 -16.84 -6.01 -26.98
N GLN A 474 -15.65 -6.05 -27.55
CA GLN A 474 -14.88 -7.28 -27.67
C GLN A 474 -13.42 -6.99 -27.32
N PHE A 475 -12.78 -7.96 -26.66
CA PHE A 475 -11.48 -7.70 -26.05
C PHE A 475 -10.68 -8.99 -25.92
N ILE A 476 -9.37 -8.87 -26.13
CA ILE A 476 -8.45 -9.96 -25.80
C ILE A 476 -7.89 -9.73 -24.41
N THR A 477 -8.33 -10.56 -23.48
CA THR A 477 -8.05 -10.33 -22.09
C THR A 477 -6.54 -10.18 -21.87
N LEU A 478 -5.74 -11.03 -22.51
CA LEU A 478 -4.36 -11.26 -22.07
C LEU A 478 -3.34 -10.69 -23.06
N ALA A 479 -3.76 -9.77 -23.92
CA ALA A 479 -2.91 -9.36 -25.03
C ALA A 479 -1.74 -8.52 -24.53
N GLY A 480 -1.99 -7.67 -23.54
CA GLY A 480 -0.94 -6.89 -22.90
C GLY A 480 0.16 -7.78 -22.36
N LEU A 481 -0.22 -8.86 -21.70
CA LEU A 481 0.75 -9.83 -21.20
C LEU A 481 1.59 -10.45 -22.32
N HIS A 482 0.94 -10.82 -23.42
CA HIS A 482 1.60 -11.62 -24.44
C HIS A 482 2.53 -10.78 -25.31
N THR A 483 2.08 -9.59 -25.70
CA THR A 483 2.91 -8.66 -26.45
C THR A 483 4.16 -8.30 -25.67
N ASN A 484 3.99 -8.07 -24.36
CA ASN A 484 5.12 -7.80 -23.48
C ASN A 484 6.05 -9.01 -23.40
N ALA A 485 5.48 -10.19 -23.22
CA ALA A 485 6.28 -11.40 -23.05
C ALA A 485 7.10 -11.69 -24.30
N LEU A 486 6.47 -11.57 -25.46
CA LEU A 486 7.15 -11.83 -26.72
C LEU A 486 8.32 -10.87 -26.91
N ALA A 487 8.07 -9.58 -26.73
CA ALA A 487 9.07 -8.56 -27.02
C ALA A 487 10.26 -8.64 -26.06
N VAL A 488 9.99 -8.91 -24.79
CA VAL A 488 11.05 -8.95 -23.78
C VAL A 488 11.80 -10.28 -23.81
N HIS A 489 11.12 -11.36 -24.17
CA HIS A 489 11.82 -12.59 -24.49
C HIS A 489 12.81 -12.39 -25.64
N ASN A 490 12.33 -11.81 -26.73
CA ASN A 490 13.13 -11.73 -27.94
C ASN A 490 14.32 -10.81 -27.73
N PHE A 491 14.11 -9.71 -27.02
CA PHE A 491 15.21 -8.79 -26.78
C PHE A 491 16.22 -9.35 -25.78
N SER A 492 15.75 -10.06 -24.77
CA SER A 492 16.66 -10.72 -23.84
C SER A 492 17.60 -11.65 -24.60
N ARG A 493 17.00 -12.49 -25.44
CA ARG A 493 17.74 -13.43 -26.28
C ARG A 493 18.73 -12.68 -27.18
N ASP A 494 18.22 -11.68 -27.88
CA ASP A 494 19.00 -10.99 -28.91
C ASP A 494 20.06 -10.09 -28.26
N PHE A 495 19.75 -9.55 -27.09
CA PHE A 495 20.69 -8.72 -26.36
C PHE A 495 21.84 -9.56 -25.80
N ALA A 496 21.53 -10.75 -25.28
CA ALA A 496 22.59 -11.63 -24.78
C ALA A 496 23.56 -11.99 -25.89
N LYS A 497 23.07 -12.06 -27.11
CA LYS A 497 23.84 -12.52 -28.27
C LYS A 497 24.59 -11.36 -28.92
N ASP A 498 23.89 -10.26 -29.14
CA ASP A 498 24.35 -9.24 -30.08
C ASP A 498 24.53 -7.87 -29.43
N GLY A 499 24.33 -7.79 -28.12
CA GLY A 499 24.56 -6.53 -27.39
C GLY A 499 23.82 -5.35 -28.00
N MET A 500 24.52 -4.24 -28.18
CA MET A 500 23.87 -2.98 -28.55
C MET A 500 23.35 -3.01 -29.97
N LYS A 501 23.86 -3.93 -30.78
CA LYS A 501 23.34 -4.13 -32.12
C LYS A 501 21.87 -4.51 -32.06
N ALA A 502 21.53 -5.39 -31.13
CA ALA A 502 20.16 -5.81 -30.94
C ALA A 502 19.28 -4.64 -30.52
N TYR A 503 19.79 -3.79 -29.63
CA TYR A 503 19.03 -2.63 -29.21
C TYR A 503 18.83 -1.67 -30.36
N ALA A 504 19.92 -1.40 -31.09
CA ALA A 504 19.88 -0.47 -32.21
C ALA A 504 18.85 -0.90 -33.26
N GLN A 505 18.90 -2.16 -33.65
CA GLN A 505 18.12 -2.62 -34.80
C GLN A 505 16.70 -3.04 -34.38
N ASN A 506 16.59 -3.76 -33.28
CA ASN A 506 15.33 -4.43 -32.93
C ASN A 506 14.44 -3.57 -32.03
N VAL A 507 15.01 -2.51 -31.46
CA VAL A 507 14.24 -1.59 -30.62
C VAL A 507 14.21 -0.19 -31.23
N GLN A 508 15.38 0.43 -31.31
CA GLN A 508 15.47 1.85 -31.61
C GLN A 508 15.01 2.16 -33.03
N GLN A 509 15.63 1.48 -34.00
CA GLN A 509 15.30 1.69 -35.41
C GLN A 509 13.81 1.45 -35.67
N ARG A 510 13.26 0.41 -35.03
CA ARG A 510 11.85 0.08 -35.17
C ARG A 510 10.97 1.18 -34.57
N GLU A 511 11.39 1.71 -33.42
CA GLU A 511 10.68 2.82 -32.80
C GLU A 511 10.66 4.03 -33.73
N MET A 512 11.80 4.31 -34.36
CA MET A 512 11.92 5.41 -35.32
C MET A 512 11.00 5.21 -36.52
N ASP A 513 11.02 4.00 -37.08
CA ASP A 513 10.23 3.70 -38.27
C ASP A 513 8.73 3.76 -37.97
N ASP A 514 8.33 3.29 -36.80
CA ASP A 514 6.91 3.14 -36.49
C ASP A 514 6.34 4.40 -35.82
N GLY A 515 7.21 5.36 -35.51
CA GLY A 515 6.79 6.65 -35.00
C GLY A 515 6.32 6.57 -33.56
N VAL A 516 6.97 5.72 -32.77
CA VAL A 516 6.63 5.55 -31.36
C VAL A 516 7.15 6.73 -30.53
N ASP A 517 6.24 7.49 -29.91
CA ASP A 517 6.63 8.72 -29.22
C ASP A 517 7.55 8.47 -28.03
N VAL A 518 7.47 7.27 -27.45
CA VAL A 518 8.31 6.92 -26.31
C VAL A 518 9.79 6.98 -26.67
N LEU A 519 10.10 6.87 -27.96
CA LEU A 519 11.47 7.00 -28.45
C LEU A 519 12.14 8.21 -27.83
N LYS A 520 11.43 9.34 -27.85
CA LYS A 520 11.90 10.54 -27.16
C LYS A 520 11.44 10.49 -25.71
N HIS A 521 12.15 9.72 -24.89
CA HIS A 521 11.58 9.24 -23.64
C HIS A 521 11.44 10.35 -22.60
N GLN A 522 12.35 11.33 -22.62
CA GLN A 522 12.25 12.45 -21.71
C GLN A 522 10.96 13.23 -21.97
N LYS A 523 10.75 13.62 -23.22
CA LYS A 523 9.55 14.38 -23.56
C LYS A 523 8.29 13.58 -23.29
N TRP A 524 8.29 12.30 -23.67
CA TRP A 524 7.13 11.45 -23.49
C TRP A 524 6.75 11.31 -22.01
N SER A 525 7.78 11.23 -21.15
CA SER A 525 7.58 11.03 -19.72
C SER A 525 7.01 12.28 -19.05
N GLY A 526 7.11 13.41 -19.72
CA GLY A 526 6.55 14.65 -19.22
C GLY A 526 7.59 15.60 -18.63
N ALA A 527 8.84 15.47 -19.07
CA ALA A 527 9.91 16.32 -18.57
C ALA A 527 9.66 17.81 -18.84
N GLU A 528 9.17 18.14 -20.02
CA GLU A 528 8.91 19.53 -20.35
C GLU A 528 7.74 20.06 -19.54
N TYR A 529 6.73 19.22 -19.30
CA TYR A 529 5.59 19.61 -18.49
C TYR A 529 6.04 20.01 -17.08
N ILE A 530 6.81 19.15 -16.43
CA ILE A 530 7.22 19.39 -15.06
C ILE A 530 8.28 20.51 -14.99
N ASP A 531 9.17 20.57 -15.96
CA ASP A 531 10.09 21.70 -16.08
C ASP A 531 9.33 23.02 -16.11
N GLY A 532 8.22 23.05 -16.83
CA GLY A 532 7.35 24.21 -16.88
C GLY A 532 6.72 24.57 -15.54
N LEU A 533 6.42 23.57 -14.71
CA LEU A 533 5.89 23.84 -13.37
C LEU A 533 6.98 24.48 -12.50
N LEU A 534 8.19 23.93 -12.59
CA LEU A 534 9.35 24.52 -11.94
C LEU A 534 9.54 25.99 -12.31
N LYS A 535 9.49 26.30 -13.61
CA LYS A 535 9.72 27.66 -14.08
C LYS A 535 8.66 28.60 -13.52
N LEU A 536 7.41 28.14 -13.52
CA LEU A 536 6.32 28.98 -13.06
C LEU A 536 6.51 29.34 -11.59
N ALA A 537 7.07 28.41 -10.81
CA ALA A 537 7.11 28.55 -9.36
C ALA A 537 8.31 29.40 -8.94
N GLN A 538 9.34 29.44 -9.79
CA GLN A 538 10.57 30.15 -9.48
C GLN A 538 10.71 31.38 -10.36
N GLY A 539 9.60 32.09 -10.58
CA GLY A 539 9.55 33.16 -11.57
C GLY A 539 9.56 34.55 -10.95
N ASN B 16 18.98 -8.31 34.57
CA ASN B 16 19.60 -6.96 34.43
C ASN B 16 21.07 -6.99 34.89
N ASP B 17 21.80 -7.99 34.44
CA ASP B 17 23.19 -8.17 34.85
C ASP B 17 24.16 -7.48 33.88
N PHE B 18 24.96 -6.56 34.41
CA PHE B 18 25.84 -5.73 33.61
C PHE B 18 26.90 -6.56 32.91
N ALA B 19 27.58 -7.43 33.66
CA ALA B 19 28.71 -8.19 33.12
C ALA B 19 28.27 -9.14 32.03
N ALA B 20 27.08 -9.72 32.18
CA ALA B 20 26.51 -10.61 31.17
C ALA B 20 26.22 -9.86 29.87
N LEU B 21 25.83 -8.60 29.99
CA LEU B 21 25.56 -7.77 28.83
C LEU B 21 26.85 -7.44 28.08
N GLN B 22 27.86 -7.00 28.82
CA GLN B 22 29.17 -6.71 28.22
C GLN B 22 29.72 -7.94 27.51
N ALA B 23 29.56 -9.10 28.11
CA ALA B 23 30.10 -10.34 27.56
C ALA B 23 29.35 -10.74 26.29
N LYS B 24 28.03 -10.57 26.32
CA LYS B 24 27.20 -10.83 25.16
C LYS B 24 27.59 -9.94 23.98
N LEU B 25 27.79 -8.65 24.25
CA LEU B 25 28.11 -7.70 23.20
C LEU B 25 29.51 -7.92 22.64
N ASP B 26 30.45 -8.33 23.50
CA ASP B 26 31.81 -8.63 23.06
C ASP B 26 31.82 -9.85 22.14
N ALA B 27 31.00 -10.84 22.47
CA ALA B 27 30.87 -12.04 21.65
C ALA B 27 30.19 -11.73 20.32
N ASP B 28 29.13 -10.93 20.37
CA ASP B 28 28.49 -10.45 19.14
C ASP B 28 29.48 -9.68 18.26
N ALA B 29 30.25 -8.80 18.88
CA ALA B 29 31.29 -8.06 18.17
C ALA B 29 32.25 -9.01 17.44
N ALA B 30 32.62 -10.10 18.10
CA ALA B 30 33.62 -11.01 17.57
C ALA B 30 33.06 -11.83 16.40
N GLU B 31 31.79 -12.19 16.48
CA GLU B 31 31.08 -12.78 15.34
C GLU B 31 31.10 -11.82 14.16
N ILE B 32 30.87 -10.54 14.42
CA ILE B 32 30.84 -9.54 13.36
C ILE B 32 32.23 -9.33 12.76
N GLU B 33 33.25 -9.22 13.62
CA GLU B 33 34.64 -9.14 13.16
C GLU B 33 35.01 -10.31 12.26
N LYS B 34 34.56 -11.51 12.63
CA LYS B 34 34.85 -12.70 11.85
C LYS B 34 34.16 -12.64 10.47
N TRP B 35 32.89 -12.29 10.46
CA TRP B 35 32.17 -11.99 9.21
C TRP B 35 32.99 -11.02 8.35
N TRP B 36 33.47 -9.93 8.95
CA TRP B 36 34.15 -8.88 8.19
C TRP B 36 35.52 -9.29 7.67
N SER B 37 36.04 -10.42 8.16
CA SER B 37 37.34 -10.90 7.72
C SER B 37 37.21 -11.78 6.47
N ASP B 38 35.98 -12.12 6.12
CA ASP B 38 35.71 -12.81 4.85
C ASP B 38 36.29 -12.01 3.68
N SER B 39 36.69 -12.72 2.64
CA SER B 39 37.42 -12.11 1.53
C SER B 39 36.50 -11.21 0.71
N ARG B 40 35.20 -11.43 0.81
CA ARG B 40 34.22 -10.54 0.20
C ARG B 40 34.48 -9.08 0.61
N TRP B 41 35.10 -8.88 1.76
CA TRP B 41 35.21 -7.55 2.36
C TRP B 41 36.62 -6.96 2.20
N SER B 42 37.44 -7.57 1.35
CA SER B 42 38.87 -7.28 1.32
C SER B 42 39.17 -5.84 0.89
N LYS B 43 38.26 -5.24 0.12
CA LYS B 43 38.48 -3.86 -0.32
C LYS B 43 37.59 -2.86 0.41
N THR B 44 36.86 -3.33 1.41
CA THR B 44 35.81 -2.52 2.01
C THR B 44 36.33 -1.81 3.25
N LYS B 45 36.33 -0.48 3.20
CA LYS B 45 36.72 0.32 4.35
C LYS B 45 35.53 0.61 5.24
N ARG B 46 35.68 0.34 6.53
CA ARG B 46 34.62 0.61 7.50
C ARG B 46 35.10 1.62 8.54
N ASN B 47 34.27 2.65 8.77
CA ASN B 47 34.67 3.77 9.62
C ASN B 47 34.09 3.63 11.03
N TYR B 48 33.84 2.39 11.45
CA TYR B 48 33.37 2.12 12.79
C TYR B 48 33.84 0.74 13.21
N SER B 49 33.62 0.39 14.48
CA SER B 49 34.08 -0.90 15.00
C SER B 49 32.95 -1.93 14.93
N ALA B 50 33.31 -3.20 15.12
CA ALA B 50 32.34 -4.28 15.21
C ALA B 50 31.37 -4.08 16.38
N ARG B 51 31.88 -3.57 17.49
CA ARG B 51 31.07 -3.40 18.67
C ARG B 51 30.11 -2.24 18.51
N ASP B 52 30.51 -1.24 17.73
CA ASP B 52 29.62 -0.13 17.40
C ASP B 52 28.36 -0.67 16.75
N ILE B 53 28.52 -1.71 15.93
CA ILE B 53 27.40 -2.31 15.23
C ILE B 53 26.61 -3.22 16.15
N ALA B 54 27.33 -3.99 16.98
CA ALA B 54 26.70 -4.93 17.89
C ALA B 54 25.68 -4.25 18.79
N VAL B 55 26.00 -3.06 19.27
CA VAL B 55 25.15 -2.39 20.25
C VAL B 55 23.94 -1.75 19.56
N ARG B 56 23.89 -1.83 18.24
CA ARG B 56 22.89 -1.10 17.46
C ARG B 56 21.90 -2.01 16.76
N ARG B 57 22.06 -3.32 16.90
CA ARG B 57 21.28 -4.26 16.07
C ARG B 57 20.23 -5.06 16.86
N GLY B 58 20.06 -4.75 18.14
CA GLY B 58 18.96 -5.31 18.93
C GLY B 58 19.26 -6.72 19.44
N THR B 59 18.29 -7.32 20.13
CA THR B 59 18.48 -8.60 20.80
C THR B 59 17.83 -9.75 20.05
N PHE B 60 17.12 -9.45 18.97
CA PHE B 60 16.58 -10.51 18.12
C PHE B 60 17.72 -11.29 17.50
N PRO B 61 17.59 -12.62 17.42
CA PRO B 61 18.60 -13.41 16.72
C PRO B 61 18.92 -12.81 15.36
N PRO B 62 20.20 -12.74 15.00
CA PRO B 62 20.54 -12.28 13.66
C PRO B 62 19.70 -12.95 12.58
N ILE B 63 19.10 -12.14 11.70
CA ILE B 63 18.29 -12.65 10.61
C ILE B 63 19.15 -12.78 9.35
N GLU B 64 19.05 -13.91 8.68
CA GLU B 64 19.52 -14.04 7.32
C GLU B 64 18.42 -13.61 6.35
N TYR B 65 18.60 -12.46 5.71
CA TYR B 65 17.62 -11.96 4.73
C TYR B 65 17.87 -12.61 3.38
N PRO B 66 16.78 -13.03 2.70
CA PRO B 66 16.91 -13.62 1.38
C PRO B 66 17.74 -12.75 0.45
N SER B 67 17.61 -11.44 0.57
CA SER B 67 18.37 -10.52 -0.26
C SER B 67 19.88 -10.76 -0.11
N SER B 68 20.31 -11.15 1.09
CA SER B 68 21.74 -11.29 1.36
C SER B 68 22.28 -12.54 0.68
N VAL B 69 21.45 -13.57 0.57
CA VAL B 69 21.79 -14.72 -0.24
C VAL B 69 22.06 -14.31 -1.69
N MET B 70 21.20 -13.44 -2.23
CA MET B 70 21.34 -13.01 -3.60
C MET B 70 22.55 -12.09 -3.77
N ALA B 71 22.84 -11.30 -2.73
CA ALA B 71 24.04 -10.47 -2.72
C ALA B 71 25.32 -11.29 -2.84
N ARG B 72 25.40 -12.40 -2.11
CA ARG B 72 26.57 -13.26 -2.19
C ARG B 72 26.68 -13.88 -3.58
N LYS B 73 25.54 -14.26 -4.16
CA LYS B 73 25.53 -14.78 -5.52
C LYS B 73 25.98 -13.72 -6.51
N LEU B 74 25.51 -12.50 -6.31
CA LEU B 74 25.88 -11.41 -7.19
C LEU B 74 27.36 -11.13 -7.13
N PHE B 75 27.92 -11.13 -5.94
CA PHE B 75 29.35 -10.90 -5.77
C PHE B 75 30.15 -11.92 -6.58
N LYS B 76 29.74 -13.18 -6.51
CA LYS B 76 30.46 -14.26 -7.19
C LYS B 76 30.35 -14.12 -8.69
N VAL B 77 29.16 -13.77 -9.16
CA VAL B 77 28.94 -13.58 -10.57
C VAL B 77 29.85 -12.48 -11.10
N LEU B 78 29.96 -11.39 -10.35
CA LEU B 78 30.73 -10.23 -10.79
C LEU B 78 32.23 -10.47 -10.64
N GLU B 79 32.62 -11.14 -9.56
CA GLU B 79 34.01 -11.53 -9.37
C GLU B 79 34.51 -12.34 -10.56
N LYS B 80 33.68 -13.28 -11.02
CA LYS B 80 34.05 -14.16 -12.11
C LYS B 80 34.22 -13.38 -13.41
N HIS B 81 33.29 -12.46 -13.67
CA HIS B 81 33.37 -11.63 -14.87
C HIS B 81 34.63 -10.79 -14.84
N HIS B 82 34.95 -10.27 -13.66
CA HIS B 82 36.13 -9.46 -13.48
C HIS B 82 37.39 -10.24 -13.79
N ASN B 83 37.47 -11.45 -13.24
CA ASN B 83 38.67 -12.26 -13.39
C ASN B 83 38.87 -12.67 -14.84
N GLU B 84 37.77 -12.91 -15.54
CA GLU B 84 37.83 -13.49 -16.88
C GLU B 84 37.73 -12.45 -17.97
N GLY B 85 37.51 -11.20 -17.57
CA GLY B 85 37.45 -10.08 -18.52
C GLY B 85 36.18 -10.04 -19.35
N THR B 86 35.09 -10.56 -18.79
CA THR B 86 33.79 -10.55 -19.47
C THR B 86 32.81 -9.62 -18.77
N VAL B 87 31.57 -9.60 -19.26
CA VAL B 87 30.58 -8.63 -18.82
C VAL B 87 29.27 -9.32 -18.43
N SER B 88 28.73 -8.96 -17.27
CA SER B 88 27.31 -9.15 -16.99
C SER B 88 26.47 -8.08 -17.68
N LYS B 89 25.72 -8.48 -18.71
CA LYS B 89 24.82 -7.56 -19.41
C LYS B 89 23.42 -7.69 -18.84
N THR B 90 22.75 -6.55 -18.67
CA THR B 90 21.33 -6.58 -18.35
C THR B 90 20.62 -5.30 -18.77
N PHE B 91 19.36 -5.17 -18.38
CA PHE B 91 18.62 -3.95 -18.61
C PHE B 91 17.50 -3.82 -17.59
N GLY B 92 16.84 -2.66 -17.58
CA GLY B 92 15.81 -2.38 -16.57
C GLY B 92 14.53 -3.14 -16.83
N ALA B 93 14.06 -3.85 -15.81
CA ALA B 93 12.88 -4.71 -15.93
C ALA B 93 11.66 -4.06 -15.32
N LEU B 94 10.51 -4.19 -16.00
CA LEU B 94 9.28 -3.53 -15.57
C LEU B 94 8.49 -4.34 -14.56
N ASP B 95 8.47 -5.67 -14.73
CA ASP B 95 7.39 -6.49 -14.19
C ASP B 95 7.75 -7.97 -14.22
N PRO B 96 6.93 -8.81 -13.56
CA PRO B 96 7.19 -10.24 -13.45
C PRO B 96 7.28 -10.97 -14.78
N VAL B 97 6.51 -10.54 -15.78
CA VAL B 97 6.61 -11.14 -17.09
C VAL B 97 8.05 -10.98 -17.59
N GLN B 98 8.58 -9.78 -17.45
CA GLN B 98 9.87 -9.46 -18.04
C GLN B 98 11.01 -10.26 -17.37
N ILE B 99 11.02 -10.32 -16.04
CA ILE B 99 12.07 -11.06 -15.35
C ILE B 99 11.94 -12.57 -15.58
N SER B 100 10.73 -13.03 -15.90
CA SER B 100 10.50 -14.45 -16.15
C SER B 100 11.12 -14.87 -17.48
N GLN B 101 11.27 -13.93 -18.38
CA GLN B 101 11.92 -14.18 -19.67
C GLN B 101 13.40 -13.89 -19.57
N MET B 102 13.75 -12.80 -18.89
CA MET B 102 15.14 -12.36 -18.75
C MET B 102 15.98 -13.43 -18.04
N ALA B 103 15.35 -14.18 -17.14
CA ALA B 103 16.06 -15.13 -16.30
C ALA B 103 16.72 -16.20 -17.17
N LYS B 104 16.17 -16.43 -18.36
CA LYS B 104 16.67 -17.45 -19.25
C LYS B 104 18.01 -17.07 -19.90
N TYR B 105 18.26 -15.77 -20.05
CA TYR B 105 19.36 -15.30 -20.90
C TYR B 105 20.38 -14.44 -20.17
N LEU B 106 20.01 -13.89 -19.01
CA LEU B 106 20.82 -12.88 -18.34
C LEU B 106 21.11 -13.29 -16.90
N ASP B 107 22.20 -12.77 -16.35
CA ASP B 107 22.66 -13.23 -15.04
C ASP B 107 22.55 -12.17 -13.96
N THR B 108 22.05 -11.00 -14.33
CA THR B 108 21.59 -10.01 -13.34
C THR B 108 20.34 -9.31 -13.86
N ILE B 109 19.59 -8.73 -12.93
CA ILE B 109 18.45 -7.89 -13.26
C ILE B 109 18.72 -6.47 -12.77
N TYR B 110 18.35 -5.47 -13.57
CA TYR B 110 18.41 -4.10 -13.14
C TYR B 110 17.01 -3.54 -12.90
N ILE B 111 16.88 -2.71 -11.87
CA ILE B 111 15.65 -1.97 -11.66
C ILE B 111 15.91 -0.48 -11.72
N SER B 112 15.20 0.19 -12.61
CA SER B 112 15.48 1.58 -12.97
C SER B 112 14.51 2.50 -12.25
N GLY B 113 15.05 3.52 -11.58
CA GLY B 113 14.23 4.57 -10.99
C GLY B 113 13.50 5.40 -12.03
N TRP B 114 14.13 5.57 -13.19
CA TRP B 114 13.49 6.23 -14.34
C TRP B 114 12.20 5.52 -14.72
N GLN B 115 12.28 4.20 -14.87
CA GLN B 115 11.13 3.41 -15.27
C GLN B 115 10.10 3.41 -14.15
N CYS B 116 10.57 3.47 -12.91
CA CYS B 116 9.65 3.48 -11.77
C CYS B 116 8.82 4.76 -11.74
N SER B 117 9.42 5.88 -12.10
CA SER B 117 8.71 7.15 -12.01
C SER B 117 7.62 7.23 -13.07
N SER B 118 7.84 6.59 -14.22
CA SER B 118 6.85 6.54 -15.28
C SER B 118 5.82 5.40 -15.12
N THR B 119 6.18 4.34 -14.37
CA THR B 119 5.36 3.13 -14.34
C THR B 119 5.03 2.50 -12.98
N ALA B 120 5.58 3.00 -11.87
CA ALA B 120 5.55 2.18 -10.67
C ALA B 120 5.56 2.91 -9.32
N SER B 121 5.39 4.22 -9.33
CA SER B 121 5.25 4.95 -8.09
C SER B 121 4.19 4.32 -7.19
N THR B 122 4.49 4.24 -5.90
CA THR B 122 3.55 3.69 -4.94
C THR B 122 2.37 4.61 -4.65
N SER B 123 2.40 5.83 -5.18
CA SER B 123 1.23 6.71 -5.15
C SER B 123 0.42 6.63 -6.44
N ASN B 124 0.96 5.92 -7.43
CA ASN B 124 0.33 5.77 -8.74
C ASN B 124 0.30 7.08 -9.52
N GLU B 125 1.03 8.08 -9.03
CA GLU B 125 1.25 9.31 -9.79
C GLU B 125 2.56 9.24 -10.55
N PRO B 126 2.50 9.19 -11.89
CA PRO B 126 3.69 9.04 -12.72
C PRO B 126 4.35 10.39 -12.98
N GLY B 127 5.48 10.36 -13.68
CA GLY B 127 6.12 11.60 -14.12
C GLY B 127 7.56 11.35 -14.52
N PRO B 128 8.26 12.42 -14.91
CA PRO B 128 9.64 12.30 -15.36
C PRO B 128 10.57 11.98 -14.21
N ASP B 129 11.82 11.62 -14.53
CA ASP B 129 12.73 11.04 -13.53
C ASP B 129 13.27 12.13 -12.61
N LEU B 130 12.63 12.30 -11.47
CA LEU B 130 13.06 13.29 -10.48
C LEU B 130 13.22 12.67 -9.09
N ALA B 131 13.09 11.35 -9.01
CA ALA B 131 13.11 10.64 -7.73
C ALA B 131 12.21 11.30 -6.70
N ASP B 132 11.04 11.76 -7.15
CA ASP B 132 10.10 12.42 -6.27
C ASP B 132 8.80 11.63 -6.06
N TYR B 133 8.78 10.37 -6.51
CA TYR B 133 7.86 9.39 -5.95
C TYR B 133 8.20 9.12 -4.47
N PRO B 134 7.26 8.54 -3.72
CA PRO B 134 7.55 8.15 -2.34
C PRO B 134 8.68 7.13 -2.28
N MET B 135 9.47 7.20 -1.21
CA MET B 135 10.78 6.56 -1.19
C MET B 135 10.67 5.04 -1.18
N ASP B 136 9.49 4.51 -0.85
CA ASP B 136 9.29 3.06 -0.89
C ASP B 136 9.05 2.51 -2.31
N THR B 137 9.14 3.37 -3.32
CA THR B 137 8.75 2.99 -4.67
C THR B 137 9.67 1.92 -5.26
N VAL B 138 10.97 2.16 -5.23
CA VAL B 138 11.89 1.23 -5.89
C VAL B 138 12.07 -0.04 -5.07
N PRO B 139 12.10 0.09 -3.74
CA PRO B 139 12.04 -1.12 -2.92
C PRO B 139 10.79 -1.97 -3.16
N ASN B 140 9.66 -1.32 -3.43
CA ASN B 140 8.44 -2.06 -3.75
C ASN B 140 8.57 -2.79 -5.06
N LYS B 141 9.20 -2.15 -6.04
CA LYS B 141 9.47 -2.79 -7.31
C LYS B 141 10.42 -3.99 -7.14
N VAL B 142 11.41 -3.86 -6.27
CA VAL B 142 12.28 -4.98 -5.96
C VAL B 142 11.46 -6.16 -5.45
N GLU B 143 10.60 -5.92 -4.47
CA GLU B 143 9.74 -6.97 -3.94
C GLU B 143 8.87 -7.54 -5.05
N HIS B 144 8.34 -6.67 -5.90
CA HIS B 144 7.46 -7.06 -6.98
C HIS B 144 8.14 -8.11 -7.85
N LEU B 145 9.40 -7.88 -8.21
CA LEU B 145 10.11 -8.79 -9.10
C LEU B 145 10.65 -9.99 -8.32
N PHE B 146 11.11 -9.75 -7.09
CA PHE B 146 11.77 -10.79 -6.32
C PHE B 146 10.79 -11.91 -5.94
N LYS B 147 9.59 -11.54 -5.48
CA LYS B 147 8.63 -12.56 -5.09
C LYS B 147 8.11 -13.32 -6.31
N ALA B 148 8.08 -12.66 -7.46
CA ALA B 148 7.77 -13.35 -8.72
C ALA B 148 8.86 -14.37 -9.04
N GLN B 149 10.11 -14.00 -8.84
CA GLN B 149 11.23 -14.91 -9.04
C GLN B 149 11.07 -16.15 -8.16
N LEU B 150 10.80 -15.93 -6.88
CA LEU B 150 10.65 -17.04 -5.93
C LEU B 150 9.47 -17.93 -6.30
N PHE B 151 8.39 -17.33 -6.78
CA PHE B 151 7.20 -18.09 -7.13
C PHE B 151 7.50 -18.99 -8.32
N HIS B 152 8.13 -18.43 -9.35
CA HIS B 152 8.41 -19.19 -10.55
C HIS B 152 9.45 -20.28 -10.30
N ASP B 153 10.39 -20.01 -9.38
CA ASP B 153 11.29 -21.05 -8.90
C ASP B 153 10.52 -22.21 -8.24
N ARG B 154 9.57 -21.90 -7.38
CA ARG B 154 8.79 -22.94 -6.72
C ARG B 154 8.02 -23.74 -7.76
N LYS B 155 7.34 -23.02 -8.65
CA LYS B 155 6.58 -23.65 -9.71
C LYS B 155 7.44 -24.63 -10.53
N GLN B 156 8.63 -24.19 -10.91
CA GLN B 156 9.46 -24.97 -11.81
C GLN B 156 9.99 -26.22 -11.12
N LEU B 157 10.41 -26.09 -9.87
CA LEU B 157 10.88 -27.25 -9.15
C LEU B 157 9.78 -28.30 -9.04
N GLU B 158 8.56 -27.86 -8.73
CA GLU B 158 7.46 -28.80 -8.56
C GLU B 158 7.18 -29.51 -9.87
N ALA B 159 7.18 -28.75 -10.96
CA ALA B 159 6.96 -29.32 -12.28
C ALA B 159 8.00 -30.39 -12.61
N ARG B 160 9.26 -30.12 -12.29
CA ARG B 160 10.35 -31.00 -12.67
C ARG B 160 10.39 -32.23 -11.77
N SER B 161 9.86 -32.08 -10.56
CA SER B 161 9.79 -33.19 -9.61
C SER B 161 8.87 -34.30 -10.10
N LYS B 162 8.03 -33.98 -11.08
CA LYS B 162 7.07 -34.97 -11.60
C LYS B 162 7.70 -35.89 -12.65
N ALA B 163 8.90 -35.53 -13.14
CA ALA B 163 9.61 -36.35 -14.10
C ALA B 163 10.01 -37.68 -13.46
N LYS B 164 9.75 -38.77 -14.17
CA LYS B 164 9.96 -40.11 -13.61
C LYS B 164 11.23 -40.76 -14.18
N SER B 165 11.87 -40.08 -15.12
CA SER B 165 13.13 -40.58 -15.69
C SER B 165 13.95 -39.44 -16.30
N GLN B 166 15.23 -39.72 -16.53
CA GLN B 166 16.12 -38.75 -17.17
C GLN B 166 15.55 -38.25 -18.49
N GLU B 167 14.92 -39.14 -19.24
CA GLU B 167 14.40 -38.80 -20.57
C GLU B 167 13.22 -37.84 -20.45
N GLU B 168 12.34 -38.09 -19.49
CA GLU B 168 11.21 -37.22 -19.21
C GLU B 168 11.66 -35.83 -18.78
N LEU B 169 12.75 -35.77 -18.04
CA LEU B 169 13.31 -34.50 -17.56
C LEU B 169 13.92 -33.73 -18.71
N ASP B 170 14.64 -34.43 -19.59
CA ASP B 170 15.21 -33.83 -20.79
C ASP B 170 14.13 -33.19 -21.66
N GLU B 171 12.94 -33.78 -21.67
CA GLU B 171 11.84 -33.27 -22.50
C GLU B 171 11.32 -31.94 -21.99
N MET B 172 11.53 -31.67 -20.70
CA MET B 172 11.07 -30.42 -20.09
C MET B 172 12.02 -29.27 -20.42
N GLY B 173 13.23 -29.61 -20.86
CA GLY B 173 14.24 -28.61 -21.17
C GLY B 173 15.16 -28.35 -20.00
N ALA B 174 16.23 -27.62 -20.24
CA ALA B 174 17.10 -27.14 -19.18
C ALA B 174 16.32 -26.24 -18.21
N PRO B 175 16.64 -26.32 -16.91
CA PRO B 175 16.01 -25.46 -15.93
C PRO B 175 16.39 -24.00 -16.13
N ILE B 176 15.43 -23.11 -15.97
CA ILE B 176 15.71 -21.69 -15.90
C ILE B 176 16.13 -21.30 -14.50
N ASP B 177 17.21 -20.53 -14.40
CA ASP B 177 17.60 -19.95 -13.12
C ASP B 177 16.84 -18.65 -12.87
N TYR B 178 15.77 -18.75 -12.09
CA TYR B 178 14.90 -17.61 -11.84
C TYR B 178 15.48 -16.71 -10.76
N LEU B 179 16.43 -17.25 -10.01
CA LEU B 179 17.02 -16.51 -8.90
C LEU B 179 18.13 -15.59 -9.39
N THR B 180 17.72 -14.56 -10.13
CA THR B 180 18.66 -13.66 -10.78
C THR B 180 18.85 -12.42 -9.92
N PRO B 181 20.08 -12.21 -9.43
CA PRO B 181 20.30 -11.14 -8.48
C PRO B 181 19.87 -9.79 -9.03
N ILE B 182 19.26 -8.97 -8.17
CA ILE B 182 18.70 -7.69 -8.58
C ILE B 182 19.56 -6.54 -8.06
N VAL B 183 19.95 -5.63 -8.93
CA VAL B 183 20.55 -4.37 -8.51
C VAL B 183 19.56 -3.23 -8.77
N ALA B 184 19.34 -2.40 -7.75
CA ALA B 184 18.24 -1.46 -7.78
C ALA B 184 18.72 -0.02 -7.56
N ASP B 185 18.01 0.91 -8.19
CA ASP B 185 18.31 2.33 -8.13
C ASP B 185 17.85 2.92 -6.78
N ALA B 186 18.80 3.41 -5.99
CA ALA B 186 18.50 4.06 -4.71
C ALA B 186 18.58 5.57 -4.86
N ASP B 187 18.57 6.03 -6.10
CA ASP B 187 18.55 7.46 -6.41
C ASP B 187 19.66 8.21 -5.66
N ALA B 188 19.30 9.30 -4.98
CA ALA B 188 20.27 10.08 -4.23
C ALA B 188 20.03 9.99 -2.73
N GLY B 189 19.25 9.01 -2.30
CA GLY B 189 19.03 8.76 -0.89
C GLY B 189 17.70 9.25 -0.35
N HIS B 190 17.00 10.06 -1.15
CA HIS B 190 15.66 10.52 -0.78
C HIS B 190 15.63 11.31 0.51
N GLY B 191 16.66 12.11 0.73
CA GLY B 191 16.73 13.00 1.89
C GLY B 191 18.07 12.88 2.60
N GLY B 192 18.04 13.06 3.92
CA GLY B 192 19.26 13.04 4.72
C GLY B 192 19.72 11.63 5.00
N LEU B 193 20.73 11.50 5.85
CA LEU B 193 21.36 10.23 6.09
C LEU B 193 20.42 9.25 6.80
N THR B 194 19.44 9.78 7.54
CA THR B 194 18.47 8.90 8.17
C THR B 194 17.51 8.31 7.15
N ALA B 195 17.22 9.06 6.10
CA ALA B 195 16.45 8.54 4.97
C ALA B 195 17.26 7.50 4.20
N VAL B 196 18.53 7.78 3.99
CA VAL B 196 19.41 6.83 3.33
C VAL B 196 19.38 5.50 4.06
N PHE B 197 19.45 5.57 5.39
CA PHE B 197 19.41 4.38 6.23
C PHE B 197 18.11 3.60 6.04
N LYS B 198 16.99 4.31 6.10
CA LYS B 198 15.67 3.66 6.03
C LYS B 198 15.42 3.10 4.65
N LEU B 199 15.91 3.79 3.63
CA LEU B 199 15.80 3.32 2.25
C LEU B 199 16.57 2.02 2.09
N THR B 200 17.80 2.01 2.56
CA THR B 200 18.64 0.81 2.50
C THR B 200 17.96 -0.36 3.21
N LYS B 201 17.37 -0.09 4.36
CA LYS B 201 16.69 -1.12 5.14
C LYS B 201 15.57 -1.76 4.33
N MET B 202 14.76 -0.94 3.68
CA MET B 202 13.65 -1.45 2.87
C MET B 202 14.19 -2.34 1.76
N PHE B 203 15.26 -1.87 1.09
CA PHE B 203 15.84 -2.60 -0.01
C PHE B 203 16.30 -3.98 0.41
N ILE B 204 16.93 -4.04 1.58
CA ILE B 204 17.44 -5.31 2.10
C ILE B 204 16.30 -6.24 2.49
N GLU B 205 15.25 -5.68 3.10
CA GLU B 205 14.11 -6.49 3.51
C GLU B 205 13.36 -7.06 2.30
N ARG B 206 13.41 -6.37 1.18
CA ARG B 206 12.48 -6.65 0.10
C ARG B 206 13.11 -7.33 -1.11
N GLY B 207 14.45 -7.41 -1.12
CA GLY B 207 15.15 -8.47 -1.86
C GLY B 207 16.30 -8.00 -2.75
N ALA B 208 16.84 -6.83 -2.47
CA ALA B 208 17.89 -6.25 -3.33
C ALA B 208 19.25 -6.89 -3.05
N ALA B 209 19.86 -7.46 -4.08
CA ALA B 209 21.23 -7.97 -3.99
C ALA B 209 22.25 -6.84 -3.99
N GLY B 210 21.90 -5.75 -4.65
CA GLY B 210 22.72 -4.54 -4.61
C GLY B 210 21.88 -3.31 -4.90
N ILE B 211 22.40 -2.14 -4.54
CA ILE B 211 21.77 -0.88 -4.90
C ILE B 211 22.84 0.11 -5.34
N HIS B 212 22.44 1.11 -6.13
CA HIS B 212 23.32 2.21 -6.47
C HIS B 212 22.78 3.56 -6.01
N MET B 213 23.69 4.42 -5.57
CA MET B 213 23.34 5.76 -5.11
C MET B 213 24.32 6.78 -5.68
N GLU B 214 23.79 7.93 -6.05
CA GLU B 214 24.51 8.89 -6.88
C GLU B 214 24.73 10.18 -6.10
N ASP B 215 25.76 10.93 -6.49
CA ASP B 215 26.15 12.14 -5.79
C ASP B 215 25.39 13.37 -6.27
N GLN B 216 24.10 13.21 -6.58
CA GLN B 216 23.23 14.37 -6.82
C GLN B 216 22.56 14.83 -5.53
N THR B 217 21.89 15.98 -5.61
CA THR B 217 21.00 16.44 -4.54
C THR B 217 19.71 15.64 -4.57
N SER B 218 18.94 15.72 -3.49
CA SER B 218 17.54 15.34 -3.52
C SER B 218 16.61 16.55 -3.53
N THR B 219 17.17 17.75 -3.56
CA THR B 219 16.38 18.98 -3.39
C THR B 219 16.41 19.90 -4.60
N ASN B 220 17.32 19.64 -5.55
CA ASN B 220 17.55 20.56 -6.66
C ASN B 220 17.63 19.80 -7.98
N LYS B 221 16.94 18.68 -8.04
CA LYS B 221 16.92 17.88 -9.27
C LYS B 221 16.12 18.59 -10.35
N LYS B 222 16.55 18.41 -11.59
CA LYS B 222 15.92 19.06 -12.73
C LYS B 222 15.69 18.06 -13.85
N CYS B 223 14.79 18.40 -14.77
CA CYS B 223 14.41 17.49 -15.84
C CYS B 223 14.33 18.16 -17.22
N GLY B 224 14.41 19.50 -17.23
CA GLY B 224 14.51 20.24 -18.49
C GLY B 224 15.62 19.74 -19.40
N HIS B 225 15.43 19.93 -20.70
CA HIS B 225 16.38 19.45 -21.71
C HIS B 225 17.76 20.07 -21.50
N MET B 226 17.80 21.40 -21.37
CA MET B 226 19.08 22.09 -21.27
C MET B 226 19.45 22.42 -19.83
N ALA B 227 18.76 21.77 -18.88
CA ALA B 227 18.47 22.39 -17.58
C ALA B 227 19.73 22.53 -16.71
N GLY B 228 20.69 21.62 -16.89
CA GLY B 228 21.85 21.56 -15.99
C GLY B 228 21.61 20.60 -14.83
N ARG B 229 22.58 20.53 -13.92
CA ARG B 229 22.65 19.40 -13.00
C ARG B 229 23.57 19.68 -11.82
N CYS B 230 23.03 19.56 -10.61
CA CYS B 230 23.77 19.86 -9.40
C CYS B 230 24.25 18.60 -8.73
N VAL B 231 25.51 18.58 -8.33
CA VAL B 231 26.01 17.54 -7.41
C VAL B 231 26.21 18.05 -6.00
N ILE B 232 26.49 17.13 -5.07
CA ILE B 232 26.80 17.47 -3.68
C ILE B 232 28.29 17.31 -3.43
N PRO B 233 28.79 17.93 -2.36
CA PRO B 233 30.18 17.79 -1.95
C PRO B 233 30.60 16.33 -1.80
N VAL B 234 31.87 16.05 -2.10
CA VAL B 234 32.37 14.68 -2.12
C VAL B 234 32.03 13.94 -0.84
N GLN B 235 32.35 14.55 0.31
CA GLN B 235 32.25 13.85 1.59
C GLN B 235 30.81 13.50 1.92
N GLU B 236 29.89 14.36 1.51
CA GLU B 236 28.47 14.16 1.79
C GLU B 236 28.02 12.86 1.13
N HIS B 237 28.49 12.58 -0.08
CA HIS B 237 28.16 11.32 -0.72
C HIS B 237 28.90 10.14 -0.07
N VAL B 238 30.16 10.34 0.29
CA VAL B 238 30.88 9.31 1.04
C VAL B 238 30.05 8.90 2.27
N ASN B 239 29.50 9.88 2.97
CA ASN B 239 28.75 9.58 4.18
C ASN B 239 27.47 8.80 3.86
N ARG B 240 26.85 9.09 2.72
CA ARG B 240 25.73 8.28 2.23
C ARG B 240 26.16 6.83 2.10
N LEU B 241 27.29 6.60 1.44
CA LEU B 241 27.74 5.24 1.19
C LEU B 241 28.08 4.53 2.49
N VAL B 242 28.71 5.25 3.41
CA VAL B 242 29.01 4.72 4.75
C VAL B 242 27.72 4.32 5.46
N THR B 243 26.65 5.08 5.23
CA THR B 243 25.40 4.87 5.94
C THR B 243 24.67 3.64 5.38
N ILE B 244 24.72 3.47 4.07
CA ILE B 244 24.24 2.24 3.44
C ILE B 244 24.95 1.02 4.04
N ARG B 245 26.28 1.05 4.08
CA ARG B 245 27.06 -0.08 4.59
C ARG B 245 26.78 -0.32 6.07
N MET B 246 26.53 0.76 6.81
CA MET B 246 26.22 0.66 8.23
C MET B 246 24.91 -0.07 8.47
N CYS B 247 23.90 0.28 7.69
CA CYS B 247 22.61 -0.41 7.74
C CYS B 247 22.78 -1.88 7.36
N ALA B 248 23.54 -2.15 6.31
CA ALA B 248 23.78 -3.52 5.88
C ALA B 248 24.50 -4.32 6.96
N ASP B 249 25.43 -3.67 7.65
CA ASP B 249 26.18 -4.34 8.73
C ASP B 249 25.27 -4.64 9.90
N ILE B 250 24.37 -3.71 10.21
CA ILE B 250 23.43 -3.92 11.28
C ILE B 250 22.49 -5.08 10.96
N MET B 251 22.23 -5.29 9.67
CA MET B 251 21.27 -6.31 9.23
C MET B 251 21.98 -7.57 8.73
N HIS B 252 23.28 -7.61 8.92
CA HIS B 252 24.10 -8.74 8.51
C HIS B 252 23.93 -9.10 7.03
N SER B 253 23.86 -8.09 6.17
CA SER B 253 23.70 -8.33 4.74
C SER B 253 25.02 -8.10 4.00
N ASP B 254 25.27 -8.93 2.99
CA ASP B 254 26.43 -8.76 2.12
C ASP B 254 26.15 -7.81 0.94
N LEU B 255 25.02 -7.10 1.01
CA LEU B 255 24.59 -6.12 0.01
C LEU B 255 25.71 -5.47 -0.79
N ILE B 256 25.66 -5.61 -2.11
CA ILE B 256 26.58 -4.90 -2.99
C ILE B 256 26.18 -3.43 -3.11
N VAL B 257 27.18 -2.56 -3.05
CA VAL B 257 26.95 -1.12 -3.12
C VAL B 257 27.65 -0.57 -4.35
N VAL B 258 26.89 0.14 -5.17
CA VAL B 258 27.42 0.77 -6.36
C VAL B 258 27.40 2.28 -6.16
N ALA B 259 28.57 2.90 -6.22
CA ALA B 259 28.67 4.35 -6.12
C ALA B 259 28.68 4.96 -7.51
N ARG B 260 27.72 5.83 -7.74
CA ARG B 260 27.62 6.51 -9.03
C ARG B 260 27.92 7.98 -8.83
N THR B 261 28.77 8.53 -9.71
CA THR B 261 28.92 9.98 -9.79
C THR B 261 28.26 10.53 -11.03
N ASP B 262 27.57 11.65 -10.87
CA ASP B 262 26.92 12.33 -11.98
C ASP B 262 27.71 13.58 -12.36
N SER B 263 29.00 13.59 -12.04
CA SER B 263 29.81 14.80 -12.11
C SER B 263 30.33 15.08 -13.52
N GLU B 264 30.18 14.10 -14.41
CA GLU B 264 30.72 14.23 -15.76
C GLU B 264 30.06 15.38 -16.51
N ALA B 265 28.77 15.60 -16.25
CA ALA B 265 28.04 16.68 -16.89
C ALA B 265 27.40 17.61 -15.87
N ALA B 266 27.93 17.61 -14.66
CA ALA B 266 27.46 18.54 -13.62
C ALA B 266 27.83 19.97 -14.01
N THR B 267 26.91 20.89 -13.74
CA THR B 267 27.18 22.30 -13.97
C THR B 267 27.06 23.10 -12.67
N LEU B 268 26.64 22.44 -11.60
CA LEU B 268 26.41 23.10 -10.32
C LEU B 268 26.83 22.20 -9.17
N ILE B 269 27.20 22.80 -8.05
CA ILE B 269 27.42 22.06 -6.80
C ILE B 269 26.76 22.79 -5.65
N SER B 270 26.30 22.04 -4.66
CA SER B 270 25.38 22.58 -3.65
C SER B 270 26.13 23.37 -2.57
N SER B 271 27.44 23.19 -2.51
CA SER B 271 28.26 23.82 -1.47
C SER B 271 29.75 23.67 -1.81
N THR B 272 30.56 24.60 -1.31
CA THR B 272 31.99 24.59 -1.62
C THR B 272 32.79 23.94 -0.50
N ILE B 273 32.11 23.27 0.43
CA ILE B 273 32.71 22.94 1.72
C ILE B 273 33.85 21.93 1.60
N ASP B 274 33.83 21.10 0.56
CA ASP B 274 34.83 20.04 0.42
C ASP B 274 35.99 20.48 -0.45
N THR B 275 37.19 20.44 0.12
CA THR B 275 38.36 21.02 -0.50
C THR B 275 38.72 20.26 -1.78
N ARG B 276 38.31 19.00 -1.89
CA ARG B 276 38.53 18.22 -3.10
C ARG B 276 37.79 18.81 -4.32
N ASP B 277 36.70 19.51 -4.06
CA ASP B 277 35.87 20.07 -5.13
C ASP B 277 36.42 21.40 -5.67
N HIS B 278 37.36 21.99 -4.96
CA HIS B 278 37.68 23.40 -5.16
C HIS B 278 38.22 23.68 -6.56
N TYR B 279 39.06 22.78 -7.05
CA TYR B 279 39.62 22.91 -8.41
C TYR B 279 38.52 23.22 -9.42
N PHE B 280 37.33 22.66 -9.20
CA PHE B 280 36.30 22.60 -10.25
C PHE B 280 35.25 23.68 -10.10
N ILE B 281 35.38 24.52 -9.07
CA ILE B 281 34.35 25.49 -8.78
C ILE B 281 34.63 26.79 -9.52
N VAL B 282 33.61 27.26 -10.24
CA VAL B 282 33.78 28.38 -11.14
C VAL B 282 33.66 29.70 -10.37
N GLY B 283 34.62 30.59 -10.60
CA GLY B 283 34.62 31.90 -9.95
C GLY B 283 34.63 33.05 -10.95
N ALA B 284 34.14 34.20 -10.50
CA ALA B 284 34.25 35.43 -11.29
C ALA B 284 35.59 36.13 -11.03
N THR B 285 36.19 36.66 -12.10
CA THR B 285 37.48 37.35 -12.01
C THR B 285 37.34 38.86 -12.22
N ASN B 286 36.12 39.31 -12.49
CA ASN B 286 35.82 40.74 -12.60
C ASN B 286 35.22 41.26 -11.29
N PRO B 287 35.97 42.09 -10.56
CA PRO B 287 35.58 42.52 -9.23
C PRO B 287 34.54 43.61 -9.21
N ASN B 288 34.06 44.02 -10.37
CA ASN B 288 33.17 45.18 -10.48
C ASN B 288 31.81 44.79 -11.02
N ILE B 289 31.53 43.49 -11.07
CA ILE B 289 30.26 43.02 -11.60
C ILE B 289 29.29 42.70 -10.46
N GLU B 290 28.01 42.99 -10.67
CA GLU B 290 26.98 42.67 -9.70
C GLU B 290 26.79 41.16 -9.61
N PRO B 291 26.28 40.67 -8.47
CA PRO B 291 25.98 39.25 -8.32
C PRO B 291 24.98 38.77 -9.37
N PHE B 292 25.25 37.61 -9.97
CA PHE B 292 24.36 37.05 -10.95
C PHE B 292 22.91 36.96 -10.47
N ALA B 293 22.72 36.46 -9.26
CA ALA B 293 21.38 36.19 -8.77
C ALA B 293 20.56 37.47 -8.71
N GLU B 294 21.20 38.55 -8.27
CA GLU B 294 20.52 39.83 -8.13
C GLU B 294 20.25 40.49 -9.49
N VAL B 295 21.18 40.32 -10.42
CA VAL B 295 20.97 40.80 -11.78
C VAL B 295 19.79 40.09 -12.45
N LEU B 296 19.73 38.76 -12.34
CA LEU B 296 18.67 37.99 -12.96
C LEU B 296 17.31 38.28 -12.32
N ASN B 297 17.32 38.47 -11.00
CA ASN B 297 16.11 38.83 -10.27
C ASN B 297 15.57 40.19 -10.74
N ASP B 298 16.44 41.19 -10.79
CA ASP B 298 16.05 42.52 -11.26
C ASP B 298 15.43 42.45 -12.65
N ALA B 299 15.98 41.58 -13.50
CA ALA B 299 15.54 41.48 -14.89
C ALA B 299 14.17 40.82 -14.99
N ILE B 300 13.89 39.88 -14.09
CA ILE B 300 12.57 39.28 -14.01
C ILE B 300 11.55 40.29 -13.50
N MET B 301 11.94 41.07 -12.50
CA MET B 301 11.05 42.03 -11.86
C MET B 301 10.70 43.19 -12.77
N SER B 302 11.48 43.38 -13.84
CA SER B 302 11.15 44.36 -14.87
C SER B 302 10.37 43.75 -16.04
N GLY B 303 10.04 42.47 -15.93
CA GLY B 303 9.19 41.81 -16.91
C GLY B 303 9.93 41.54 -18.21
N ALA B 304 11.13 40.98 -18.09
CA ALA B 304 11.87 40.51 -19.26
C ALA B 304 11.35 39.15 -19.71
N SER B 305 11.41 38.90 -21.01
CA SER B 305 10.90 37.66 -21.59
C SER B 305 11.91 36.52 -21.41
N GLY B 306 11.47 35.30 -21.67
CA GLY B 306 12.28 34.12 -21.38
C GLY B 306 13.53 34.06 -22.25
N GLN B 307 13.47 34.68 -23.41
CA GLN B 307 14.63 34.78 -24.29
C GLN B 307 15.57 35.89 -23.83
N GLU B 308 15.01 37.00 -23.37
CA GLU B 308 15.82 38.09 -22.85
C GLU B 308 16.63 37.67 -21.63
N LEU B 309 16.08 36.75 -20.85
CA LEU B 309 16.73 36.29 -19.62
C LEU B 309 17.89 35.35 -19.92
N ALA B 310 17.76 34.59 -21.00
CA ALA B 310 18.85 33.74 -21.46
C ALA B 310 19.97 34.59 -22.03
N ASP B 311 19.61 35.71 -22.65
CA ASP B 311 20.59 36.66 -23.18
C ASP B 311 21.37 37.31 -22.05
N ILE B 312 20.65 37.77 -21.02
CA ILE B 312 21.28 38.45 -19.90
C ILE B 312 22.21 37.52 -19.13
N GLU B 313 21.80 36.27 -18.97
CA GLU B 313 22.60 35.29 -18.25
C GLU B 313 23.91 35.05 -19.00
N GLN B 314 23.82 34.85 -20.31
CA GLN B 314 25.01 34.58 -21.12
C GLN B 314 25.93 35.80 -21.16
N LYS B 315 25.34 36.99 -21.16
CA LYS B 315 26.09 38.23 -21.11
C LYS B 315 26.78 38.44 -19.76
N TRP B 316 26.08 38.11 -18.68
CA TRP B 316 26.65 38.24 -17.34
C TRP B 316 27.86 37.33 -17.21
N CYS B 317 27.75 36.12 -17.75
CA CYS B 317 28.80 35.13 -17.62
C CYS B 317 30.08 35.55 -18.33
N ARG B 318 29.95 36.17 -19.51
CA ARG B 318 31.15 36.67 -20.16
C ARG B 318 31.71 37.95 -19.52
N ASP B 319 30.84 38.84 -19.03
CA ASP B 319 31.31 40.07 -18.38
C ASP B 319 32.01 39.73 -17.06
N ALA B 320 31.60 38.63 -16.44
CA ALA B 320 32.05 38.31 -15.09
C ALA B 320 33.43 37.66 -15.14
N GLY B 321 33.81 37.20 -16.32
CA GLY B 321 35.08 36.50 -16.49
C GLY B 321 35.11 35.21 -15.71
N LEU B 322 34.19 34.30 -16.01
CA LEU B 322 34.07 33.05 -15.28
C LEU B 322 35.19 32.13 -15.69
N LYS B 323 35.90 31.60 -14.69
CA LYS B 323 36.83 30.52 -14.96
C LYS B 323 37.11 29.73 -13.69
N LEU B 324 37.84 28.65 -13.86
CA LEU B 324 38.45 27.96 -12.74
C LEU B 324 39.67 28.71 -12.24
N PHE B 325 40.02 28.50 -10.98
CA PHE B 325 41.07 29.29 -10.36
C PHE B 325 42.40 29.09 -11.09
N HIS B 326 42.71 27.85 -11.44
CA HIS B 326 43.99 27.55 -12.06
C HIS B 326 44.09 28.24 -13.41
N GLU B 327 42.97 28.40 -14.10
CA GLU B 327 42.94 29.19 -15.33
C GLU B 327 43.20 30.66 -15.05
N ALA B 328 42.57 31.18 -14.00
CA ALA B 328 42.75 32.57 -13.63
C ALA B 328 44.22 32.85 -13.34
N VAL B 329 44.85 31.92 -12.64
CA VAL B 329 46.26 32.06 -12.26
C VAL B 329 47.17 32.00 -13.48
N ILE B 330 46.96 30.99 -14.33
CA ILE B 330 47.75 30.84 -15.55
C ILE B 330 47.62 32.07 -16.46
N ASP B 331 46.41 32.59 -16.59
CA ASP B 331 46.20 33.78 -17.41
C ASP B 331 47.00 34.96 -16.88
N GLU B 332 47.00 35.13 -15.56
CA GLU B 332 47.69 36.26 -14.94
C GLU B 332 49.21 36.13 -15.10
N ILE B 333 49.72 34.90 -15.05
CA ILE B 333 51.14 34.64 -15.26
C ILE B 333 51.57 35.01 -16.67
N GLU B 334 50.77 34.62 -17.65
CA GLU B 334 51.09 34.87 -19.05
C GLU B 334 51.10 36.38 -19.36
N ARG B 335 50.38 37.15 -18.55
CA ARG B 335 50.21 38.58 -18.81
C ARG B 335 51.01 39.41 -17.80
N SER B 336 51.96 38.76 -17.12
CA SER B 336 52.92 39.46 -16.28
C SER B 336 54.28 39.56 -16.99
N ALA B 337 55.22 40.27 -16.37
CA ALA B 337 56.57 40.37 -16.90
C ALA B 337 57.52 39.52 -16.07
N LEU B 338 57.40 38.20 -16.20
CA LEU B 338 58.22 37.27 -15.43
C LEU B 338 58.93 36.29 -16.35
N SER B 339 60.05 35.75 -15.88
CA SER B 339 60.85 34.80 -16.65
C SER B 339 60.35 33.38 -16.44
N ASN B 340 60.57 32.54 -17.45
CA ASN B 340 60.37 31.10 -17.31
C ASN B 340 58.88 30.83 -17.06
N LYS B 341 58.02 31.51 -17.82
CA LYS B 341 56.59 31.41 -17.60
C LYS B 341 56.14 29.95 -17.70
N GLN B 342 56.63 29.26 -18.73
CA GLN B 342 56.24 27.86 -18.96
C GLN B 342 56.64 26.95 -17.80
N GLU B 343 57.74 27.29 -17.12
CA GLU B 343 58.24 26.50 -16.01
C GLU B 343 57.50 26.83 -14.71
N LEU B 344 57.13 28.10 -14.57
CA LEU B 344 56.29 28.51 -13.44
C LEU B 344 54.90 27.88 -13.54
N ILE B 345 54.34 27.88 -14.74
CA ILE B 345 53.02 27.32 -14.99
C ILE B 345 53.04 25.81 -14.76
N LYS B 346 54.12 25.16 -15.17
CA LYS B 346 54.25 23.72 -14.97
C LYS B 346 54.39 23.39 -13.49
N LYS B 347 55.09 24.25 -12.76
CA LYS B 347 55.27 24.06 -11.32
C LYS B 347 53.93 24.17 -10.63
N PHE B 348 53.20 25.22 -10.95
CA PHE B 348 51.87 25.46 -10.40
C PHE B 348 50.95 24.29 -10.71
N THR B 349 50.87 23.91 -11.99
CA THR B 349 49.89 22.92 -12.43
C THR B 349 50.24 21.53 -11.91
N SER B 350 51.50 21.30 -11.55
CA SER B 350 51.91 20.03 -10.95
C SER B 350 51.44 19.90 -9.50
N LYS B 351 51.18 21.05 -8.87
CA LYS B 351 50.71 21.09 -7.48
C LYS B 351 49.19 21.32 -7.43
N VAL B 352 48.65 21.84 -8.53
CA VAL B 352 47.25 22.23 -8.57
C VAL B 352 46.62 21.64 -9.82
N GLY B 353 46.00 20.48 -9.66
CA GLY B 353 45.42 19.77 -10.78
C GLY B 353 44.12 19.10 -10.41
N PRO B 354 43.40 18.59 -11.41
CA PRO B 354 42.07 18.03 -11.16
C PRO B 354 42.10 16.93 -10.11
N LEU B 355 43.20 16.20 -10.04
CA LEU B 355 43.28 15.02 -9.21
C LEU B 355 44.09 15.22 -7.93
N THR B 356 44.64 16.42 -7.75
CA THR B 356 45.56 16.67 -6.62
C THR B 356 44.80 17.04 -5.35
N GLU B 357 43.52 17.36 -5.50
CA GLU B 357 42.67 17.64 -4.34
C GLU B 357 43.28 18.76 -3.51
N THR B 358 43.77 19.79 -4.20
CA THR B 358 44.36 20.93 -3.52
C THR B 358 43.29 21.95 -3.13
N SER B 359 43.29 22.35 -1.87
CA SER B 359 42.32 23.33 -1.37
C SER B 359 42.55 24.71 -1.99
N HIS B 360 41.51 25.51 -2.04
CA HIS B 360 41.60 26.83 -2.66
C HIS B 360 42.59 27.70 -1.90
N ARG B 361 42.57 27.59 -0.57
CA ARG B 361 43.54 28.28 0.28
C ARG B 361 44.97 27.94 -0.13
N GLU B 362 45.26 26.65 -0.29
CA GLU B 362 46.61 26.20 -0.66
C GLU B 362 46.97 26.72 -2.05
N ALA B 363 46.00 26.73 -2.96
CA ALA B 363 46.25 27.16 -4.32
C ALA B 363 46.44 28.66 -4.39
N LYS B 364 45.72 29.40 -3.55
CA LYS B 364 45.90 30.83 -3.43
C LYS B 364 47.31 31.16 -2.93
N LYS B 365 47.79 30.37 -1.98
CA LYS B 365 49.11 30.57 -1.41
C LYS B 365 50.19 30.41 -2.48
N LEU B 366 50.09 29.34 -3.27
CA LEU B 366 51.05 29.10 -4.36
C LEU B 366 50.96 30.17 -5.43
N ALA B 367 49.75 30.62 -5.72
CA ALA B 367 49.55 31.64 -6.74
C ALA B 367 50.22 32.94 -6.33
N LYS B 368 50.09 33.31 -5.05
CA LYS B 368 50.66 34.56 -4.55
C LYS B 368 52.19 34.50 -4.48
N GLU B 369 52.71 33.33 -4.10
CA GLU B 369 54.16 33.11 -4.04
C GLU B 369 54.80 33.25 -5.42
N ILE B 370 54.00 33.05 -6.48
CA ILE B 370 54.50 33.15 -7.85
C ILE B 370 54.32 34.55 -8.43
N LEU B 371 53.14 35.12 -8.23
CA LEU B 371 52.82 36.39 -8.87
C LEU B 371 53.24 37.58 -7.99
N GLY B 372 53.32 37.35 -6.68
CA GLY B 372 53.66 38.40 -5.73
C GLY B 372 52.46 39.22 -5.26
N HIS B 373 51.28 38.93 -5.80
CA HIS B 373 50.05 39.52 -5.28
C HIS B 373 48.85 38.56 -5.38
N GLU B 374 47.75 38.97 -4.75
CA GLU B 374 46.52 38.18 -4.74
C GLU B 374 45.60 38.62 -5.89
N ILE B 375 45.14 37.67 -6.71
CA ILE B 375 44.19 37.99 -7.76
C ILE B 375 42.74 37.82 -7.31
N PHE B 376 41.84 38.63 -7.86
CA PHE B 376 40.43 38.53 -7.52
C PHE B 376 39.81 37.27 -8.09
N PHE B 377 39.14 36.52 -7.24
CA PHE B 377 38.44 35.30 -7.63
C PHE B 377 37.31 35.01 -6.64
N ASP B 378 36.08 35.06 -7.11
CA ASP B 378 34.92 35.04 -6.22
C ASP B 378 33.87 34.07 -6.75
N TRP B 379 33.62 33.00 -6.00
CA TRP B 379 32.67 32.00 -6.45
C TRP B 379 31.30 32.10 -5.77
N GLU B 380 31.13 33.09 -4.89
CA GLU B 380 29.79 33.49 -4.44
C GLU B 380 29.02 34.26 -5.54
N LEU B 381 29.70 35.12 -6.28
CA LEU B 381 29.04 36.03 -7.22
C LEU B 381 28.26 35.31 -8.31
N PRO B 382 28.77 34.17 -8.81
CA PRO B 382 28.10 33.49 -9.92
C PRO B 382 26.94 32.59 -9.50
N ARG B 383 26.70 32.44 -8.21
CA ARG B 383 25.66 31.54 -7.71
C ARG B 383 24.33 31.83 -8.40
N VAL B 384 23.63 30.76 -8.78
CA VAL B 384 22.26 30.89 -9.25
C VAL B 384 21.33 31.22 -8.09
N ARG B 385 20.06 31.47 -8.41
CA ARG B 385 19.13 32.06 -7.45
C ARG B 385 18.83 31.14 -6.27
N GLU B 386 18.93 29.83 -6.48
CA GLU B 386 18.78 28.85 -5.39
C GLU B 386 20.00 28.81 -4.48
N GLY B 387 21.08 29.45 -4.91
CA GLY B 387 22.28 29.55 -4.09
C GLY B 387 23.34 28.51 -4.43
N LEU B 388 23.09 27.76 -5.50
CA LEU B 388 24.03 26.72 -5.93
C LEU B 388 25.22 27.32 -6.69
N TYR B 389 26.38 26.70 -6.51
CA TYR B 389 27.62 27.20 -7.10
C TYR B 389 27.83 26.61 -8.49
N ARG B 390 28.45 27.39 -9.36
CA ARG B 390 28.80 26.89 -10.68
C ARG B 390 30.03 26.01 -10.60
N TYR B 391 30.01 24.95 -11.39
CA TYR B 391 30.89 23.81 -11.17
C TYR B 391 31.18 23.24 -12.55
N ARG B 392 32.45 23.11 -12.90
CA ARG B 392 32.79 22.54 -14.19
C ARG B 392 33.11 21.06 -14.05
N GLY B 393 32.09 20.23 -14.30
CA GLY B 393 32.26 18.80 -14.24
C GLY B 393 32.97 18.31 -15.48
N GLY B 394 33.38 17.05 -15.44
CA GLY B 394 34.03 16.41 -16.57
C GLY B 394 34.65 15.11 -16.14
N THR B 395 35.35 14.47 -17.06
CA THR B 395 35.86 13.14 -16.83
C THR B 395 36.80 13.12 -15.61
N GLN B 396 37.69 14.10 -15.53
CA GLN B 396 38.70 14.11 -14.48
C GLN B 396 38.03 14.34 -13.13
N CYS B 397 37.03 15.22 -13.11
CA CYS B 397 36.22 15.41 -11.92
C CYS B 397 35.61 14.09 -11.44
N SER B 398 35.10 13.31 -12.40
CA SER B 398 34.46 12.04 -12.08
C SER B 398 35.48 11.03 -11.53
N ILE B 399 36.70 11.09 -12.06
CA ILE B 399 37.76 10.22 -11.56
C ILE B 399 38.10 10.58 -10.12
N MET B 400 38.17 11.88 -9.84
CA MET B 400 38.48 12.34 -8.49
C MET B 400 37.41 11.79 -7.53
N ARG B 401 36.16 11.91 -7.91
CA ARG B 401 35.05 11.52 -7.06
C ARG B 401 34.94 10.01 -6.90
N ALA B 402 35.07 9.28 -8.01
CA ALA B 402 35.01 7.83 -7.96
C ALA B 402 36.13 7.26 -7.10
N ARG B 403 37.29 7.89 -7.15
CA ARG B 403 38.41 7.50 -6.31
C ARG B 403 38.07 7.69 -4.83
N ALA B 404 37.36 8.77 -4.53
CA ALA B 404 36.96 9.04 -3.16
C ALA B 404 35.89 8.05 -2.72
N PHE B 405 35.07 7.59 -3.65
CA PHE B 405 33.97 6.69 -3.32
C PHE B 405 34.45 5.24 -3.21
N ALA B 406 35.56 4.93 -3.86
CA ALA B 406 35.92 3.54 -4.16
C ALA B 406 36.11 2.68 -2.92
N PRO B 407 36.69 3.25 -1.85
CA PRO B 407 36.89 2.44 -0.66
C PRO B 407 35.57 2.04 -0.02
N TYR B 408 34.49 2.73 -0.37
CA TYR B 408 33.20 2.52 0.28
C TYR B 408 32.18 1.87 -0.68
N ALA B 409 32.67 1.35 -1.80
CA ALA B 409 31.78 0.86 -2.85
C ALA B 409 32.39 -0.32 -3.60
N ASP B 410 31.56 -1.32 -3.88
CA ASP B 410 31.99 -2.51 -4.57
C ASP B 410 32.14 -2.28 -6.09
N LEU B 411 31.33 -1.38 -6.64
CA LEU B 411 31.53 -0.87 -7.99
C LEU B 411 31.43 0.65 -8.01
N VAL B 412 32.16 1.28 -8.92
CA VAL B 412 31.92 2.68 -9.23
C VAL B 412 31.47 2.85 -10.68
N TRP B 413 30.88 4.00 -10.95
CA TRP B 413 30.06 4.19 -12.13
C TRP B 413 30.02 5.68 -12.42
N MET B 414 30.53 6.06 -13.58
CA MET B 414 30.39 7.41 -14.07
C MET B 414 29.19 7.46 -15.01
N GLU B 415 28.14 8.13 -14.57
CA GLU B 415 26.97 8.34 -15.40
C GLU B 415 27.36 9.01 -16.70
N SER B 416 26.97 8.41 -17.82
CA SER B 416 27.27 8.95 -19.13
C SER B 416 25.99 9.03 -19.95
N ASN B 417 25.84 10.12 -20.71
CA ASN B 417 24.70 10.28 -21.60
C ASN B 417 25.10 10.00 -23.04
N TYR B 418 26.40 9.85 -23.26
CA TYR B 418 26.95 9.73 -24.60
C TYR B 418 28.01 8.63 -24.59
N PRO B 419 27.76 7.55 -25.33
CA PRO B 419 28.71 6.43 -25.34
C PRO B 419 30.02 6.81 -26.06
N ASP B 420 31.08 7.01 -25.28
CA ASP B 420 32.35 7.53 -25.80
C ASP B 420 33.46 6.63 -25.31
N PHE B 421 34.01 5.82 -26.21
CA PHE B 421 34.95 4.79 -25.80
C PHE B 421 36.16 5.43 -25.11
N GLN B 422 36.65 6.53 -25.66
CA GLN B 422 37.89 7.15 -25.20
C GLN B 422 37.71 7.68 -23.79
N GLN B 423 36.60 8.33 -23.54
CA GLN B 423 36.27 8.83 -22.20
C GLN B 423 36.12 7.68 -21.20
N ALA B 424 35.50 6.59 -21.63
CA ALA B 424 35.32 5.43 -20.77
C ALA B 424 36.65 4.79 -20.44
N LYS B 425 37.59 4.89 -21.37
CA LYS B 425 38.96 4.43 -21.16
C LYS B 425 39.66 5.31 -20.15
N GLU B 426 39.46 6.63 -20.26
CA GLU B 426 40.11 7.58 -19.36
C GLU B 426 39.63 7.38 -17.93
N PHE B 427 38.32 7.17 -17.77
CA PHE B 427 37.74 6.97 -16.45
C PHE B 427 38.25 5.68 -15.83
N ALA B 428 38.20 4.60 -16.60
CA ALA B 428 38.67 3.30 -16.12
C ALA B 428 40.12 3.38 -15.65
N GLU B 429 40.99 3.93 -16.48
CA GLU B 429 42.42 3.99 -16.18
C GLU B 429 42.70 4.95 -15.02
N GLY B 430 42.00 6.07 -15.00
CA GLY B 430 42.12 7.03 -13.91
C GLY B 430 41.78 6.43 -12.56
N VAL B 431 40.71 5.64 -12.50
CA VAL B 431 40.31 5.01 -11.26
C VAL B 431 41.27 3.87 -10.91
N LYS B 432 41.66 3.09 -11.92
CA LYS B 432 42.41 1.86 -11.69
C LYS B 432 43.85 2.16 -11.30
N GLU B 433 44.31 3.36 -11.61
CA GLU B 433 45.63 3.81 -11.18
C GLU B 433 45.78 3.84 -9.66
N LYS B 434 44.70 4.12 -8.95
CA LYS B 434 44.71 4.11 -7.49
C LYS B 434 44.08 2.85 -6.94
N PHE B 435 43.17 2.26 -7.70
CA PHE B 435 42.47 1.07 -7.26
C PHE B 435 42.44 0.04 -8.38
N PRO B 436 43.56 -0.68 -8.55
CA PRO B 436 43.75 -1.52 -9.74
C PRO B 436 42.75 -2.67 -9.81
N ASP B 437 42.13 -3.01 -8.69
CA ASP B 437 41.17 -4.10 -8.66
C ASP B 437 39.72 -3.62 -8.65
N GLN B 438 39.52 -2.32 -8.82
CA GLN B 438 38.17 -1.74 -8.72
C GLN B 438 37.27 -2.27 -9.83
N TRP B 439 36.10 -2.76 -9.43
CA TRP B 439 35.05 -3.12 -10.40
C TRP B 439 34.38 -1.87 -10.94
N LEU B 440 34.13 -1.85 -12.25
CA LEU B 440 33.49 -0.71 -12.88
C LEU B 440 32.15 -1.11 -13.49
N ALA B 441 31.20 -0.17 -13.48
CA ALA B 441 29.93 -0.36 -14.14
C ALA B 441 29.76 0.74 -15.18
N TYR B 442 28.92 0.47 -16.19
CA TYR B 442 28.67 1.42 -17.27
C TYR B 442 27.21 1.35 -17.70
N ASN B 443 26.55 2.49 -17.81
CA ASN B 443 25.21 2.53 -18.38
C ASN B 443 25.25 2.79 -19.87
N LEU B 444 24.52 1.97 -20.62
CA LEU B 444 24.44 2.10 -22.06
C LEU B 444 23.23 2.95 -22.46
N SER B 445 23.51 4.15 -22.97
CA SER B 445 22.49 5.19 -23.07
C SER B 445 21.41 4.79 -24.04
N PRO B 446 20.15 4.79 -23.60
CA PRO B 446 19.04 4.45 -24.48
C PRO B 446 18.58 5.62 -25.33
N SER B 447 19.06 6.83 -25.05
CA SER B 447 18.69 8.00 -25.84
C SER B 447 19.64 8.22 -27.03
N PHE B 448 20.89 7.79 -26.89
CA PHE B 448 21.86 7.91 -27.99
C PHE B 448 21.29 7.26 -29.24
N ASN B 449 21.60 7.83 -30.41
CA ASN B 449 21.12 7.27 -31.65
C ASN B 449 22.10 6.20 -32.16
N TRP B 450 21.94 4.99 -31.64
CA TRP B 450 22.88 3.93 -31.94
C TRP B 450 22.88 3.55 -33.42
N PRO B 451 21.69 3.42 -34.02
CA PRO B 451 21.60 2.98 -35.42
C PRO B 451 22.30 3.92 -36.41
N LYS B 452 22.27 5.22 -36.12
CA LYS B 452 22.76 6.22 -37.08
C LYS B 452 24.19 6.62 -36.79
N ALA B 453 24.57 6.60 -35.52
CA ALA B 453 25.81 7.24 -35.09
C ALA B 453 26.86 6.18 -34.75
N MET B 454 26.56 4.92 -35.05
CA MET B 454 27.54 3.85 -34.98
C MET B 454 27.25 2.83 -36.05
N SER B 455 28.31 2.33 -36.68
CA SER B 455 28.16 1.22 -37.63
C SER B 455 27.65 -0.02 -36.89
N VAL B 456 27.08 -0.94 -37.65
CA VAL B 456 26.56 -2.16 -37.08
C VAL B 456 27.66 -2.89 -36.29
N ASP B 457 28.87 -2.91 -36.84
CA ASP B 457 30.00 -3.59 -36.20
C ASP B 457 30.38 -2.94 -34.87
N GLU B 458 30.32 -1.62 -34.81
CA GLU B 458 30.61 -0.89 -33.59
C GLU B 458 29.54 -1.14 -32.51
N GLN B 459 28.28 -1.15 -32.93
CA GLN B 459 27.19 -1.59 -32.07
C GLN B 459 27.48 -2.94 -31.46
N HIS B 460 27.92 -3.87 -32.30
CA HIS B 460 28.02 -5.27 -31.92
C HIS B 460 29.15 -5.47 -30.91
N THR B 461 30.18 -4.64 -30.99
CA THR B 461 31.40 -4.87 -30.22
C THR B 461 31.49 -3.96 -29.01
N PHE B 462 30.61 -2.96 -28.94
CA PHE B 462 30.78 -1.90 -27.96
C PHE B 462 30.94 -2.44 -26.54
N ILE B 463 30.06 -3.37 -26.17
CA ILE B 463 30.02 -3.84 -24.80
C ILE B 463 31.26 -4.63 -24.43
N GLN B 464 31.74 -5.47 -25.34
CA GLN B 464 32.94 -6.26 -25.05
C GLN B 464 34.18 -5.36 -25.05
N ARG B 465 34.17 -4.30 -25.85
CA ARG B 465 35.27 -3.34 -25.84
C ARG B 465 35.38 -2.65 -24.48
N LEU B 466 34.25 -2.24 -23.92
CA LEU B 466 34.25 -1.68 -22.56
C LEU B 466 34.56 -2.76 -21.53
N GLY B 467 34.15 -3.99 -21.82
CA GLY B 467 34.50 -5.12 -20.97
C GLY B 467 35.99 -5.32 -20.84
N ASP B 468 36.74 -5.03 -21.90
CA ASP B 468 38.19 -5.20 -21.88
C ASP B 468 38.84 -4.12 -21.02
N LEU B 469 38.11 -3.04 -20.76
CA LEU B 469 38.58 -1.97 -19.90
C LEU B 469 38.29 -2.23 -18.42
N GLY B 470 37.46 -3.22 -18.13
CA GLY B 470 37.11 -3.57 -16.76
C GLY B 470 35.71 -3.16 -16.34
N TYR B 471 34.87 -2.82 -17.31
CA TYR B 471 33.46 -2.58 -17.05
C TYR B 471 32.70 -3.90 -17.04
N ILE B 472 32.54 -4.48 -15.86
CA ILE B 472 32.10 -5.86 -15.74
C ILE B 472 30.59 -5.95 -15.62
N TRP B 473 29.94 -4.82 -15.40
CA TRP B 473 28.48 -4.78 -15.33
C TRP B 473 27.97 -3.62 -16.18
N GLN B 474 27.20 -3.94 -17.21
CA GLN B 474 26.69 -2.95 -18.15
C GLN B 474 25.23 -3.21 -18.44
N PHE B 475 24.46 -2.13 -18.61
CA PHE B 475 23.01 -2.25 -18.62
C PHE B 475 22.37 -1.12 -19.40
N ILE B 476 21.30 -1.43 -20.11
CA ILE B 476 20.44 -0.41 -20.70
C ILE B 476 19.29 -0.12 -19.74
N THR B 477 19.32 1.06 -19.14
CA THR B 477 18.41 1.39 -18.08
C THR B 477 16.98 1.17 -18.54
N LEU B 478 16.66 1.61 -19.75
CA LEU B 478 15.26 1.84 -20.14
C LEU B 478 14.76 0.82 -21.16
N ALA B 479 15.42 -0.32 -21.27
CA ALA B 479 15.13 -1.25 -22.35
C ALA B 479 13.78 -1.95 -22.13
N GLY B 480 13.46 -2.26 -20.88
CA GLY B 480 12.14 -2.80 -20.53
C GLY B 480 11.00 -1.89 -20.99
N LEU B 481 11.17 -0.61 -20.75
CA LEU B 481 10.18 0.38 -21.17
C LEU B 481 10.01 0.41 -22.69
N HIS B 482 11.12 0.37 -23.42
CA HIS B 482 11.07 0.61 -24.86
C HIS B 482 10.54 -0.60 -25.61
N THR B 483 10.99 -1.80 -25.23
CA THR B 483 10.49 -3.01 -25.85
C THR B 483 8.99 -3.16 -25.65
N ASN B 484 8.52 -2.84 -24.44
CA ASN B 484 7.09 -2.86 -24.13
C ASN B 484 6.35 -1.81 -24.98
N ALA B 485 6.90 -0.61 -25.08
CA ALA B 485 6.26 0.49 -25.78
C ALA B 485 6.12 0.18 -27.26
N LEU B 486 7.21 -0.32 -27.86
CA LEU B 486 7.21 -0.65 -29.28
C LEU B 486 6.16 -1.72 -29.58
N ALA B 487 6.17 -2.80 -28.80
CA ALA B 487 5.31 -3.94 -29.06
C ALA B 487 3.83 -3.59 -28.87
N VAL B 488 3.51 -2.81 -27.86
CA VAL B 488 2.13 -2.48 -27.55
C VAL B 488 1.61 -1.35 -28.47
N HIS B 489 2.50 -0.46 -28.88
CA HIS B 489 2.16 0.50 -29.93
C HIS B 489 1.79 -0.22 -31.23
N ASN B 490 2.63 -1.15 -31.65
CA ASN B 490 2.46 -1.79 -32.94
C ASN B 490 1.20 -2.67 -32.94
N PHE B 491 0.96 -3.36 -31.83
CA PHE B 491 -0.21 -4.21 -31.78
C PHE B 491 -1.50 -3.41 -31.69
N SER B 492 -1.46 -2.29 -30.98
CA SER B 492 -2.63 -1.42 -30.90
C SER B 492 -3.02 -0.95 -32.28
N ARG B 493 -2.03 -0.46 -33.03
CA ARG B 493 -2.20 -0.05 -34.41
C ARG B 493 -2.74 -1.20 -35.26
N ASP B 494 -2.08 -2.36 -35.19
CA ASP B 494 -2.41 -3.47 -36.06
C ASP B 494 -3.74 -4.13 -35.67
N PHE B 495 -4.05 -4.13 -34.37
CA PHE B 495 -5.30 -4.70 -33.88
C PHE B 495 -6.48 -3.83 -34.30
N ALA B 496 -6.33 -2.51 -34.23
CA ALA B 496 -7.40 -1.61 -34.64
C ALA B 496 -7.74 -1.86 -36.10
N LYS B 497 -6.75 -2.22 -36.89
CA LYS B 497 -6.89 -2.34 -38.33
C LYS B 497 -7.32 -3.75 -38.73
N ASP B 498 -6.69 -4.76 -38.16
CA ASP B 498 -6.76 -6.12 -38.69
C ASP B 498 -7.35 -7.14 -37.71
N GLY B 499 -7.76 -6.67 -36.53
CA GLY B 499 -8.42 -7.53 -35.55
C GLY B 499 -7.61 -8.76 -35.22
N MET B 500 -8.26 -9.92 -35.21
CA MET B 500 -7.65 -11.13 -34.67
C MET B 500 -6.53 -11.63 -35.60
N LYS B 501 -6.54 -11.20 -36.86
CA LYS B 501 -5.45 -11.52 -37.75
C LYS B 501 -4.14 -10.98 -37.20
N ALA B 502 -4.19 -9.75 -36.68
CA ALA B 502 -3.01 -9.15 -36.07
C ALA B 502 -2.53 -9.94 -34.86
N TYR B 503 -3.46 -10.38 -34.03
CA TYR B 503 -3.09 -11.15 -32.86
C TYR B 503 -2.50 -12.48 -33.29
N ALA B 504 -3.17 -13.15 -34.22
CA ALA B 504 -2.73 -14.46 -34.67
C ALA B 504 -1.29 -14.40 -35.21
N GLN B 505 -1.03 -13.42 -36.09
CA GLN B 505 0.23 -13.41 -36.83
C GLN B 505 1.35 -12.71 -36.06
N ASN B 506 1.03 -11.58 -35.43
CA ASN B 506 2.07 -10.70 -34.87
C ASN B 506 2.37 -10.99 -33.41
N VAL B 507 1.50 -11.78 -32.76
CA VAL B 507 1.74 -12.16 -31.37
C VAL B 507 1.87 -13.69 -31.25
N GLN B 508 0.80 -14.39 -31.58
CA GLN B 508 0.69 -15.80 -31.24
C GLN B 508 1.66 -16.66 -32.05
N GLN B 509 1.62 -16.53 -33.37
CA GLN B 509 2.51 -17.28 -34.25
C GLN B 509 3.96 -17.03 -33.88
N ARG B 510 4.28 -15.78 -33.56
CA ARG B 510 5.64 -15.41 -33.21
C ARG B 510 6.04 -16.03 -31.87
N GLU B 511 5.12 -16.04 -30.91
CA GLU B 511 5.33 -16.73 -29.64
C GLU B 511 5.62 -18.21 -29.87
N MET B 512 4.87 -18.84 -30.75
CA MET B 512 5.07 -20.25 -31.10
C MET B 512 6.45 -20.46 -31.70
N ASP B 513 6.80 -19.63 -32.68
CA ASP B 513 8.07 -19.78 -33.39
C ASP B 513 9.26 -19.56 -32.48
N ASP B 514 9.15 -18.61 -31.56
CA ASP B 514 10.29 -18.18 -30.76
C ASP B 514 10.37 -18.99 -29.46
N GLY B 515 9.36 -19.81 -29.20
CA GLY B 515 9.39 -20.72 -28.06
C GLY B 515 9.14 -20.02 -26.73
N VAL B 516 8.29 -19.00 -26.75
CA VAL B 516 7.97 -18.23 -25.56
C VAL B 516 7.01 -19.01 -24.65
N ASP B 517 7.47 -19.37 -23.46
CA ASP B 517 6.69 -20.27 -22.58
C ASP B 517 5.35 -19.64 -22.17
N VAL B 518 5.30 -18.31 -22.15
CA VAL B 518 4.07 -17.61 -21.75
C VAL B 518 2.91 -17.95 -22.66
N LEU B 519 3.22 -18.38 -23.88
CA LEU B 519 2.21 -18.82 -24.82
C LEU B 519 1.20 -19.76 -24.15
N LYS B 520 1.73 -20.71 -23.37
CA LYS B 520 0.90 -21.60 -22.55
C LYS B 520 0.62 -20.94 -21.21
N HIS B 521 -0.29 -19.97 -21.21
CA HIS B 521 -0.29 -18.97 -20.15
C HIS B 521 -0.76 -19.55 -18.82
N GLN B 522 -1.65 -20.54 -18.86
CA GLN B 522 -2.10 -21.19 -17.62
C GLN B 522 -0.94 -21.89 -16.92
N LYS B 523 -0.21 -22.72 -17.66
CA LYS B 523 0.92 -23.43 -17.07
C LYS B 523 1.99 -22.46 -16.60
N TRP B 524 2.29 -21.46 -17.42
CA TRP B 524 3.33 -20.50 -17.09
C TRP B 524 2.98 -19.75 -15.80
N SER B 525 1.70 -19.45 -15.63
CA SER B 525 1.24 -18.67 -14.48
C SER B 525 1.29 -19.47 -13.19
N GLY B 526 1.42 -20.79 -13.33
CA GLY B 526 1.57 -21.66 -12.17
C GLY B 526 0.28 -22.37 -11.77
N ALA B 527 -0.62 -22.54 -12.73
CA ALA B 527 -1.88 -23.21 -12.48
C ALA B 527 -1.69 -24.64 -11.96
N GLU B 528 -0.74 -25.36 -12.54
CA GLU B 528 -0.50 -26.75 -12.11
C GLU B 528 0.08 -26.79 -10.70
N TYR B 529 0.96 -25.83 -10.39
CA TYR B 529 1.56 -25.74 -9.07
C TYR B 529 0.48 -25.57 -7.99
N ILE B 530 -0.41 -24.62 -8.18
CA ILE B 530 -1.43 -24.32 -7.18
C ILE B 530 -2.49 -25.43 -7.15
N ASP B 531 -2.83 -25.97 -8.31
CA ASP B 531 -3.70 -27.15 -8.36
C ASP B 531 -3.13 -28.27 -7.50
N GLY B 532 -1.81 -28.45 -7.55
CA GLY B 532 -1.14 -29.42 -6.70
C GLY B 532 -1.26 -29.14 -5.20
N LEU B 533 -1.27 -27.87 -4.82
CA LEU B 533 -1.43 -27.52 -3.41
C LEU B 533 -2.84 -27.89 -2.95
N LEU B 534 -3.83 -27.55 -3.78
CA LEU B 534 -5.21 -27.93 -3.54
C LEU B 534 -5.36 -29.42 -3.26
N LYS B 535 -4.79 -30.25 -4.13
CA LYS B 535 -4.97 -31.69 -4.03
C LYS B 535 -4.30 -32.22 -2.76
N LEU B 536 -3.16 -31.66 -2.40
CA LEU B 536 -2.48 -32.06 -1.19
C LEU B 536 -3.32 -31.78 0.06
N ALA B 537 -4.07 -30.68 0.03
CA ALA B 537 -4.77 -30.19 1.22
C ALA B 537 -6.11 -30.89 1.41
N GLN B 538 -6.68 -31.39 0.32
CA GLN B 538 -7.99 -32.01 0.35
C GLN B 538 -7.85 -33.52 0.17
N GLY B 539 -6.61 -34.00 0.26
CA GLY B 539 -6.33 -35.44 0.20
C GLY B 539 -6.23 -36.05 1.59
N GLY B 540 -7.14 -35.63 2.48
CA GLY B 540 -7.16 -36.12 3.85
C GLY B 540 -8.55 -36.54 4.31
N VAL B 541 -8.60 -37.45 5.28
CA VAL B 541 -9.83 -38.16 5.63
C VAL B 541 -10.69 -37.34 6.59
N SER B 542 -12.01 -37.43 6.45
CA SER B 542 -12.93 -37.13 7.55
C SER B 542 -12.68 -38.04 8.74
N ASN C 16 20.86 -30.59 -15.58
CA ASN C 16 19.53 -31.27 -15.78
C ASN C 16 19.62 -32.77 -15.47
N ASP C 17 20.30 -33.12 -14.37
CA ASP C 17 20.54 -34.52 -14.03
C ASP C 17 19.44 -35.06 -13.11
N PHE C 18 18.79 -36.14 -13.57
CA PHE C 18 17.62 -36.69 -12.90
C PHE C 18 17.97 -37.23 -11.52
N ALA C 19 19.00 -38.06 -11.45
CA ALA C 19 19.35 -38.74 -10.21
C ALA C 19 19.76 -37.74 -9.13
N ALA C 20 20.45 -36.67 -9.54
CA ALA C 20 20.87 -35.63 -8.62
C ALA C 20 19.66 -34.90 -8.03
N LEU C 21 18.60 -34.76 -8.83
CA LEU C 21 17.39 -34.11 -8.38
C LEU C 21 16.67 -34.98 -7.35
N GLN C 22 16.49 -36.25 -7.67
CA GLN C 22 15.86 -37.19 -6.75
C GLN C 22 16.61 -37.22 -5.42
N ALA C 23 17.95 -37.19 -5.48
CA ALA C 23 18.77 -37.27 -4.29
C ALA C 23 18.65 -36.00 -3.45
N LYS C 24 18.61 -34.85 -4.13
CA LYS C 24 18.43 -33.57 -3.48
C LYS C 24 17.09 -33.53 -2.73
N LEU C 25 16.04 -34.00 -3.38
CA LEU C 25 14.70 -33.95 -2.81
C LEU C 25 14.57 -34.92 -1.64
N ASP C 26 15.21 -36.08 -1.75
CA ASP C 26 15.20 -37.06 -0.67
C ASP C 26 15.91 -36.51 0.57
N ALA C 27 17.00 -35.79 0.35
CA ALA C 27 17.74 -35.16 1.44
C ALA C 27 16.97 -34.01 2.07
N ASP C 28 16.34 -33.18 1.24
CA ASP C 28 15.43 -32.14 1.73
C ASP C 28 14.31 -32.77 2.56
N ALA C 29 13.71 -33.84 2.05
CA ALA C 29 12.66 -34.57 2.76
C ALA C 29 13.14 -34.99 4.15
N ALA C 30 14.38 -35.44 4.24
CA ALA C 30 14.90 -35.97 5.49
C ALA C 30 15.14 -34.85 6.52
N GLU C 31 15.59 -33.70 6.03
CA GLU C 31 15.68 -32.51 6.90
C GLU C 31 14.30 -32.16 7.46
N ILE C 32 13.28 -32.26 6.62
CA ILE C 32 11.93 -31.91 7.02
C ILE C 32 11.39 -32.93 8.02
N GLU C 33 11.60 -34.20 7.74
CA GLU C 33 11.27 -35.27 8.68
C GLU C 33 11.90 -35.03 10.05
N LYS C 34 13.17 -34.61 10.07
CA LYS C 34 13.87 -34.35 11.33
C LYS C 34 13.20 -33.21 12.09
N TRP C 35 12.98 -32.11 11.39
CA TRP C 35 12.19 -31.01 11.93
C TRP C 35 10.90 -31.50 12.57
N TRP C 36 10.16 -32.33 11.85
CA TRP C 36 8.84 -32.79 12.31
C TRP C 36 8.91 -33.74 13.50
N SER C 37 10.12 -34.22 13.81
CA SER C 37 10.28 -35.14 14.94
C SER C 37 10.53 -34.37 16.24
N ASP C 38 10.74 -33.06 16.13
CA ASP C 38 10.79 -32.21 17.31
C ASP C 38 9.52 -32.35 18.14
N SER C 39 9.66 -32.16 19.44
CA SER C 39 8.57 -32.44 20.38
C SER C 39 7.47 -31.39 20.24
N ARG C 40 7.80 -30.23 19.68
CA ARG C 40 6.80 -29.21 19.37
C ARG C 40 5.65 -29.80 18.55
N TRP C 41 5.91 -30.89 17.83
CA TRP C 41 4.97 -31.41 16.85
C TRP C 41 4.25 -32.66 17.35
N SER C 42 4.37 -32.94 18.65
CA SER C 42 4.02 -34.27 19.18
C SER C 42 2.52 -34.53 19.07
N LYS C 43 1.71 -33.47 19.02
CA LYS C 43 0.27 -33.63 18.92
C LYS C 43 -0.27 -33.27 17.54
N THR C 44 0.64 -33.03 16.60
CA THR C 44 0.26 -32.46 15.30
C THR C 44 0.10 -33.53 14.23
N LYS C 45 -1.12 -33.66 13.71
CA LYS C 45 -1.38 -34.61 12.64
C LYS C 45 -1.14 -33.95 11.28
N ARG C 46 -0.37 -34.61 10.43
CA ARG C 46 -0.10 -34.11 9.08
C ARG C 46 -0.64 -35.06 8.01
N ASN C 47 -1.34 -34.50 7.04
CA ASN C 47 -2.04 -35.32 6.04
C ASN C 47 -1.20 -35.49 4.76
N TYR C 48 0.12 -35.32 4.86
CA TYR C 48 1.00 -35.43 3.70
C TYR C 48 2.39 -35.85 4.16
N SER C 49 3.26 -36.16 3.22
CA SER C 49 4.61 -36.62 3.54
C SER C 49 5.61 -35.47 3.50
N ALA C 50 6.80 -35.71 4.05
CA ALA C 50 7.88 -34.74 4.00
C ALA C 50 8.28 -34.39 2.56
N ARG C 51 8.26 -35.40 1.70
CA ARG C 51 8.70 -35.20 0.33
C ARG C 51 7.64 -34.41 -0.46
N ASP C 52 6.38 -34.58 -0.09
CA ASP C 52 5.32 -33.79 -0.69
C ASP C 52 5.62 -32.30 -0.49
N ILE C 53 6.19 -31.96 0.66
CA ILE C 53 6.50 -30.58 0.98
C ILE C 53 7.79 -30.17 0.27
N ALA C 54 8.77 -31.06 0.24
CA ALA C 54 10.07 -30.77 -0.36
C ALA C 54 9.92 -30.34 -1.81
N VAL C 55 9.02 -30.99 -2.55
CA VAL C 55 8.89 -30.72 -3.97
C VAL C 55 8.13 -29.42 -4.24
N ARG C 56 7.63 -28.79 -3.17
CA ARG C 56 6.74 -27.65 -3.33
C ARG C 56 7.34 -26.34 -2.83
N ARG C 57 8.56 -26.39 -2.29
CA ARG C 57 9.11 -25.23 -1.58
C ARG C 57 10.26 -24.56 -2.33
N GLY C 58 10.54 -25.02 -3.54
CA GLY C 58 11.50 -24.32 -4.41
C GLY C 58 12.95 -24.61 -4.07
N THR C 59 13.87 -23.97 -4.79
CA THR C 59 15.29 -24.26 -4.68
C THR C 59 16.04 -23.20 -3.89
N PHE C 60 15.35 -22.14 -3.48
CA PHE C 60 15.95 -21.17 -2.58
C PHE C 60 16.31 -21.84 -1.26
N PRO C 61 17.47 -21.52 -0.69
CA PRO C 61 17.81 -22.02 0.64
C PRO C 61 16.66 -21.79 1.62
N PRO C 62 16.39 -22.77 2.49
CA PRO C 62 15.37 -22.56 3.51
C PRO C 62 15.58 -21.27 4.27
N ILE C 63 14.52 -20.46 4.37
CA ILE C 63 14.56 -19.21 5.08
C ILE C 63 14.06 -19.45 6.51
N GLU C 64 14.78 -18.92 7.48
CA GLU C 64 14.23 -18.76 8.82
C GLU C 64 13.53 -17.41 8.93
N TYR C 65 12.20 -17.42 9.01
CA TYR C 65 11.43 -16.19 9.15
C TYR C 65 11.41 -15.74 10.60
N PRO C 66 11.57 -14.43 10.83
CA PRO C 66 11.52 -13.91 12.19
C PRO C 66 10.26 -14.36 12.92
N SER C 67 9.15 -14.46 12.21
CA SER C 67 7.89 -14.89 12.81
C SER C 67 8.03 -16.27 13.44
N SER C 68 8.86 -17.12 12.84
CA SER C 68 9.00 -18.49 13.31
C SER C 68 9.75 -18.53 14.63
N VAL C 69 10.71 -17.62 14.79
CA VAL C 69 11.39 -17.45 16.05
C VAL C 69 10.39 -17.12 17.15
N MET C 70 9.44 -16.24 16.83
CA MET C 70 8.44 -15.83 17.81
C MET C 70 7.44 -16.94 18.07
N ALA C 71 7.16 -17.74 17.05
CA ALA C 71 6.31 -18.91 17.20
C ALA C 71 6.89 -19.90 18.21
N ARG C 72 8.20 -20.14 18.14
CA ARG C 72 8.85 -21.06 19.07
C ARG C 72 8.81 -20.51 20.49
N LYS C 73 8.99 -19.20 20.62
CA LYS C 73 8.88 -18.55 21.91
C LYS C 73 7.45 -18.68 22.44
N LEU C 74 6.47 -18.48 21.56
CA LEU C 74 5.06 -18.55 21.95
C LEU C 74 4.72 -19.95 22.45
N PHE C 75 5.21 -20.96 21.74
CA PHE C 75 4.95 -22.33 22.14
C PHE C 75 5.44 -22.59 23.56
N LYS C 76 6.64 -22.11 23.86
CA LYS C 76 7.25 -22.36 25.15
C LYS C 76 6.52 -21.60 26.24
N VAL C 77 6.08 -20.38 25.92
CA VAL C 77 5.32 -19.58 26.88
C VAL C 77 4.04 -20.30 27.25
N LEU C 78 3.37 -20.87 26.25
CA LEU C 78 2.06 -21.50 26.45
C LEU C 78 2.23 -22.86 27.11
N GLU C 79 3.26 -23.58 26.71
CA GLU C 79 3.58 -24.85 27.35
C GLU C 79 3.79 -24.67 28.85
N LYS C 80 4.50 -23.61 29.22
CA LYS C 80 4.81 -23.36 30.61
C LYS C 80 3.55 -23.03 31.41
N HIS C 81 2.66 -22.22 30.84
CA HIS C 81 1.39 -21.91 31.48
C HIS C 81 0.54 -23.17 31.67
N HIS C 82 0.55 -24.03 30.67
CA HIS C 82 -0.19 -25.29 30.71
C HIS C 82 0.33 -26.17 31.86
N ASN C 83 1.65 -26.29 31.94
CA ASN C 83 2.27 -27.16 32.94
C ASN C 83 2.00 -26.64 34.35
N GLU C 84 1.96 -25.32 34.51
CA GLU C 84 1.90 -24.71 35.83
C GLU C 84 0.50 -24.30 36.22
N GLY C 85 -0.46 -24.49 35.30
CA GLY C 85 -1.86 -24.19 35.57
C GLY C 85 -2.14 -22.69 35.65
N THR C 86 -1.37 -21.90 34.91
CA THR C 86 -1.59 -20.45 34.84
C THR C 86 -2.08 -20.00 33.46
N VAL C 87 -2.22 -18.70 33.27
CA VAL C 87 -2.83 -18.13 32.06
C VAL C 87 -1.95 -17.04 31.47
N SER C 88 -1.71 -17.10 30.16
CA SER C 88 -1.28 -15.93 29.40
C SER C 88 -2.48 -15.01 29.11
N LYS C 89 -2.51 -13.87 29.78
CA LYS C 89 -3.54 -12.86 29.55
C LYS C 89 -3.07 -11.83 28.54
N THR C 90 -3.96 -11.44 27.63
CA THR C 90 -3.66 -10.30 26.76
C THR C 90 -4.94 -9.64 26.24
N PHE C 91 -4.79 -8.70 25.33
CA PHE C 91 -5.93 -8.09 24.66
C PHE C 91 -5.53 -7.54 23.31
N GLY C 92 -6.51 -7.12 22.52
CA GLY C 92 -6.25 -6.66 21.16
C GLY C 92 -5.56 -5.30 21.12
N ALA C 93 -4.45 -5.22 20.40
CA ALA C 93 -3.64 -4.01 20.34
C ALA C 93 -3.88 -3.25 19.03
N LEU C 94 -3.95 -1.92 19.12
CA LEU C 94 -4.25 -1.07 17.96
C LEU C 94 -3.01 -0.67 17.17
N ASP C 95 -1.90 -0.43 17.86
CA ASP C 95 -0.84 0.41 17.31
C ASP C 95 0.45 0.27 18.13
N PRO C 96 1.56 0.82 17.62
CA PRO C 96 2.86 0.73 18.25
C PRO C 96 2.92 1.32 19.67
N VAL C 97 2.17 2.38 19.92
CA VAL C 97 2.11 2.93 21.27
C VAL C 97 1.64 1.84 22.21
N GLN C 98 0.59 1.15 21.81
CA GLN C 98 -0.06 0.19 22.69
C GLN C 98 0.85 -0.99 23.02
N ILE C 99 1.49 -1.57 22.00
CA ILE C 99 2.36 -2.72 22.24
C ILE C 99 3.62 -2.31 23.01
N SER C 100 3.99 -1.04 22.91
CA SER C 100 5.18 -0.55 23.63
C SER C 100 4.91 -0.50 25.13
N GLN C 101 3.64 -0.36 25.51
CA GLN C 101 3.26 -0.35 26.92
C GLN C 101 2.90 -1.76 27.38
N MET C 102 2.20 -2.49 26.51
CA MET C 102 1.77 -3.84 26.83
C MET C 102 2.97 -4.75 27.10
N ALA C 103 4.08 -4.48 26.43
CA ALA C 103 5.24 -5.37 26.48
C ALA C 103 5.76 -5.46 27.91
N LYS C 104 5.49 -4.43 28.69
CA LYS C 104 6.00 -4.34 30.04
C LYS C 104 5.30 -5.33 30.97
N TYR C 105 4.05 -5.66 30.65
CA TYR C 105 3.16 -6.33 31.61
C TYR C 105 2.60 -7.66 31.11
N LEU C 106 2.67 -7.90 29.80
CA LEU C 106 1.99 -9.04 29.19
C LEU C 106 2.96 -9.86 28.36
N ASP C 107 2.66 -11.14 28.17
CA ASP C 107 3.59 -12.05 27.53
C ASP C 107 3.08 -12.57 26.17
N THR C 108 1.91 -12.12 25.76
CA THR C 108 1.47 -12.25 24.37
C THR C 108 0.74 -11.00 23.92
N ILE C 109 0.67 -10.80 22.60
CA ILE C 109 -0.10 -9.73 22.01
C ILE C 109 -1.17 -10.34 21.13
N TYR C 110 -2.38 -9.80 21.18
CA TYR C 110 -3.43 -10.22 20.28
C TYR C 110 -3.74 -9.13 19.25
N ILE C 111 -4.01 -9.56 18.02
CA ILE C 111 -4.48 -8.63 17.01
C ILE C 111 -5.87 -9.03 16.53
N SER C 112 -6.80 -8.10 16.63
CA SER C 112 -8.22 -8.36 16.45
C SER C 112 -8.65 -7.92 15.06
N GLY C 113 -9.32 -8.81 14.33
CA GLY C 113 -9.92 -8.47 13.06
C GLY C 113 -11.05 -7.46 13.21
N TRP C 114 -11.77 -7.56 14.32
CA TRP C 114 -12.81 -6.59 14.65
C TRP C 114 -12.21 -5.18 14.71
N GLN C 115 -11.11 -5.03 15.44
CA GLN C 115 -10.48 -3.73 15.58
C GLN C 115 -9.90 -3.28 14.23
N CYS C 116 -9.45 -4.23 13.44
CA CYS C 116 -8.90 -3.91 12.12
C CYS C 116 -9.97 -3.35 11.17
N SER C 117 -11.19 -3.88 11.25
CA SER C 117 -12.23 -3.42 10.33
C SER C 117 -12.66 -2.00 10.66
N SER C 118 -12.59 -1.64 11.94
CA SER C 118 -12.92 -0.29 12.38
C SER C 118 -11.74 0.69 12.28
N THR C 119 -10.51 0.20 12.29
CA THR C 119 -9.35 1.08 12.44
C THR C 119 -8.17 0.87 11.48
N ALA C 120 -8.19 -0.15 10.63
CA ALA C 120 -6.93 -0.54 10.00
C ALA C 120 -7.00 -1.23 8.64
N SER C 121 -8.16 -1.22 8.00
CA SER C 121 -8.26 -1.72 6.64
C SER C 121 -7.22 -1.08 5.75
N THR C 122 -6.60 -1.88 4.88
CA THR C 122 -5.58 -1.36 3.97
C THR C 122 -6.18 -0.50 2.85
N SER C 123 -7.50 -0.47 2.75
CA SER C 123 -8.17 0.47 1.83
C SER C 123 -8.59 1.74 2.56
N ASN C 124 -8.41 1.76 3.87
CA ASN C 124 -8.82 2.89 4.71
C ASN C 124 -10.35 3.03 4.81
N GLU C 125 -11.09 2.08 4.25
CA GLU C 125 -12.54 2.07 4.40
C GLU C 125 -12.93 1.22 5.59
N PRO C 126 -13.47 1.86 6.64
CA PRO C 126 -13.78 1.16 7.88
C PRO C 126 -15.16 0.54 7.81
N GLY C 127 -15.55 -0.16 8.87
CA GLY C 127 -16.91 -0.67 8.98
C GLY C 127 -16.94 -1.80 9.97
N PRO C 128 -18.12 -2.43 10.14
CA PRO C 128 -18.32 -3.47 11.15
C PRO C 128 -17.64 -4.77 10.77
N ASP C 129 -17.55 -5.70 11.73
CA ASP C 129 -16.70 -6.87 11.59
C ASP C 129 -17.33 -7.89 10.64
N LEU C 130 -16.93 -7.83 9.38
CA LEU C 130 -17.44 -8.75 8.37
C LEU C 130 -16.29 -9.40 7.60
N ALA C 131 -15.06 -9.16 8.05
CA ALA C 131 -13.87 -9.63 7.35
C ALA C 131 -13.96 -9.33 5.86
N ASP C 132 -14.45 -8.15 5.53
CA ASP C 132 -14.56 -7.75 4.12
C ASP C 132 -13.65 -6.56 3.75
N TYR C 133 -12.71 -6.22 4.62
CA TYR C 133 -11.50 -5.52 4.18
C TYR C 133 -10.66 -6.40 3.26
N PRO C 134 -9.73 -5.80 2.53
CA PRO C 134 -8.81 -6.60 1.73
C PRO C 134 -7.96 -7.54 2.61
N MET C 135 -7.63 -8.70 2.09
CA MET C 135 -7.16 -9.81 2.92
C MET C 135 -5.78 -9.52 3.52
N ASP C 136 -5.07 -8.53 3.00
CA ASP C 136 -3.77 -8.16 3.55
C ASP C 136 -3.87 -7.29 4.82
N THR C 137 -5.10 -7.05 5.28
CA THR C 137 -5.33 -6.06 6.33
C THR C 137 -4.70 -6.49 7.66
N VAL C 138 -5.00 -7.70 8.10
CA VAL C 138 -4.52 -8.12 9.41
C VAL C 138 -3.03 -8.47 9.39
N PRO C 139 -2.57 -9.11 8.32
CA PRO C 139 -1.12 -9.24 8.15
C PRO C 139 -0.37 -7.91 8.15
N ASN C 140 -0.96 -6.87 7.58
CA ASN C 140 -0.33 -5.55 7.61
C ASN C 140 -0.26 -5.02 9.04
N LYS C 141 -1.33 -5.24 9.81
CA LYS C 141 -1.33 -4.85 11.21
C LYS C 141 -0.26 -5.62 11.99
N VAL C 142 -0.09 -6.90 11.68
CA VAL C 142 0.97 -7.67 12.31
C VAL C 142 2.32 -7.01 12.05
N GLU C 143 2.60 -6.68 10.79
CA GLU C 143 3.85 -6.01 10.45
C GLU C 143 3.94 -4.68 11.18
N HIS C 144 2.82 -3.98 11.25
CA HIS C 144 2.77 -2.68 11.90
C HIS C 144 3.30 -2.77 13.33
N LEU C 145 2.84 -3.78 14.06
CA LEU C 145 3.21 -3.93 15.45
C LEU C 145 4.58 -4.59 15.59
N PHE C 146 4.84 -5.55 14.72
CA PHE C 146 6.06 -6.35 14.84
C PHE C 146 7.30 -5.48 14.58
N LYS C 147 7.26 -4.64 13.56
CA LYS C 147 8.41 -3.82 13.23
C LYS C 147 8.63 -2.75 14.30
N ALA C 148 7.54 -2.34 14.94
CA ALA C 148 7.63 -1.43 16.09
C ALA C 148 8.31 -2.14 17.26
N GLN C 149 7.96 -3.40 17.49
CA GLN C 149 8.61 -4.18 18.52
C GLN C 149 10.11 -4.24 18.27
N LEU C 150 10.50 -4.59 17.04
CA LEU C 150 11.91 -4.71 16.70
C LEU C 150 12.65 -3.40 16.87
N PHE C 151 11.99 -2.30 16.51
CA PHE C 151 12.62 -1.00 16.58
C PHE C 151 12.89 -0.61 18.03
N HIS C 152 11.90 -0.81 18.88
CA HIS C 152 12.04 -0.46 20.28
C HIS C 152 13.05 -1.36 20.97
N ASP C 153 13.11 -2.62 20.53
CA ASP C 153 14.15 -3.52 21.00
C ASP C 153 15.55 -2.98 20.66
N ARG C 154 15.74 -2.53 19.43
CA ARG C 154 17.03 -2.00 19.02
C ARG C 154 17.37 -0.76 19.83
N LYS C 155 16.39 0.14 19.94
CA LYS C 155 16.55 1.36 20.73
C LYS C 155 16.99 1.06 22.15
N GLN C 156 16.34 0.11 22.79
CA GLN C 156 16.57 -0.17 24.20
C GLN C 156 17.96 -0.78 24.42
N LEU C 157 18.36 -1.71 23.54
CA LEU C 157 19.68 -2.31 23.67
C LEU C 157 20.76 -1.25 23.54
N GLU C 158 20.61 -0.36 22.58
CA GLU C 158 21.61 0.68 22.35
C GLU C 158 21.70 1.56 23.59
N ALA C 159 20.54 1.94 24.14
CA ALA C 159 20.51 2.77 25.34
C ALA C 159 21.24 2.11 26.52
N ARG C 160 21.01 0.81 26.68
CA ARG C 160 21.55 0.08 27.82
C ARG C 160 23.04 -0.20 27.63
N SER C 161 23.48 -0.23 26.38
CA SER C 161 24.89 -0.44 26.06
C SER C 161 25.76 0.72 26.54
N LYS C 162 25.12 1.84 26.87
CA LYS C 162 25.85 3.05 27.29
C LYS C 162 26.14 3.06 28.79
N ALA C 163 25.53 2.14 29.52
CA ALA C 163 25.79 1.99 30.95
C ALA C 163 27.24 1.55 31.17
N LYS C 164 27.93 2.20 32.12
CA LYS C 164 29.34 1.95 32.35
C LYS C 164 29.55 1.01 33.54
N SER C 165 28.48 0.74 34.30
CA SER C 165 28.57 -0.08 35.50
C SER C 165 27.21 -0.68 35.86
N GLN C 166 27.21 -1.68 36.73
CA GLN C 166 25.98 -2.31 37.19
C GLN C 166 25.00 -1.28 37.77
N GLU C 167 25.54 -0.27 38.46
CA GLU C 167 24.70 0.73 39.12
C GLU C 167 24.00 1.61 38.08
N GLU C 168 24.74 2.02 37.05
CA GLU C 168 24.16 2.83 35.97
C GLU C 168 23.06 2.06 35.25
N LEU C 169 23.24 0.75 35.13
CA LEU C 169 22.27 -0.10 34.45
C LEU C 169 21.00 -0.26 35.29
N ASP C 170 21.18 -0.46 36.59
CA ASP C 170 20.07 -0.52 37.53
C ASP C 170 19.23 0.75 37.49
N GLU C 171 19.89 1.88 37.24
CA GLU C 171 19.21 3.17 37.22
C GLU C 171 18.25 3.28 36.03
N MET C 172 18.53 2.53 34.97
CA MET C 172 17.71 2.56 33.76
C MET C 172 16.45 1.74 33.95
N GLY C 173 16.45 0.86 34.94
CA GLY C 173 15.33 -0.01 35.20
C GLY C 173 15.52 -1.38 34.56
N ALA C 174 14.67 -2.32 34.93
CA ALA C 174 14.64 -3.62 34.29
C ALA C 174 14.31 -3.47 32.80
N PRO C 175 14.95 -4.29 31.96
CA PRO C 175 14.68 -4.24 30.53
C PRO C 175 13.26 -4.68 30.23
N ILE C 176 12.60 -3.97 29.32
CA ILE C 176 11.31 -4.41 28.80
C ILE C 176 11.54 -5.44 27.70
N ASP C 177 10.81 -6.55 27.76
CA ASP C 177 10.83 -7.52 26.68
C ASP C 177 9.84 -7.09 25.59
N TYR C 178 10.35 -6.45 24.55
CA TYR C 178 9.52 -5.92 23.47
C TYR C 178 9.12 -7.02 22.49
N LEU C 179 9.84 -8.15 22.54
CA LEU C 179 9.63 -9.24 21.60
C LEU C 179 8.49 -10.12 22.08
N THR C 180 7.28 -9.56 22.07
CA THR C 180 6.11 -10.24 22.61
C THR C 180 5.37 -10.95 21.48
N PRO C 181 5.31 -12.28 21.53
CA PRO C 181 4.74 -13.04 20.43
C PRO C 181 3.33 -12.59 20.09
N ILE C 182 3.02 -12.52 18.80
CA ILE C 182 1.74 -12.00 18.33
C ILE C 182 0.86 -13.14 17.80
N VAL C 183 -0.36 -13.22 18.28
CA VAL C 183 -1.39 -14.08 17.68
C VAL C 183 -2.44 -13.24 16.96
N ALA C 184 -2.70 -13.57 15.71
CA ALA C 184 -3.47 -12.69 14.84
C ALA C 184 -4.71 -13.38 14.27
N ASP C 185 -5.74 -12.58 14.04
CA ASP C 185 -7.02 -13.04 13.51
C ASP C 185 -6.91 -13.27 12.01
N ALA C 186 -7.09 -14.52 11.59
CA ALA C 186 -7.12 -14.86 10.17
C ALA C 186 -8.55 -15.08 9.68
N ASP C 187 -9.51 -14.59 10.47
CA ASP C 187 -10.92 -14.64 10.09
C ASP C 187 -11.37 -16.05 9.66
N ALA C 188 -12.01 -16.15 8.50
CA ALA C 188 -12.46 -17.43 8.00
C ALA C 188 -11.69 -17.85 6.74
N GLY C 189 -10.56 -17.20 6.50
CA GLY C 189 -9.69 -17.60 5.38
C GLY C 189 -9.77 -16.68 4.18
N HIS C 190 -10.78 -15.82 4.15
CA HIS C 190 -10.94 -14.84 3.07
C HIS C 190 -11.06 -15.48 1.70
N GLY C 191 -11.77 -16.60 1.64
CA GLY C 191 -12.08 -17.25 0.37
C GLY C 191 -11.81 -18.75 0.40
N GLY C 192 -11.38 -19.30 -0.72
CA GLY C 192 -11.11 -20.72 -0.80
C GLY C 192 -9.78 -21.10 -0.20
N LEU C 193 -9.38 -22.35 -0.36
CA LEU C 193 -8.18 -22.84 0.26
C LEU C 193 -6.93 -22.17 -0.31
N THR C 194 -7.01 -21.67 -1.53
CA THR C 194 -5.87 -20.98 -2.12
C THR C 194 -5.69 -19.60 -1.48
N ALA C 195 -6.79 -18.99 -1.08
CA ALA C 195 -6.74 -17.75 -0.31
C ALA C 195 -6.19 -18.02 1.09
N VAL C 196 -6.65 -19.10 1.71
CA VAL C 196 -6.16 -19.48 3.02
C VAL C 196 -4.63 -19.59 2.97
N PHE C 197 -4.12 -20.21 1.92
CA PHE C 197 -2.69 -20.42 1.75
C PHE C 197 -1.97 -19.09 1.66
N LYS C 198 -2.48 -18.20 0.81
CA LYS C 198 -1.82 -16.91 0.58
C LYS C 198 -1.89 -16.03 1.82
N LEU C 199 -2.99 -16.12 2.54
CA LEU C 199 -3.17 -15.36 3.77
C LEU C 199 -2.15 -15.83 4.81
N THR C 200 -2.04 -17.15 4.98
CA THR C 200 -1.06 -17.69 5.91
C THR C 200 0.36 -17.25 5.56
N LYS C 201 0.67 -17.24 4.28
CA LYS C 201 1.99 -16.85 3.80
C LYS C 201 2.32 -15.42 4.21
N MET C 202 1.38 -14.51 4.00
CA MET C 202 1.57 -13.12 4.41
C MET C 202 1.83 -13.03 5.90
N PHE C 203 1.01 -13.74 6.69
CA PHE C 203 1.14 -13.69 8.13
C PHE C 203 2.53 -14.14 8.58
N ILE C 204 3.05 -15.17 7.95
CA ILE C 204 4.34 -15.70 8.32
C ILE C 204 5.45 -14.73 7.90
N GLU C 205 5.28 -14.13 6.73
CA GLU C 205 6.29 -13.18 6.24
C GLU C 205 6.36 -11.94 7.14
N ARG C 206 5.25 -11.59 7.77
CA ARG C 206 5.11 -10.25 8.33
C ARG C 206 5.13 -10.22 9.84
N GLY C 207 5.07 -11.39 10.47
CA GLY C 207 5.64 -11.57 11.80
C GLY C 207 4.73 -12.26 12.81
N ALA C 208 3.75 -13.00 12.33
CA ALA C 208 2.78 -13.66 13.21
C ALA C 208 3.37 -14.91 13.85
N ALA C 209 3.37 -14.96 15.19
CA ALA C 209 3.75 -16.16 15.92
C ALA C 209 2.65 -17.22 15.88
N GLY C 210 1.41 -16.76 15.78
CA GLY C 210 0.27 -17.67 15.60
C GLY C 210 -0.89 -16.94 14.95
N ILE C 211 -1.82 -17.70 14.39
CA ILE C 211 -3.06 -17.14 13.86
C ILE C 211 -4.23 -18.02 14.23
N HIS C 212 -5.43 -17.44 14.27
CA HIS C 212 -6.63 -18.23 14.45
C HIS C 212 -7.59 -18.11 13.28
N MET C 213 -8.24 -19.23 12.96
CA MET C 213 -9.21 -19.26 11.88
C MET C 213 -10.46 -20.01 12.33
N GLU C 214 -11.62 -19.51 11.89
CA GLU C 214 -12.90 -19.92 12.45
C GLU C 214 -13.75 -20.60 11.38
N ASP C 215 -14.67 -21.46 11.82
CA ASP C 215 -15.47 -22.27 10.90
C ASP C 215 -16.72 -21.54 10.40
N GLN C 216 -16.61 -20.24 10.15
CA GLN C 216 -17.67 -19.50 9.47
C GLN C 216 -17.47 -19.51 7.96
N THR C 217 -18.47 -19.03 7.23
CA THR C 217 -18.33 -18.75 5.81
C THR C 217 -17.56 -17.46 5.61
N SER C 218 -17.07 -17.24 4.40
CA SER C 218 -16.60 -15.93 3.98
C SER C 218 -17.58 -15.24 3.02
N THR C 219 -18.72 -15.87 2.76
CA THR C 219 -19.66 -15.38 1.75
C THR C 219 -21.03 -15.03 2.31
N ASN C 220 -21.29 -15.42 3.55
CA ASN C 220 -22.62 -15.25 4.14
C ASN C 220 -22.51 -14.66 5.53
N LYS C 221 -21.46 -13.87 5.75
CA LYS C 221 -21.26 -13.22 7.03
C LYS C 221 -22.33 -12.16 7.26
N LYS C 222 -22.75 -12.01 8.52
CA LYS C 222 -23.78 -11.04 8.87
C LYS C 222 -23.34 -10.23 10.09
N CYS C 223 -23.97 -9.06 10.28
CA CYS C 223 -23.56 -8.17 11.34
C CYS C 223 -24.75 -7.64 12.13
N GLY C 224 -25.96 -7.82 11.60
CA GLY C 224 -27.17 -7.48 12.34
C GLY C 224 -27.15 -8.05 13.75
N HIS C 225 -27.62 -7.27 14.71
CA HIS C 225 -27.92 -7.79 16.05
C HIS C 225 -28.90 -8.97 15.96
N MET C 226 -29.93 -8.80 15.13
CA MET C 226 -30.88 -9.86 14.81
C MET C 226 -30.22 -11.19 14.41
N ALA C 227 -29.13 -11.13 13.66
CA ALA C 227 -29.13 -11.57 12.26
C ALA C 227 -29.03 -13.09 12.11
N GLY C 228 -28.38 -13.75 13.05
CA GLY C 228 -28.04 -15.17 12.89
C GLY C 228 -26.64 -15.35 12.31
N ARG C 229 -26.25 -16.60 12.07
CA ARG C 229 -24.84 -16.93 11.89
C ARG C 229 -24.63 -18.30 11.25
N CYS C 230 -23.93 -18.32 10.12
CA CYS C 230 -23.75 -19.53 9.34
C CYS C 230 -22.35 -20.09 9.57
N VAL C 231 -22.26 -21.40 9.83
CA VAL C 231 -20.99 -22.11 9.80
C VAL C 231 -20.85 -22.98 8.55
N ILE C 232 -19.65 -23.53 8.36
CA ILE C 232 -19.38 -24.44 7.26
C ILE C 232 -19.25 -25.87 7.78
N PRO C 233 -19.40 -26.85 6.88
CA PRO C 233 -19.21 -28.26 7.23
C PRO C 233 -17.88 -28.51 7.95
N VAL C 234 -17.89 -29.48 8.86
CA VAL C 234 -16.72 -29.74 9.70
C VAL C 234 -15.46 -29.90 8.83
N GLN C 235 -15.54 -30.75 7.82
CA GLN C 235 -14.34 -31.14 7.06
C GLN C 235 -13.76 -29.95 6.32
N GLU C 236 -14.63 -29.06 5.87
CA GLU C 236 -14.19 -27.89 5.13
C GLU C 236 -13.26 -27.05 5.99
N HIS C 237 -13.59 -26.90 7.26
CA HIS C 237 -12.71 -26.17 8.16
C HIS C 237 -11.45 -26.96 8.50
N VAL C 238 -11.57 -28.27 8.68
CA VAL C 238 -10.38 -29.11 8.84
C VAL C 238 -9.41 -28.83 7.70
N ASN C 239 -9.94 -28.74 6.47
CA ASN C 239 -9.09 -28.55 5.31
C ASN C 239 -8.40 -27.18 5.33
N ARG C 240 -9.10 -26.18 5.85
CA ARG C 240 -8.50 -24.87 6.08
C ARG C 240 -7.28 -25.01 6.99
N LEU C 241 -7.46 -25.70 8.11
CA LEU C 241 -6.38 -25.84 9.09
C LEU C 241 -5.21 -26.64 8.52
N VAL C 242 -5.50 -27.67 7.75
CA VAL C 242 -4.49 -28.42 7.03
C VAL C 242 -3.71 -27.52 6.06
N THR C 243 -4.40 -26.57 5.45
CA THR C 243 -3.79 -25.72 4.44
C THR C 243 -2.88 -24.69 5.08
N ILE C 244 -3.29 -24.15 6.23
CA ILE C 244 -2.42 -23.31 7.04
C ILE C 244 -1.11 -24.04 7.41
N ARG C 245 -1.25 -25.25 7.95
CA ARG C 245 -0.07 -26.02 8.37
C ARG C 245 0.81 -26.37 7.18
N MET C 246 0.19 -26.59 6.02
CA MET C 246 0.92 -26.92 4.80
C MET C 246 1.80 -25.76 4.36
N CYS C 247 1.23 -24.56 4.37
CA CYS C 247 1.96 -23.36 4.06
C CYS C 247 3.11 -23.17 5.05
N ALA C 248 2.81 -23.34 6.33
CA ALA C 248 3.84 -23.22 7.36
C ALA C 248 4.95 -24.21 7.13
N ASP C 249 4.60 -25.43 6.73
CA ASP C 249 5.61 -26.47 6.48
C ASP C 249 6.47 -26.11 5.29
N ILE C 250 5.84 -25.56 4.26
CA ILE C 250 6.58 -25.14 3.08
C ILE C 250 7.56 -24.01 3.42
N MET C 251 7.21 -23.21 4.41
CA MET C 251 8.00 -22.04 4.78
C MET C 251 8.85 -22.29 6.02
N HIS C 252 8.87 -23.54 6.46
CA HIS C 252 9.65 -23.94 7.61
C HIS C 252 9.33 -23.12 8.86
N SER C 253 8.07 -22.82 9.08
CA SER C 253 7.65 -22.05 10.24
C SER C 253 7.01 -22.93 11.31
N ASP C 254 7.27 -22.62 12.57
CA ASP C 254 6.66 -23.32 13.70
C ASP C 254 5.32 -22.70 14.10
N LEU C 255 4.80 -21.83 13.24
CA LEU C 255 3.54 -21.13 13.45
C LEU C 255 2.51 -21.89 14.31
N ILE C 256 2.06 -21.25 15.38
CA ILE C 256 0.97 -21.76 16.18
C ILE C 256 -0.35 -21.54 15.46
N VAL C 257 -1.20 -22.58 15.49
CA VAL C 257 -2.50 -22.51 14.84
C VAL C 257 -3.59 -22.66 15.89
N VAL C 258 -4.52 -21.71 15.90
CA VAL C 258 -5.67 -21.77 16.79
C VAL C 258 -6.93 -22.01 15.98
N ALA C 259 -7.62 -23.11 16.28
CA ALA C 259 -8.88 -23.42 15.62
C ALA C 259 -10.03 -22.91 16.44
N ARG C 260 -10.85 -22.04 15.84
CA ARG C 260 -12.00 -21.49 16.52
C ARG C 260 -13.27 -22.01 15.88
N THR C 261 -14.22 -22.44 16.70
CA THR C 261 -15.56 -22.74 16.22
C THR C 261 -16.55 -21.68 16.67
N ASP C 262 -17.41 -21.26 15.76
CA ASP C 262 -18.45 -20.28 16.05
C ASP C 262 -19.80 -20.98 16.15
N SER C 263 -19.78 -22.28 16.45
CA SER C 263 -20.98 -23.12 16.34
C SER C 263 -21.89 -23.00 17.57
N GLU C 264 -21.40 -22.37 18.63
CA GLU C 264 -22.16 -22.28 19.86
C GLU C 264 -23.45 -21.51 19.66
N ALA C 265 -23.42 -20.51 18.79
CA ALA C 265 -24.62 -19.71 18.50
C ALA C 265 -24.96 -19.69 17.02
N ALA C 266 -24.47 -20.69 16.29
CA ALA C 266 -24.79 -20.82 14.88
C ALA C 266 -26.27 -21.15 14.70
N THR C 267 -26.89 -20.58 13.68
CA THR C 267 -28.28 -20.89 13.34
C THR C 267 -28.40 -21.46 11.93
N LEU C 268 -27.29 -21.48 11.20
CA LEU C 268 -27.29 -21.89 9.81
C LEU C 268 -26.03 -22.65 9.49
N ILE C 269 -26.11 -23.54 8.49
CA ILE C 269 -24.93 -24.19 7.95
C ILE C 269 -25.03 -24.20 6.42
N SER C 270 -23.88 -24.15 5.76
CA SER C 270 -23.82 -23.84 4.34
C SER C 270 -24.13 -25.07 3.50
N SER C 271 -24.06 -26.24 4.11
CA SER C 271 -24.23 -27.50 3.38
C SER C 271 -24.39 -28.66 4.35
N THR C 272 -25.07 -29.72 3.92
CA THR C 272 -25.34 -30.87 4.79
C THR C 272 -24.34 -32.00 4.55
N ILE C 273 -23.26 -31.71 3.83
CA ILE C 273 -22.45 -32.75 3.22
C ILE C 273 -21.71 -33.59 4.27
N ASP C 274 -21.42 -33.01 5.43
CA ASP C 274 -20.64 -33.71 6.46
C ASP C 274 -21.55 -34.42 7.46
N THR C 275 -21.37 -35.73 7.59
CA THR C 275 -22.27 -36.55 8.36
C THR C 275 -22.21 -36.20 9.85
N ARG C 276 -21.09 -35.63 10.28
CA ARG C 276 -20.93 -35.21 11.67
C ARG C 276 -21.90 -34.08 12.02
N ASP C 277 -22.33 -33.32 11.02
CA ASP C 277 -23.23 -32.19 11.24
C ASP C 277 -24.71 -32.60 11.32
N HIS C 278 -25.02 -33.83 10.94
CA HIS C 278 -26.40 -34.18 10.63
C HIS C 278 -27.31 -34.07 11.85
N TYR C 279 -26.80 -34.49 13.00
CA TYR C 279 -27.57 -34.41 14.24
C TYR C 279 -28.20 -33.04 14.37
N PHE C 280 -27.49 -32.01 13.91
CA PHE C 280 -27.79 -30.63 14.32
C PHE C 280 -28.60 -29.87 13.27
N ILE C 281 -28.90 -30.54 12.15
CA ILE C 281 -29.54 -29.88 11.04
C ILE C 281 -31.06 -29.97 11.13
N VAL C 282 -31.72 -28.82 11.05
CA VAL C 282 -33.13 -28.71 11.36
C VAL C 282 -33.94 -29.11 10.14
N GLY C 283 -34.94 -29.95 10.33
CA GLY C 283 -35.80 -30.41 9.24
C GLY C 283 -37.27 -30.13 9.51
N ALA C 284 -38.05 -30.04 8.44
CA ALA C 284 -39.49 -29.92 8.54
C ALA C 284 -40.15 -31.30 8.63
N THR C 285 -41.16 -31.42 9.49
CA THR C 285 -41.87 -32.69 9.68
C THR C 285 -43.28 -32.65 9.10
N ASN C 286 -43.69 -31.51 8.56
CA ASN C 286 -44.97 -31.38 7.90
C ASN C 286 -44.83 -31.52 6.40
N PRO C 287 -45.36 -32.63 5.83
CA PRO C 287 -45.13 -32.97 4.44
C PRO C 287 -46.02 -32.21 3.47
N ASN C 288 -46.82 -31.29 3.98
CA ASN C 288 -47.80 -30.59 3.16
C ASN C 288 -47.47 -29.11 3.03
N ILE C 289 -46.32 -28.70 3.54
CA ILE C 289 -46.00 -27.28 3.56
C ILE C 289 -45.10 -26.93 2.39
N GLU C 290 -45.31 -25.73 1.84
CA GLU C 290 -44.47 -25.23 0.76
C GLU C 290 -43.08 -24.88 1.30
N PRO C 291 -42.08 -24.88 0.42
CA PRO C 291 -40.72 -24.48 0.82
C PRO C 291 -40.69 -23.07 1.37
N PHE C 292 -39.97 -22.87 2.49
CA PHE C 292 -39.85 -21.55 3.08
C PHE C 292 -39.43 -20.49 2.05
N ALA C 293 -38.41 -20.79 1.27
CA ALA C 293 -37.82 -19.79 0.40
C ALA C 293 -38.83 -19.31 -0.62
N GLU C 294 -39.62 -20.24 -1.15
CA GLU C 294 -40.63 -19.92 -2.15
C GLU C 294 -41.80 -19.15 -1.54
N VAL C 295 -42.18 -19.51 -0.32
CA VAL C 295 -43.22 -18.78 0.39
C VAL C 295 -42.82 -17.33 0.64
N LEU C 296 -41.60 -17.14 1.15
CA LEU C 296 -41.13 -15.79 1.47
C LEU C 296 -40.98 -14.96 0.21
N ASN C 297 -40.54 -15.58 -0.87
CA ASN C 297 -40.42 -14.91 -2.14
C ASN C 297 -41.78 -14.45 -2.68
N ASP C 298 -42.75 -15.37 -2.70
CA ASP C 298 -44.12 -15.04 -3.11
C ASP C 298 -44.67 -13.87 -2.32
N ALA C 299 -44.35 -13.81 -1.03
CA ALA C 299 -44.87 -12.79 -0.14
C ALA C 299 -44.24 -11.42 -0.44
N ILE C 300 -42.97 -11.44 -0.81
CA ILE C 300 -42.28 -10.21 -1.21
C ILE C 300 -42.83 -9.72 -2.55
N MET C 301 -43.07 -10.65 -3.46
CA MET C 301 -43.57 -10.31 -4.80
C MET C 301 -44.95 -9.68 -4.73
N SER C 302 -45.70 -9.98 -3.67
CA SER C 302 -46.98 -9.33 -3.42
C SER C 302 -46.80 -8.01 -2.66
N GLY C 303 -45.57 -7.70 -2.28
CA GLY C 303 -45.24 -6.43 -1.65
C GLY C 303 -45.66 -6.36 -0.19
N ALA C 304 -45.27 -7.37 0.57
CA ALA C 304 -45.50 -7.36 2.02
C ALA C 304 -44.44 -6.50 2.72
N SER C 305 -44.84 -5.88 3.82
CA SER C 305 -43.96 -5.00 4.58
C SER C 305 -43.02 -5.79 5.49
N GLY C 306 -42.05 -5.10 6.08
CA GLY C 306 -40.99 -5.76 6.85
C GLY C 306 -41.53 -6.41 8.11
N GLN C 307 -42.68 -5.94 8.58
CA GLN C 307 -43.34 -6.58 9.70
C GLN C 307 -44.16 -7.79 9.24
N GLU C 308 -44.85 -7.65 8.12
CA GLU C 308 -45.65 -8.74 7.57
C GLU C 308 -44.77 -9.96 7.22
N LEU C 309 -43.53 -9.70 6.80
CA LEU C 309 -42.61 -10.76 6.38
C LEU C 309 -42.02 -11.47 7.59
N ALA C 310 -41.84 -10.73 8.68
CA ALA C 310 -41.39 -11.33 9.92
C ALA C 310 -42.49 -12.22 10.49
N ASP C 311 -43.74 -11.80 10.28
CA ASP C 311 -44.89 -12.59 10.70
C ASP C 311 -44.98 -13.90 9.91
N ILE C 312 -44.83 -13.80 8.58
CA ILE C 312 -44.96 -14.97 7.73
C ILE C 312 -43.87 -16.00 7.99
N GLU C 313 -42.65 -15.54 8.27
CA GLU C 313 -41.54 -16.46 8.56
C GLU C 313 -41.83 -17.24 9.84
N GLN C 314 -42.25 -16.55 10.89
CA GLN C 314 -42.49 -17.20 12.17
C GLN C 314 -43.69 -18.15 12.06
N LYS C 315 -44.66 -17.79 11.23
CA LYS C 315 -45.81 -18.65 10.95
C LYS C 315 -45.41 -19.89 10.17
N TRP C 316 -44.53 -19.72 9.19
CA TRP C 316 -44.05 -20.85 8.40
C TRP C 316 -43.29 -21.83 9.28
N CYS C 317 -42.47 -21.32 10.19
CA CYS C 317 -41.64 -22.18 11.03
C CYS C 317 -42.51 -23.00 11.97
N ARG C 318 -43.58 -22.38 12.47
CA ARG C 318 -44.55 -23.07 13.31
C ARG C 318 -45.23 -24.19 12.53
N ASP C 319 -45.75 -23.84 11.35
CA ASP C 319 -46.57 -24.75 10.57
C ASP C 319 -45.74 -25.92 10.05
N ALA C 320 -44.44 -25.67 9.86
CA ALA C 320 -43.57 -26.64 9.18
C ALA C 320 -43.15 -27.75 10.14
N GLY C 321 -43.32 -27.51 11.44
CA GLY C 321 -42.88 -28.47 12.45
C GLY C 321 -41.38 -28.68 12.44
N LEU C 322 -40.62 -27.61 12.68
CA LEU C 322 -39.17 -27.68 12.62
C LEU C 322 -38.60 -28.37 13.85
N LYS C 323 -37.79 -29.39 13.63
CA LYS C 323 -37.09 -30.05 14.72
C LYS C 323 -35.79 -30.64 14.24
N LEU C 324 -34.96 -31.06 15.18
CA LEU C 324 -33.90 -32.03 14.88
C LEU C 324 -34.49 -33.41 14.72
N PHE C 325 -33.78 -34.27 14.00
CA PHE C 325 -34.32 -35.58 13.65
C PHE C 325 -34.61 -36.42 14.90
N HIS C 326 -33.69 -36.39 15.85
CA HIS C 326 -33.84 -37.19 17.06
C HIS C 326 -35.08 -36.76 17.84
N GLU C 327 -35.41 -35.46 17.78
CA GLU C 327 -36.66 -34.96 18.35
C GLU C 327 -37.86 -35.49 17.59
N ALA C 328 -37.80 -35.48 16.27
CA ALA C 328 -38.89 -35.97 15.45
C ALA C 328 -39.16 -37.43 15.77
N VAL C 329 -38.08 -38.20 15.93
CA VAL C 329 -38.19 -39.63 16.20
C VAL C 329 -38.81 -39.86 17.58
N ILE C 330 -38.28 -39.16 18.58
CA ILE C 330 -38.81 -39.27 19.93
C ILE C 330 -40.29 -38.89 19.97
N ASP C 331 -40.66 -37.82 19.28
CA ASP C 331 -42.05 -37.38 19.23
C ASP C 331 -42.95 -38.47 18.64
N GLU C 332 -42.49 -39.12 17.58
CA GLU C 332 -43.29 -40.13 16.91
C GLU C 332 -43.46 -41.36 17.78
N ILE C 333 -42.42 -41.68 18.55
CA ILE C 333 -42.48 -42.80 19.47
C ILE C 333 -43.52 -42.53 20.57
N GLU C 334 -43.50 -41.33 21.13
CA GLU C 334 -44.44 -40.97 22.20
C GLU C 334 -45.89 -41.01 21.71
N ARG C 335 -46.08 -40.86 20.40
CA ARG C 335 -47.41 -40.73 19.81
C ARG C 335 -47.85 -42.06 19.20
N SER C 336 -47.03 -43.08 19.35
CA SER C 336 -47.28 -44.38 18.74
C SER C 336 -47.97 -45.31 19.72
N ALA C 337 -48.31 -46.50 19.25
CA ALA C 337 -49.03 -47.48 20.05
C ALA C 337 -48.06 -48.49 20.67
N LEU C 338 -46.77 -48.15 20.70
CA LEU C 338 -45.75 -49.10 21.10
C LEU C 338 -45.67 -49.22 22.61
N SER C 339 -45.19 -50.36 23.09
CA SER C 339 -44.96 -50.55 24.52
C SER C 339 -43.56 -50.12 24.89
N ASN C 340 -43.38 -49.73 26.15
CA ASN C 340 -42.05 -49.52 26.72
C ASN C 340 -41.36 -48.35 26.04
N LYS C 341 -42.11 -47.26 25.91
CA LYS C 341 -41.65 -46.11 25.15
C LYS C 341 -40.35 -45.54 25.71
N GLN C 342 -40.27 -45.42 27.03
CA GLN C 342 -39.09 -44.83 27.66
C GLN C 342 -37.83 -45.67 27.41
N GLU C 343 -38.00 -46.97 27.26
CA GLU C 343 -36.87 -47.88 27.03
C GLU C 343 -36.38 -47.73 25.60
N LEU C 344 -37.33 -47.58 24.68
CA LEU C 344 -37.02 -47.43 23.27
C LEU C 344 -36.34 -46.10 22.98
N ILE C 345 -36.82 -45.04 23.63
CA ILE C 345 -36.26 -43.72 23.48
C ILE C 345 -34.83 -43.65 24.00
N LYS C 346 -34.58 -44.32 25.11
CA LYS C 346 -33.25 -44.37 25.70
C LYS C 346 -32.27 -45.15 24.83
N LYS C 347 -32.77 -46.20 24.18
CA LYS C 347 -31.95 -47.01 23.28
C LYS C 347 -31.52 -46.19 22.07
N PHE C 348 -32.49 -45.50 21.47
CA PHE C 348 -32.22 -44.63 20.33
C PHE C 348 -31.20 -43.54 20.68
N THR C 349 -31.44 -42.83 21.78
CA THR C 349 -30.63 -41.65 22.10
C THR C 349 -29.21 -42.04 22.48
N SER C 350 -29.02 -43.30 22.90
CA SER C 350 -27.69 -43.80 23.23
C SER C 350 -26.86 -44.07 21.97
N LYS C 351 -27.54 -44.24 20.83
CA LYS C 351 -26.85 -44.43 19.55
C LYS C 351 -26.84 -43.16 18.70
N VAL C 352 -27.73 -42.23 19.02
CA VAL C 352 -27.89 -41.02 18.23
C VAL C 352 -27.83 -39.82 19.15
N GLY C 353 -26.64 -39.21 19.23
CA GLY C 353 -26.40 -38.12 20.14
C GLY C 353 -25.50 -37.07 19.52
N PRO C 354 -25.37 -35.92 20.20
CA PRO C 354 -24.64 -34.78 19.65
C PRO C 354 -23.20 -35.14 19.32
N LEU C 355 -22.63 -36.07 20.07
CA LEU C 355 -21.21 -36.38 19.96
C LEU C 355 -20.96 -37.70 19.22
N THR C 356 -22.02 -38.40 18.82
CA THR C 356 -21.86 -39.73 18.24
C THR C 356 -21.57 -39.66 16.74
N GLU C 357 -21.79 -38.49 16.14
CA GLU C 357 -21.44 -38.28 14.73
C GLU C 357 -22.16 -39.32 13.86
N THR C 358 -23.41 -39.58 14.20
CA THR C 358 -24.22 -40.55 13.46
C THR C 358 -24.83 -39.88 12.24
N SER C 359 -24.63 -40.49 11.08
CA SER C 359 -25.17 -39.98 9.82
C SER C 359 -26.69 -40.09 9.81
N HIS C 360 -27.33 -39.23 9.03
CA HIS C 360 -28.78 -39.19 8.99
C HIS C 360 -29.32 -40.53 8.47
N ARG C 361 -28.63 -41.10 7.50
CA ARG C 361 -28.98 -42.42 6.98
C ARG C 361 -29.00 -43.47 8.09
N GLU C 362 -27.96 -43.49 8.92
CA GLU C 362 -27.88 -44.45 10.02
C GLU C 362 -28.99 -44.20 11.04
N ALA C 363 -29.29 -42.94 11.29
CA ALA C 363 -30.31 -42.59 12.27
C ALA C 363 -31.70 -42.92 11.75
N LYS C 364 -31.90 -42.78 10.44
CA LYS C 364 -33.15 -43.18 9.81
C LYS C 364 -33.36 -44.69 9.91
N LYS C 365 -32.28 -45.44 9.76
CA LYS C 365 -32.32 -46.89 9.87
C LYS C 365 -32.78 -47.34 11.24
N LEU C 366 -32.19 -46.76 12.29
CA LEU C 366 -32.57 -47.09 13.66
C LEU C 366 -34.00 -46.66 13.96
N ALA C 367 -34.39 -45.52 13.42
CA ALA C 367 -35.74 -45.00 13.65
C ALA C 367 -36.77 -45.94 13.07
N LYS C 368 -36.50 -46.45 11.87
CA LYS C 368 -37.45 -47.32 11.18
C LYS C 368 -37.54 -48.69 11.86
N GLU C 369 -36.40 -49.17 12.34
CA GLU C 369 -36.35 -50.43 13.07
C GLU C 369 -37.23 -50.38 14.33
N ILE C 370 -37.42 -49.18 14.87
CA ILE C 370 -38.17 -49.01 16.11
C ILE C 370 -39.65 -48.78 15.83
N LEU C 371 -39.93 -47.91 14.86
CA LEU C 371 -41.30 -47.46 14.61
C LEU C 371 -41.98 -48.37 13.60
N GLY C 372 -41.18 -49.03 12.75
CA GLY C 372 -41.74 -49.89 11.70
C GLY C 372 -42.23 -49.12 10.49
N HIS C 373 -42.05 -47.80 10.49
CA HIS C 373 -42.21 -47.01 9.28
C HIS C 373 -41.22 -45.84 9.21
N GLU C 374 -41.14 -45.20 8.06
CA GLU C 374 -40.25 -44.07 7.83
C GLU C 374 -40.99 -42.76 8.04
N ILE C 375 -40.47 -41.87 8.88
CA ILE C 375 -41.12 -40.59 9.12
C ILE C 375 -40.63 -39.49 8.18
N PHE C 376 -41.52 -38.56 7.86
CA PHE C 376 -41.17 -37.44 6.98
C PHE C 376 -40.26 -36.46 7.72
N PHE C 377 -39.12 -36.17 7.08
CA PHE C 377 -38.16 -35.23 7.63
C PHE C 377 -37.33 -34.65 6.49
N ASP C 378 -37.47 -33.35 6.26
CA ASP C 378 -36.95 -32.71 5.06
C ASP C 378 -36.23 -31.43 5.43
N TRP C 379 -34.92 -31.40 5.22
CA TRP C 379 -34.14 -30.22 5.59
C TRP C 379 -33.79 -29.32 4.42
N GLU C 380 -34.28 -29.68 3.23
CA GLU C 380 -34.30 -28.73 2.10
C GLU C 380 -35.37 -27.66 2.26
N LEU C 381 -36.53 -28.06 2.76
CA LEU C 381 -37.70 -27.17 2.81
C LEU C 381 -37.45 -25.89 3.62
N PRO C 382 -36.71 -26.00 4.73
CA PRO C 382 -36.55 -24.82 5.60
C PRO C 382 -35.45 -23.86 5.17
N ARG C 383 -34.72 -24.20 4.12
CA ARG C 383 -33.59 -23.38 3.70
C ARG C 383 -34.03 -21.92 3.52
N VAL C 384 -33.18 -21.01 3.98
CA VAL C 384 -33.37 -19.59 3.68
C VAL C 384 -33.06 -19.33 2.21
N ARG C 385 -33.33 -18.11 1.75
CA ARG C 385 -33.31 -17.80 0.33
C ARG C 385 -31.91 -17.90 -0.29
N GLU C 386 -30.86 -17.70 0.51
CA GLU C 386 -29.49 -17.92 0.04
C GLU C 386 -29.16 -19.41 -0.09
N GLY C 387 -30.03 -20.26 0.44
CA GLY C 387 -29.88 -21.71 0.28
C GLY C 387 -29.24 -22.37 1.48
N LEU C 388 -29.01 -21.59 2.53
CA LEU C 388 -28.36 -22.10 3.72
C LEU C 388 -29.35 -22.91 4.57
N TYR C 389 -28.84 -23.96 5.22
CA TYR C 389 -29.67 -24.85 6.00
C TYR C 389 -29.78 -24.36 7.43
N ARG C 390 -30.92 -24.63 8.05
CA ARG C 390 -31.11 -24.28 9.45
C ARG C 390 -30.41 -25.30 10.34
N TYR C 391 -29.78 -24.81 11.40
CA TYR C 391 -28.76 -25.54 12.12
C TYR C 391 -28.87 -25.14 13.58
N ARG C 392 -29.01 -26.10 14.48
CA ARG C 392 -29.09 -25.76 15.90
C ARG C 392 -27.74 -25.95 16.57
N GLY C 393 -27.01 -24.85 16.69
CA GLY C 393 -25.72 -24.85 17.37
C GLY C 393 -25.87 -24.88 18.88
N GLY C 394 -24.76 -25.10 19.56
CA GLY C 394 -24.74 -25.13 21.02
C GLY C 394 -23.42 -25.70 21.52
N THR C 395 -23.33 -25.85 22.83
CA THR C 395 -22.08 -26.27 23.46
C THR C 395 -21.61 -27.62 22.93
N GLN C 396 -22.54 -28.57 22.84
CA GLN C 396 -22.19 -29.92 22.44
C GLN C 396 -21.75 -29.95 20.98
N CYS C 397 -22.42 -29.17 20.15
CA CYS C 397 -22.01 -28.99 18.76
C CYS C 397 -20.57 -28.51 18.70
N SER C 398 -20.24 -27.54 19.55
CA SER C 398 -18.89 -26.96 19.56
C SER C 398 -17.86 -27.98 20.02
N ILE C 399 -18.24 -28.84 20.95
CA ILE C 399 -17.34 -29.90 21.41
C ILE C 399 -17.07 -30.87 20.26
N MET C 400 -18.11 -31.23 19.52
CA MET C 400 -17.98 -32.15 18.40
C MET C 400 -16.98 -31.56 17.39
N ARG C 401 -17.14 -30.28 17.09
CA ARG C 401 -16.31 -29.62 16.10
C ARG C 401 -14.87 -29.41 16.58
N ALA C 402 -14.70 -28.93 17.81
CA ALA C 402 -13.37 -28.73 18.37
C ALA C 402 -12.58 -30.03 18.44
N ARG C 403 -13.27 -31.13 18.75
CA ARG C 403 -12.66 -32.46 18.73
C ARG C 403 -12.14 -32.80 17.34
N ALA C 404 -12.90 -32.44 16.31
CA ALA C 404 -12.50 -32.71 14.94
C ALA C 404 -11.33 -31.82 14.53
N PHE C 405 -11.27 -30.62 15.10
CA PHE C 405 -10.22 -29.67 14.75
C PHE C 405 -8.91 -29.97 15.49
N ALA C 406 -9.02 -30.64 16.63
CA ALA C 406 -7.95 -30.66 17.62
C ALA C 406 -6.63 -31.24 17.08
N PRO C 407 -6.72 -32.30 16.26
CA PRO C 407 -5.49 -32.88 15.75
C PRO C 407 -4.72 -31.92 14.85
N TYR C 408 -5.42 -30.90 14.34
CA TYR C 408 -4.83 -29.99 13.37
C TYR C 408 -4.57 -28.59 13.94
N ALA C 409 -4.64 -28.46 15.26
CA ALA C 409 -4.60 -27.15 15.90
C ALA C 409 -3.94 -27.23 17.26
N ASP C 410 -3.07 -26.26 17.53
CA ASP C 410 -2.34 -26.23 18.79
C ASP C 410 -3.23 -25.74 19.93
N LEU C 411 -4.19 -24.89 19.63
CA LEU C 411 -5.25 -24.55 20.59
C LEU C 411 -6.61 -24.64 19.91
N VAL C 412 -7.63 -24.99 20.68
CA VAL C 412 -9.01 -24.82 20.21
C VAL C 412 -9.77 -23.83 21.08
N TRP C 413 -10.87 -23.32 20.55
CA TRP C 413 -11.49 -22.10 21.05
C TRP C 413 -12.96 -22.11 20.62
N MET C 414 -13.85 -22.13 21.60
CA MET C 414 -15.27 -21.95 21.35
C MET C 414 -15.64 -20.48 21.57
N GLU C 415 -15.96 -19.80 20.47
CA GLU C 415 -16.37 -18.40 20.53
C GLU C 415 -17.59 -18.27 21.44
N SER C 416 -17.50 -17.40 22.43
CA SER C 416 -18.59 -17.15 23.37
C SER C 416 -18.87 -15.66 23.45
N ASN C 417 -20.15 -15.31 23.50
CA ASN C 417 -20.52 -13.91 23.68
C ASN C 417 -20.99 -13.64 25.11
N TYR C 418 -21.09 -14.72 25.89
CA TYR C 418 -21.54 -14.63 27.27
C TYR C 418 -20.60 -15.45 28.16
N PRO C 419 -19.92 -14.79 29.11
CA PRO C 419 -19.01 -15.49 30.01
C PRO C 419 -19.76 -16.36 31.02
N ASP C 420 -19.67 -17.66 30.84
CA ASP C 420 -20.44 -18.61 31.61
C ASP C 420 -19.52 -19.74 32.07
N PHE C 421 -19.22 -19.77 33.36
CA PHE C 421 -18.22 -20.72 33.86
C PHE C 421 -18.64 -22.16 33.54
N GLN C 422 -19.92 -22.45 33.74
CA GLN C 422 -20.42 -23.81 33.59
C GLN C 422 -20.26 -24.30 32.16
N GLN C 423 -20.63 -23.44 31.21
CA GLN C 423 -20.49 -23.77 29.80
C GLN C 423 -19.02 -23.94 29.41
N ALA C 424 -18.16 -23.10 29.95
CA ALA C 424 -16.73 -23.19 29.68
C ALA C 424 -16.15 -24.46 30.26
N LYS C 425 -16.73 -24.92 31.36
CA LYS C 425 -16.35 -26.18 31.97
C LYS C 425 -16.76 -27.34 31.09
N GLU C 426 -17.97 -27.26 30.55
CA GLU C 426 -18.51 -28.32 29.70
C GLU C 426 -17.66 -28.47 28.46
N PHE C 427 -17.31 -27.35 27.85
CA PHE C 427 -16.52 -27.37 26.64
C PHE C 427 -15.13 -27.94 26.89
N ALA C 428 -14.48 -27.44 27.93
CA ALA C 428 -13.15 -27.91 28.28
C ALA C 428 -13.14 -29.42 28.49
N GLU C 429 -14.07 -29.90 29.31
CA GLU C 429 -14.07 -31.30 29.71
C GLU C 429 -14.48 -32.18 28.54
N GLY C 430 -15.43 -31.69 27.75
CA GLY C 430 -15.86 -32.38 26.53
C GLY C 430 -14.71 -32.61 25.56
N VAL C 431 -13.88 -31.58 25.38
CA VAL C 431 -12.72 -31.70 24.49
C VAL C 431 -11.64 -32.58 25.12
N LYS C 432 -11.41 -32.40 26.42
CA LYS C 432 -10.27 -33.01 27.09
C LYS C 432 -10.50 -34.50 27.31
N GLU C 433 -11.77 -34.92 27.25
CA GLU C 433 -12.10 -36.32 27.34
C GLU C 433 -11.48 -37.12 26.20
N LYS C 434 -11.35 -36.50 25.03
CA LYS C 434 -10.73 -37.16 23.88
C LYS C 434 -9.29 -36.70 23.70
N PHE C 435 -8.99 -35.49 24.14
CA PHE C 435 -7.66 -34.91 23.97
C PHE C 435 -7.19 -34.28 25.27
N PRO C 436 -6.68 -35.10 26.19
CA PRO C 436 -6.47 -34.67 27.57
C PRO C 436 -5.36 -33.62 27.69
N ASP C 437 -4.53 -33.50 26.67
CA ASP C 437 -3.45 -32.51 26.70
C ASP C 437 -3.76 -31.27 25.85
N GLN C 438 -4.98 -31.18 25.34
CA GLN C 438 -5.33 -30.10 24.42
C GLN C 438 -5.26 -28.75 25.13
N TRP C 439 -4.53 -27.82 24.53
CA TRP C 439 -4.54 -26.44 24.98
C TRP C 439 -5.84 -25.75 24.57
N LEU C 440 -6.40 -24.95 25.47
CA LEU C 440 -7.65 -24.23 25.20
C LEU C 440 -7.43 -22.73 25.25
N ALA C 441 -8.20 -22.01 24.45
CA ALA C 441 -8.22 -20.56 24.50
C ALA C 441 -9.63 -20.07 24.77
N TYR C 442 -9.74 -18.89 25.36
CA TYR C 442 -11.02 -18.31 25.71
C TYR C 442 -11.01 -16.82 25.44
N ASN C 443 -12.03 -16.33 24.74
CA ASN C 443 -12.21 -14.88 24.61
C ASN C 443 -13.08 -14.31 25.72
N LEU C 444 -12.58 -13.26 26.35
CA LEU C 444 -13.31 -12.57 27.39
C LEU C 444 -14.14 -11.43 26.80
N SER C 445 -15.45 -11.59 26.82
CA SER C 445 -16.34 -10.77 26.00
C SER C 445 -16.35 -9.32 26.47
N PRO C 446 -16.11 -8.38 25.55
CA PRO C 446 -16.20 -6.96 25.87
C PRO C 446 -17.61 -6.40 25.77
N SER C 447 -18.54 -7.18 25.23
CA SER C 447 -19.95 -6.76 25.14
C SER C 447 -20.74 -7.08 26.40
N PHE C 448 -20.28 -8.09 27.14
CA PHE C 448 -20.90 -8.47 28.40
C PHE C 448 -20.82 -7.34 29.42
N ASN C 449 -21.86 -7.20 30.23
CA ASN C 449 -21.86 -6.20 31.28
C ASN C 449 -21.24 -6.76 32.55
N TRP C 450 -19.91 -6.70 32.63
CA TRP C 450 -19.18 -7.31 33.72
C TRP C 450 -19.51 -6.67 35.08
N PRO C 451 -19.57 -5.33 35.15
CA PRO C 451 -19.76 -4.66 36.44
C PRO C 451 -21.12 -4.97 37.05
N LYS C 452 -22.12 -5.19 36.21
CA LYS C 452 -23.51 -5.29 36.66
C LYS C 452 -23.90 -6.75 36.86
N ALA C 453 -23.33 -7.64 36.06
CA ALA C 453 -23.83 -9.00 35.93
C ALA C 453 -22.90 -10.06 36.52
N MET C 454 -21.87 -9.63 37.23
CA MET C 454 -21.22 -10.51 38.22
C MET C 454 -20.44 -9.72 39.28
N SER C 455 -20.23 -10.37 40.42
CA SER C 455 -19.69 -9.69 41.60
C SER C 455 -18.24 -9.31 41.38
N VAL C 456 -17.75 -8.34 42.15
CA VAL C 456 -16.37 -7.91 42.04
C VAL C 456 -15.41 -9.08 42.24
N ASP C 457 -15.72 -9.95 43.21
CA ASP C 457 -14.86 -11.08 43.52
C ASP C 457 -14.82 -12.10 42.38
N GLU C 458 -15.97 -12.30 41.73
CA GLU C 458 -16.03 -13.19 40.58
C GLU C 458 -15.26 -12.62 39.39
N GLN C 459 -15.43 -11.32 39.14
CA GLN C 459 -14.60 -10.62 38.16
C GLN C 459 -13.14 -10.90 38.40
N HIS C 460 -12.71 -10.79 39.66
CA HIS C 460 -11.31 -10.85 40.00
C HIS C 460 -10.72 -12.25 39.76
N THR C 461 -11.56 -13.27 39.90
CA THR C 461 -11.08 -14.65 39.90
C THR C 461 -11.37 -15.35 38.56
N PHE C 462 -12.19 -14.72 37.72
CA PHE C 462 -12.78 -15.42 36.59
C PHE C 462 -11.69 -16.07 35.75
N ILE C 463 -10.64 -15.31 35.45
CA ILE C 463 -9.63 -15.78 34.52
C ILE C 463 -8.87 -16.97 35.11
N GLN C 464 -8.55 -16.90 36.39
CA GLN C 464 -7.82 -17.98 37.07
C GLN C 464 -8.68 -19.25 37.17
N ARG C 465 -9.98 -19.05 37.36
CA ARG C 465 -10.90 -20.17 37.45
C ARG C 465 -10.99 -20.91 36.11
N LEU C 466 -11.05 -20.15 35.01
CA LEU C 466 -10.98 -20.76 33.68
C LEU C 466 -9.60 -21.36 33.43
N GLY C 467 -8.58 -20.73 33.98
CA GLY C 467 -7.22 -21.26 33.90
C GLY C 467 -7.09 -22.64 34.49
N ASP C 468 -7.87 -22.91 35.54
CA ASP C 468 -7.82 -24.22 36.21
C ASP C 468 -8.55 -25.28 35.39
N LEU C 469 -9.33 -24.85 34.42
CA LEU C 469 -9.99 -25.75 33.48
C LEU C 469 -9.10 -26.09 32.28
N GLY C 470 -8.01 -25.34 32.11
CA GLY C 470 -7.09 -25.56 31.00
C GLY C 470 -7.14 -24.50 29.92
N TYR C 471 -7.79 -23.37 30.20
CA TYR C 471 -7.74 -22.22 29.29
C TYR C 471 -6.49 -21.39 29.54
N ILE C 472 -5.44 -21.67 28.78
CA ILE C 472 -4.10 -21.17 29.09
C ILE C 472 -3.84 -19.86 28.39
N TRP C 473 -4.70 -19.50 27.44
CA TRP C 473 -4.60 -18.24 26.73
C TRP C 473 -5.96 -17.55 26.70
N GLN C 474 -6.03 -16.38 27.31
CA GLN C 474 -7.29 -15.65 27.41
C GLN C 474 -7.04 -14.17 27.11
N PHE C 475 -8.01 -13.54 26.44
CA PHE C 475 -7.79 -12.23 25.86
C PHE C 475 -9.09 -11.47 25.74
N ILE C 476 -9.04 -10.16 25.97
CA ILE C 476 -10.13 -9.27 25.61
C ILE C 476 -9.91 -8.70 24.22
N THR C 477 -10.72 -9.13 23.28
CA THR C 477 -10.48 -8.80 21.89
C THR C 477 -10.37 -7.28 21.71
N LEU C 478 -11.27 -6.53 22.34
CA LEU C 478 -11.53 -5.15 21.93
C LEU C 478 -11.02 -4.13 22.93
N ALA C 479 -10.10 -4.55 23.81
CA ALA C 479 -9.71 -3.70 24.93
C ALA C 479 -8.88 -2.50 24.46
N GLY C 480 -8.02 -2.72 23.48
CA GLY C 480 -7.27 -1.63 22.88
C GLY C 480 -8.18 -0.52 22.35
N LEU C 481 -9.24 -0.92 21.66
CA LEU C 481 -10.22 0.02 21.13
C LEU C 481 -10.87 0.81 22.24
N HIS C 482 -11.26 0.14 23.32
CA HIS C 482 -12.10 0.76 24.34
C HIS C 482 -11.31 1.72 25.23
N THR C 483 -10.12 1.30 25.65
CA THR C 483 -9.27 2.17 26.45
C THR C 483 -8.93 3.45 25.67
N ASN C 484 -8.65 3.30 24.38
CA ASN C 484 -8.39 4.45 23.53
C ASN C 484 -9.62 5.33 23.45
N ALA C 485 -10.78 4.73 23.20
CA ALA C 485 -12.02 5.49 23.00
C ALA C 485 -12.40 6.29 24.25
N LEU C 486 -12.30 5.64 25.40
CA LEU C 486 -12.62 6.29 26.67
C LEU C 486 -11.72 7.49 26.91
N ALA C 487 -10.41 7.28 26.79
CA ALA C 487 -9.43 8.31 27.12
C ALA C 487 -9.54 9.50 26.18
N VAL C 488 -9.77 9.24 24.90
CA VAL C 488 -9.80 10.30 23.91
C VAL C 488 -11.13 11.03 23.90
N HIS C 489 -12.21 10.31 24.21
CA HIS C 489 -13.48 10.97 24.51
C HIS C 489 -13.35 11.93 25.67
N ASN C 490 -12.79 11.45 26.78
CA ASN C 490 -12.76 12.24 28.01
C ASN C 490 -11.86 13.46 27.86
N PHE C 491 -10.73 13.31 27.16
CA PHE C 491 -9.86 14.45 26.94
C PHE C 491 -10.45 15.47 25.95
N SER C 492 -11.13 14.97 24.91
CA SER C 492 -11.79 15.86 23.97
C SER C 492 -12.80 16.75 24.70
N ARG C 493 -13.63 16.12 25.53
CA ARG C 493 -14.60 16.82 26.37
C ARG C 493 -13.90 17.83 27.30
N ASP C 494 -12.90 17.35 28.03
CA ASP C 494 -12.27 18.17 29.06
C ASP C 494 -11.40 19.27 28.42
N PHE C 495 -10.82 18.98 27.26
CA PHE C 495 -9.99 19.95 26.55
C PHE C 495 -10.84 21.08 25.98
N ALA C 496 -12.00 20.73 25.43
CA ALA C 496 -12.90 21.76 24.91
C ALA C 496 -13.32 22.73 26.02
N LYS C 497 -13.41 22.22 27.24
CA LYS C 497 -13.92 23.01 28.37
C LYS C 497 -12.80 23.77 29.07
N ASP C 498 -11.69 23.09 29.33
CA ASP C 498 -10.69 23.56 30.29
C ASP C 498 -9.32 23.79 29.66
N GLY C 499 -9.21 23.60 28.35
CA GLY C 499 -7.96 23.89 27.64
C GLY C 499 -6.76 23.18 28.25
N MET C 500 -5.68 23.91 28.44
CA MET C 500 -4.40 23.31 28.80
C MET C 500 -4.43 22.78 30.23
N LYS C 501 -5.38 23.26 31.04
CA LYS C 501 -5.55 22.71 32.39
C LYS C 501 -5.87 21.23 32.30
N ALA C 502 -6.74 20.87 31.37
CA ALA C 502 -7.13 19.47 31.18
C ALA C 502 -5.93 18.63 30.76
N TYR C 503 -5.10 19.18 29.87
CA TYR C 503 -3.91 18.45 29.45
C TYR C 503 -2.94 18.28 30.61
N ALA C 504 -2.69 19.37 31.33
CA ALA C 504 -1.75 19.35 32.45
C ALA C 504 -2.15 18.32 33.48
N GLN C 505 -3.42 18.32 33.88
CA GLN C 505 -3.86 17.52 35.01
C GLN C 505 -4.25 16.09 34.61
N ASN C 506 -4.95 15.93 33.49
CA ASN C 506 -5.58 14.66 33.15
C ASN C 506 -4.70 13.79 32.25
N VAL C 507 -3.66 14.39 31.66
CA VAL C 507 -2.72 13.65 30.82
C VAL C 507 -1.33 13.66 31.44
N GLN C 508 -0.74 14.86 31.53
CA GLN C 508 0.68 14.98 31.80
C GLN C 508 1.00 14.55 33.23
N GLN C 509 0.31 15.15 34.20
CA GLN C 509 0.54 14.82 35.60
C GLN C 509 0.34 13.33 35.84
N ARG C 510 -0.68 12.75 35.20
CA ARG C 510 -0.97 11.34 35.37
C ARG C 510 0.14 10.48 34.77
N GLU C 511 0.66 10.91 33.61
CA GLU C 511 1.80 10.24 33.00
C GLU C 511 3.01 10.25 33.93
N MET C 512 3.25 11.41 34.56
CA MET C 512 4.33 11.54 35.52
C MET C 512 4.13 10.58 36.70
N ASP C 513 2.92 10.58 37.27
CA ASP C 513 2.63 9.78 38.45
C ASP C 513 2.73 8.28 38.18
N ASP C 514 2.29 7.86 37.00
CA ASP C 514 2.18 6.44 36.69
C ASP C 514 3.47 5.91 36.04
N GLY C 515 4.42 6.79 35.75
CA GLY C 515 5.73 6.39 35.24
C GLY C 515 5.70 5.95 33.79
N VAL C 516 4.85 6.61 32.99
CA VAL C 516 4.70 6.28 31.58
C VAL C 516 5.87 6.85 30.77
N ASP C 517 6.66 5.97 30.17
CA ASP C 517 7.89 6.39 29.50
C ASP C 517 7.63 7.32 28.32
N VAL C 518 6.45 7.20 27.70
CA VAL C 518 6.11 8.03 26.56
C VAL C 518 6.10 9.52 26.92
N LEU C 519 5.93 9.81 28.20
CA LEU C 519 6.01 11.19 28.68
C LEU C 519 7.24 11.90 28.10
N LYS C 520 8.38 11.22 28.13
CA LYS C 520 9.59 11.71 27.50
C LYS C 520 9.61 11.30 26.03
N HIS C 521 8.84 12.01 25.21
CA HIS C 521 8.39 11.44 23.94
C HIS C 521 9.52 11.34 22.92
N GLN C 522 10.48 12.27 22.99
CA GLN C 522 11.62 12.22 22.08
C GLN C 522 12.43 10.95 22.33
N LYS C 523 12.80 10.74 23.59
CA LYS C 523 13.60 9.56 23.96
C LYS C 523 12.84 8.28 23.66
N TRP C 524 11.56 8.25 23.99
CA TRP C 524 10.76 7.05 23.79
C TRP C 524 10.68 6.70 22.30
N SER C 525 10.59 7.73 21.46
CA SER C 525 10.42 7.56 20.03
C SER C 525 11.70 7.05 19.37
N GLY C 526 12.83 7.17 20.08
CA GLY C 526 14.10 6.64 19.59
C GLY C 526 15.02 7.70 19.04
N ALA C 527 14.83 8.93 19.50
CA ALA C 527 15.65 10.04 19.01
C ALA C 527 17.13 9.83 19.31
N GLU C 528 17.45 9.31 20.48
CA GLU C 528 18.85 9.06 20.84
C GLU C 528 19.44 7.93 20.01
N TYR C 529 18.64 6.91 19.72
CA TYR C 529 19.08 5.79 18.89
C TYR C 529 19.50 6.26 17.50
N ILE C 530 18.64 7.05 16.87
CA ILE C 530 18.90 7.50 15.51
C ILE C 530 19.99 8.57 15.49
N ASP C 531 20.00 9.44 16.49
CA ASP C 531 21.10 10.37 16.65
C ASP C 531 22.43 9.62 16.69
N GLY C 532 22.46 8.49 17.37
CA GLY C 532 23.64 7.64 17.41
C GLY C 532 24.05 7.09 16.06
N LEU C 533 23.09 6.78 15.21
CA LEU C 533 23.42 6.31 13.86
C LEU C 533 24.05 7.44 13.05
N LEU C 534 23.48 8.63 13.16
CA LEU C 534 24.06 9.82 12.57
C LEU C 534 25.53 10.03 12.99
N LYS C 535 25.80 9.95 14.29
CA LYS C 535 27.15 10.20 14.79
C LYS C 535 28.12 9.19 14.20
N LEU C 536 27.69 7.94 14.16
CA LEU C 536 28.56 6.87 13.72
C LEU C 536 28.96 7.09 12.27
N ALA C 537 28.07 7.69 11.48
CA ALA C 537 28.30 7.84 10.05
C ALA C 537 29.16 9.06 9.74
N GLN C 538 29.18 10.02 10.66
CA GLN C 538 29.71 11.35 10.39
C GLN C 538 30.96 11.65 11.24
N ASN D 16 -8.21 19.35 -34.14
CA ASN D 16 -6.87 19.98 -34.01
C ASN D 16 -6.89 21.43 -34.53
N ASP D 17 -7.97 22.15 -34.22
CA ASP D 17 -8.09 23.53 -34.69
C ASP D 17 -7.43 24.50 -33.71
N PHE D 18 -6.52 25.31 -34.23
CA PHE D 18 -5.71 26.20 -33.41
C PHE D 18 -6.58 27.24 -32.71
N ALA D 19 -7.44 27.91 -33.46
CA ALA D 19 -8.22 29.03 -32.92
C ALA D 19 -9.17 28.55 -31.82
N ALA D 20 -9.72 27.35 -32.00
CA ALA D 20 -10.63 26.76 -31.02
C ALA D 20 -9.91 26.45 -29.72
N LEU D 21 -8.65 26.06 -29.82
CA LEU D 21 -7.84 25.78 -28.65
C LEU D 21 -7.56 27.06 -27.88
N GLN D 22 -7.12 28.09 -28.58
CA GLN D 22 -6.87 29.40 -27.95
C GLN D 22 -8.12 29.92 -27.25
N ALA D 23 -9.27 29.74 -27.89
CA ALA D 23 -10.53 30.23 -27.33
C ALA D 23 -10.94 29.43 -26.10
N LYS D 24 -10.72 28.12 -26.14
CA LYS D 24 -10.98 27.24 -25.00
C LYS D 24 -10.13 27.62 -23.79
N LEU D 25 -8.85 27.91 -24.03
CA LEU D 25 -7.93 28.25 -22.95
C LEU D 25 -8.24 29.63 -22.37
N ASP D 26 -8.66 30.56 -23.23
CA ASP D 26 -9.03 31.91 -22.77
C ASP D 26 -10.26 31.85 -21.88
N ALA D 27 -11.21 31.00 -22.24
CA ALA D 27 -12.42 30.82 -21.45
C ALA D 27 -12.12 30.12 -20.13
N ASP D 28 -11.29 29.08 -20.17
CA ASP D 28 -10.82 28.44 -18.94
C ASP D 28 -10.13 29.45 -18.04
N ALA D 29 -9.25 30.27 -18.63
CA ALA D 29 -8.57 31.33 -17.88
C ALA D 29 -9.57 32.26 -17.18
N ALA D 30 -10.66 32.59 -17.86
CA ALA D 30 -11.59 33.57 -17.34
C ALA D 30 -12.40 32.96 -16.19
N GLU D 31 -12.70 31.67 -16.30
CA GLU D 31 -13.32 30.93 -15.19
C GLU D 31 -12.41 30.95 -13.97
N ILE D 32 -11.12 30.79 -14.20
CA ILE D 32 -10.16 30.76 -13.11
C ILE D 32 -10.00 32.13 -12.47
N GLU D 33 -9.90 33.17 -13.30
CA GLU D 33 -9.86 34.55 -12.82
C GLU D 33 -11.07 34.86 -11.94
N LYS D 34 -12.24 34.39 -12.35
CA LYS D 34 -13.47 34.64 -11.63
C LYS D 34 -13.46 33.94 -10.27
N TRP D 35 -13.06 32.67 -10.25
CA TRP D 35 -12.75 31.97 -9.00
C TRP D 35 -11.86 32.80 -8.08
N TRP D 36 -10.76 33.32 -8.63
CA TRP D 36 -9.75 34.03 -7.85
C TRP D 36 -10.22 35.39 -7.34
N SER D 37 -11.36 35.86 -7.84
CA SER D 37 -11.89 37.15 -7.40
C SER D 37 -12.79 36.96 -6.17
N ASP D 38 -13.10 35.72 -5.85
CA ASP D 38 -13.80 35.42 -4.59
C ASP D 38 -13.03 35.97 -3.38
N SER D 39 -13.78 36.30 -2.33
CA SER D 39 -13.22 37.02 -1.19
C SER D 39 -12.30 36.11 -0.37
N ARG D 40 -12.47 34.80 -0.53
CA ARG D 40 -11.57 33.85 0.10
C ARG D 40 -10.11 34.15 -0.26
N TRP D 41 -9.91 34.81 -1.40
CA TRP D 41 -8.57 34.99 -1.95
C TRP D 41 -8.02 36.41 -1.73
N SER D 42 -8.67 37.19 -0.85
CA SER D 42 -8.45 38.63 -0.80
C SER D 42 -7.03 38.98 -0.33
N LYS D 43 -6.40 38.08 0.42
CA LYS D 43 -5.04 38.33 0.91
C LYS D 43 -4.01 37.48 0.18
N THR D 44 -4.43 36.78 -0.86
CA THR D 44 -3.58 35.77 -1.48
C THR D 44 -2.85 36.33 -2.70
N LYS D 45 -1.54 36.37 -2.62
CA LYS D 45 -0.72 36.82 -3.74
C LYS D 45 -0.39 35.64 -4.65
N ARG D 46 -0.62 35.81 -5.95
CA ARG D 46 -0.29 34.77 -6.92
C ARG D 46 0.75 35.27 -7.91
N ASN D 47 1.79 34.47 -8.13
CA ASN D 47 2.93 34.88 -8.93
C ASN D 47 2.82 34.37 -10.37
N TYR D 48 1.60 34.11 -10.82
CA TYR D 48 1.38 33.63 -12.18
C TYR D 48 -0.02 34.07 -12.61
N SER D 49 -0.33 33.86 -13.88
CA SER D 49 -1.61 34.28 -14.44
C SER D 49 -2.61 33.14 -14.43
N ALA D 50 -3.88 33.47 -14.65
CA ALA D 50 -4.92 32.46 -14.78
C ALA D 50 -4.65 31.52 -15.96
N ARG D 51 -4.13 32.08 -17.05
CA ARG D 51 -3.91 31.29 -18.25
C ARG D 51 -2.72 30.36 -18.06
N ASP D 52 -1.76 30.77 -17.25
CA ASP D 52 -0.64 29.91 -16.89
C ASP D 52 -1.16 28.62 -16.27
N ILE D 53 -2.23 28.74 -15.48
CA ILE D 53 -2.81 27.59 -14.81
C ILE D 53 -3.69 26.80 -15.77
N ALA D 54 -4.44 27.51 -16.62
CA ALA D 54 -5.32 26.87 -17.57
C ALA D 54 -4.57 25.89 -18.47
N VAL D 55 -3.36 26.28 -18.92
CA VAL D 55 -2.63 25.46 -19.88
C VAL D 55 -1.98 24.25 -19.20
N ARG D 56 -2.11 24.17 -17.87
CA ARG D 56 -1.39 23.15 -17.11
C ARG D 56 -2.30 22.12 -16.44
N ARG D 57 -3.61 22.25 -16.60
CA ARG D 57 -4.55 21.45 -15.81
C ARG D 57 -5.32 20.43 -16.67
N GLY D 58 -4.95 20.29 -17.93
CA GLY D 58 -5.47 19.21 -18.75
C GLY D 58 -6.86 19.50 -19.27
N THR D 59 -7.46 18.53 -19.96
CA THR D 59 -8.74 18.72 -20.63
C THR D 59 -9.91 18.03 -19.91
N PHE D 60 -9.60 17.32 -18.82
CA PHE D 60 -10.64 16.70 -18.00
C PHE D 60 -11.51 17.79 -17.39
N PRO D 61 -12.83 17.58 -17.32
CA PRO D 61 -13.67 18.52 -16.59
C PRO D 61 -13.09 18.83 -15.21
N PRO D 62 -13.13 20.11 -14.81
CA PRO D 62 -12.67 20.43 -13.46
C PRO D 62 -13.33 19.55 -12.42
N ILE D 63 -12.52 18.96 -11.54
CA ILE D 63 -13.03 18.10 -10.49
C ILE D 63 -13.22 18.94 -9.23
N GLU D 64 -14.37 18.77 -8.59
CA GLU D 64 -14.55 19.20 -7.21
C GLU D 64 -14.10 18.10 -6.26
N TYR D 65 -12.97 18.30 -5.59
CA TYR D 65 -12.47 17.32 -4.62
C TYR D 65 -13.18 17.53 -3.29
N PRO D 66 -13.59 16.42 -2.65
CA PRO D 66 -14.17 16.50 -1.32
C PRO D 66 -13.33 17.34 -0.37
N SER D 67 -12.00 17.26 -0.48
CA SER D 67 -11.10 18.04 0.39
C SER D 67 -11.37 19.53 0.25
N SER D 68 -11.75 19.96 -0.94
CA SER D 68 -11.93 21.39 -1.21
C SER D 68 -13.21 21.88 -0.54
N VAL D 69 -14.22 21.02 -0.47
CA VAL D 69 -15.41 21.31 0.32
C VAL D 69 -15.04 21.57 1.77
N MET D 70 -14.18 20.73 2.32
CA MET D 70 -13.76 20.86 3.72
C MET D 70 -12.88 22.09 3.92
N ALA D 71 -12.09 22.42 2.90
CA ALA D 71 -11.28 23.63 2.92
C ALA D 71 -12.13 24.89 3.05
N ARG D 72 -13.23 24.95 2.28
CA ARG D 72 -14.14 26.10 2.35
C ARG D 72 -14.81 26.17 3.72
N LYS D 73 -15.14 25.01 4.28
CA LYS D 73 -15.71 24.96 5.63
C LYS D 73 -14.68 25.43 6.65
N LEU D 74 -13.43 24.99 6.48
CA LEU D 74 -12.35 25.36 7.40
C LEU D 74 -12.13 26.88 7.34
N PHE D 75 -12.14 27.45 6.15
CA PHE D 75 -11.95 28.89 6.00
C PHE D 75 -13.00 29.67 6.79
N LYS D 76 -14.25 29.23 6.68
CA LYS D 76 -15.36 29.92 7.34
C LYS D 76 -15.31 29.74 8.85
N VAL D 77 -14.90 28.56 9.31
CA VAL D 77 -14.72 28.31 10.73
C VAL D 77 -13.66 29.25 11.30
N LEU D 78 -12.56 29.41 10.58
CA LEU D 78 -11.43 30.20 11.05
C LEU D 78 -11.74 31.69 10.94
N GLU D 79 -12.39 32.08 9.86
CA GLU D 79 -12.83 33.45 9.68
C GLU D 79 -13.70 33.89 10.85
N LYS D 80 -14.60 33.01 11.27
CA LYS D 80 -15.52 33.33 12.34
C LYS D 80 -14.79 33.50 13.67
N HIS D 81 -13.83 32.60 13.95
CA HIS D 81 -13.03 32.70 15.17
C HIS D 81 -12.22 33.99 15.18
N HIS D 82 -11.69 34.36 14.02
CA HIS D 82 -10.93 35.59 13.87
C HIS D 82 -11.80 36.79 14.20
N ASN D 83 -12.98 36.83 13.61
CA ASN D 83 -13.87 38.00 13.74
C ASN D 83 -14.32 38.16 15.20
N GLU D 84 -14.49 37.04 15.89
CA GLU D 84 -15.09 37.05 17.22
C GLU D 84 -14.05 36.93 18.33
N GLY D 85 -12.78 36.82 17.93
CA GLY D 85 -11.67 36.79 18.89
C GLY D 85 -11.58 35.50 19.68
N THR D 86 -12.05 34.40 19.10
CA THR D 86 -12.02 33.10 19.77
C THR D 86 -11.03 32.15 19.09
N VAL D 87 -11.01 30.91 19.55
CA VAL D 87 -10.00 29.95 19.11
C VAL D 87 -10.64 28.63 18.70
N SER D 88 -10.23 28.13 17.53
CA SER D 88 -10.36 26.70 17.23
C SER D 88 -9.27 25.89 17.92
N LYS D 89 -9.66 25.11 18.94
CA LYS D 89 -8.75 24.22 19.63
C LYS D 89 -8.82 22.82 19.04
N THR D 90 -7.66 22.18 18.89
CA THR D 90 -7.65 20.77 18.55
C THR D 90 -6.36 20.09 18.98
N PHE D 91 -6.19 18.84 18.59
CA PHE D 91 -4.94 18.13 18.83
C PHE D 91 -4.74 17.03 17.79
N GLY D 92 -3.57 16.42 17.80
CA GLY D 92 -3.22 15.43 16.79
C GLY D 92 -3.93 14.11 17.02
N ALA D 93 -4.60 13.63 15.98
CA ALA D 93 -5.43 12.44 16.08
C ALA D 93 -4.72 11.23 15.48
N LEU D 94 -4.82 10.08 16.13
CA LEU D 94 -4.12 8.86 15.71
C LEU D 94 -4.91 8.07 14.66
N ASP D 95 -6.22 8.00 14.83
CA ASP D 95 -7.01 6.91 14.26
C ASP D 95 -8.50 7.23 14.26
N PRO D 96 -9.30 6.41 13.57
CA PRO D 96 -10.75 6.61 13.45
C PRO D 96 -11.49 6.65 14.78
N VAL D 97 -11.06 5.87 15.75
CA VAL D 97 -11.68 5.94 17.07
C VAL D 97 -11.58 7.37 17.60
N GLN D 98 -10.39 7.95 17.48
CA GLN D 98 -10.12 9.24 18.07
C GLN D 98 -10.94 10.36 17.41
N ILE D 99 -10.97 10.40 16.08
CA ILE D 99 -11.75 11.43 15.40
C ILE D 99 -13.26 11.23 15.60
N SER D 100 -13.68 10.00 15.87
CA SER D 100 -15.09 9.72 16.11
C SER D 100 -15.55 10.33 17.43
N GLN D 101 -14.62 10.49 18.36
CA GLN D 101 -14.92 11.10 19.65
C GLN D 101 -14.67 12.60 19.62
N MET D 102 -13.58 12.99 18.96
CA MET D 102 -13.20 14.39 18.86
C MET D 102 -14.29 15.20 18.15
N ALA D 103 -15.00 14.56 17.23
CA ALA D 103 -15.95 15.25 16.38
C ALA D 103 -17.04 15.87 17.23
N LYS D 104 -17.27 15.28 18.39
CA LYS D 104 -18.35 15.70 19.27
C LYS D 104 -18.03 17.06 19.93
N TYR D 105 -16.75 17.36 20.10
CA TYR D 105 -16.33 18.44 20.98
C TYR D 105 -15.47 19.51 20.28
N LEU D 106 -14.93 19.19 19.11
CA LEU D 106 -13.92 20.04 18.47
C LEU D 106 -14.32 20.34 17.02
N ASP D 107 -13.84 21.47 16.50
CA ASP D 107 -14.28 21.95 15.19
C ASP D 107 -13.18 21.94 14.12
N THR D 108 -11.99 21.45 14.50
CA THR D 108 -10.98 21.02 13.53
C THR D 108 -10.25 19.78 14.04
N ILE D 109 -9.60 19.07 13.12
CA ILE D 109 -8.73 17.95 13.45
C ILE D 109 -7.31 18.25 12.97
N TYR D 110 -6.32 17.91 13.78
CA TYR D 110 -4.93 18.02 13.38
C TYR D 110 -4.34 16.64 13.13
N ILE D 111 -3.48 16.55 12.12
CA ILE D 111 -2.69 15.36 11.89
C ILE D 111 -1.20 15.67 11.98
N SER D 112 -0.53 14.96 12.89
CA SER D 112 0.83 15.29 13.28
C SER D 112 1.80 14.35 12.56
N GLY D 113 2.80 14.93 11.92
CA GLY D 113 3.89 14.15 11.32
C GLY D 113 4.70 13.41 12.37
N TRP D 114 4.86 14.05 13.53
CA TRP D 114 5.51 13.42 14.68
C TRP D 114 4.82 12.11 15.04
N GLN D 115 3.50 12.15 15.18
CA GLN D 115 2.76 10.95 15.55
C GLN D 115 2.82 9.93 14.42
N CYS D 116 2.86 10.43 13.18
CA CYS D 116 2.93 9.53 12.02
C CYS D 116 4.25 8.75 12.00
N SER D 117 5.35 9.39 12.38
CA SER D 117 6.64 8.71 12.32
C SER D 117 6.71 7.59 13.35
N SER D 118 6.05 7.80 14.49
CA SER D 118 6.01 6.79 15.54
C SER D 118 4.92 5.73 15.37
N THR D 119 3.87 6.04 14.60
CA THR D 119 2.70 5.18 14.55
C THR D 119 2.08 4.86 13.18
N ALA D 120 2.57 5.45 12.09
CA ALA D 120 1.79 5.42 10.86
C ALA D 120 2.55 5.49 9.54
N SER D 121 3.87 5.34 9.56
CA SER D 121 4.63 5.26 8.32
C SER D 121 4.04 4.21 7.40
N THR D 122 3.97 4.52 6.10
CA THR D 122 3.44 3.59 5.12
C THR D 122 4.39 2.41 4.84
N SER D 123 5.59 2.45 5.41
CA SER D 123 6.49 1.31 5.36
C SER D 123 6.40 0.48 6.63
N ASN D 124 5.65 0.99 7.61
CA ASN D 124 5.52 0.36 8.92
C ASN D 124 6.85 0.34 9.71
N GLU D 125 7.83 1.09 9.23
CA GLU D 125 9.05 1.33 10.01
C GLU D 125 8.94 2.63 10.80
N PRO D 126 8.85 2.52 12.14
CA PRO D 126 8.66 3.68 12.98
C PRO D 126 9.98 4.37 13.29
N GLY D 127 9.89 5.51 13.97
CA GLY D 127 11.09 6.19 14.45
C GLY D 127 10.81 7.63 14.80
N PRO D 128 11.85 8.37 15.22
CA PRO D 128 11.68 9.73 15.68
C PRO D 128 11.38 10.69 14.54
N ASP D 129 10.97 11.91 14.87
CA ASP D 129 10.39 12.80 13.88
C ASP D 129 11.46 13.40 13.00
N LEU D 130 11.68 12.79 11.83
CA LEU D 130 12.69 13.27 10.91
C LEU D 130 12.09 13.46 9.51
N ALA D 131 10.77 13.29 9.40
CA ALA D 131 10.09 13.30 8.12
C ALA D 131 10.82 12.43 7.09
N ASP D 132 11.29 11.26 7.52
CA ASP D 132 11.97 10.33 6.62
C ASP D 132 11.21 9.02 6.42
N TYR D 133 9.95 8.97 6.86
CA TYR D 133 9.00 8.04 6.27
C TYR D 133 8.76 8.38 4.81
N PRO D 134 8.22 7.42 4.04
CA PRO D 134 7.85 7.74 2.66
C PRO D 134 6.82 8.86 2.59
N MET D 135 6.89 9.64 1.53
CA MET D 135 6.24 10.93 1.45
C MET D 135 4.70 10.81 1.48
N ASP D 136 4.18 9.62 1.16
CA ASP D 136 2.73 9.40 1.16
C ASP D 136 2.15 9.13 2.55
N THR D 137 3.01 9.21 3.58
CA THR D 137 2.62 8.77 4.92
C THR D 137 1.52 9.64 5.52
N VAL D 138 1.71 10.95 5.51
CA VAL D 138 0.73 11.81 6.14
C VAL D 138 -0.55 11.94 5.29
N PRO D 139 -0.40 12.01 3.96
CA PRO D 139 -1.59 11.94 3.13
C PRO D 139 -2.40 10.66 3.34
N ASN D 140 -1.73 9.55 3.59
CA ASN D 140 -2.43 8.31 3.87
C ASN D 140 -3.19 8.41 5.20
N LYS D 141 -2.56 9.02 6.19
CA LYS D 141 -3.25 9.25 7.47
C LYS D 141 -4.47 10.15 7.28
N VAL D 142 -4.34 11.16 6.42
CA VAL D 142 -5.50 12.02 6.10
C VAL D 142 -6.65 11.17 5.59
N GLU D 143 -6.37 10.34 4.59
CA GLU D 143 -7.39 9.45 4.03
C GLU D 143 -7.96 8.52 5.11
N HIS D 144 -7.07 8.02 5.97
CA HIS D 144 -7.45 7.12 7.04
C HIS D 144 -8.56 7.75 7.89
N LEU D 145 -8.37 9.00 8.28
CA LEU D 145 -9.31 9.67 9.15
C LEU D 145 -10.51 10.18 8.37
N PHE D 146 -10.27 10.67 7.16
CA PHE D 146 -11.31 11.30 6.36
C PHE D 146 -12.39 10.30 5.95
N LYS D 147 -11.97 9.11 5.51
CA LYS D 147 -12.94 8.11 5.09
C LYS D 147 -13.72 7.54 6.29
N ALA D 148 -13.08 7.55 7.45
CA ALA D 148 -13.77 7.20 8.69
C ALA D 148 -14.83 8.24 9.03
N GLN D 149 -14.48 9.51 8.85
CA GLN D 149 -15.44 10.58 9.04
C GLN D 149 -16.67 10.37 8.15
N LEU D 150 -16.41 10.11 6.86
CA LEU D 150 -17.49 9.96 5.90
C LEU D 150 -18.36 8.77 6.24
N PHE D 151 -17.73 7.70 6.71
CA PHE D 151 -18.46 6.48 7.02
C PHE D 151 -19.39 6.71 8.20
N HIS D 152 -18.87 7.35 9.25
CA HIS D 152 -19.66 7.57 10.44
C HIS D 152 -20.78 8.57 10.17
N ASP D 153 -20.51 9.52 9.28
CA ASP D 153 -21.57 10.42 8.80
C ASP D 153 -22.71 9.62 8.14
N ARG D 154 -22.35 8.68 7.27
CA ARG D 154 -23.36 7.88 6.57
C ARG D 154 -24.15 7.05 7.57
N LYS D 155 -23.43 6.38 8.46
CA LYS D 155 -24.04 5.60 9.51
C LYS D 155 -25.04 6.41 10.30
N GLN D 156 -24.64 7.61 10.72
CA GLN D 156 -25.47 8.40 11.60
C GLN D 156 -26.74 8.87 10.90
N LEU D 157 -26.61 9.30 9.65
CA LEU D 157 -27.80 9.76 8.93
C LEU D 157 -28.81 8.62 8.77
N GLU D 158 -28.32 7.43 8.43
CA GLU D 158 -29.21 6.30 8.23
C GLU D 158 -29.93 5.97 9.53
N ALA D 159 -29.18 5.96 10.64
CA ALA D 159 -29.74 5.69 11.95
C ALA D 159 -30.85 6.67 12.29
N ARG D 160 -30.63 7.95 12.02
CA ARG D 160 -31.57 8.99 12.40
C ARG D 160 -32.78 9.01 11.48
N SER D 161 -32.59 8.52 10.25
CA SER D 161 -33.68 8.45 9.28
C SER D 161 -34.77 7.46 9.73
N LYS D 162 -34.44 6.61 10.69
CA LYS D 162 -35.37 5.59 11.16
C LYS D 162 -36.34 6.12 12.21
N ALA D 163 -36.05 7.31 12.74
CA ALA D 163 -36.91 7.94 13.72
C ALA D 163 -38.27 8.24 13.11
N LYS D 164 -39.33 7.89 13.82
CA LYS D 164 -40.69 8.01 13.30
C LYS D 164 -41.34 9.31 13.79
N SER D 165 -40.72 9.98 14.75
CA SER D 165 -41.28 11.20 15.32
C SER D 165 -40.20 12.07 15.97
N GLN D 166 -40.52 13.33 16.20
CA GLN D 166 -39.61 14.26 16.86
C GLN D 166 -39.09 13.69 18.18
N GLU D 167 -39.96 12.99 18.90
CA GLU D 167 -39.61 12.47 20.22
C GLU D 167 -38.59 11.34 20.09
N GLU D 168 -38.78 10.47 19.11
CA GLU D 168 -37.85 9.37 18.86
C GLU D 168 -36.49 9.90 18.44
N LEU D 169 -36.48 11.02 17.72
CA LEU D 169 -35.25 11.65 17.27
C LEU D 169 -34.50 12.29 18.44
N ASP D 170 -35.24 12.96 19.32
CA ASP D 170 -34.68 13.56 20.51
C ASP D 170 -33.98 12.50 21.36
N GLU D 171 -34.55 11.29 21.37
CA GLU D 171 -34.05 10.24 22.24
C GLU D 171 -32.71 9.71 21.74
N MET D 172 -32.42 9.94 20.46
CA MET D 172 -31.14 9.52 19.87
C MET D 172 -30.02 10.50 20.24
N GLY D 173 -30.39 11.69 20.66
CA GLY D 173 -29.41 12.73 21.00
C GLY D 173 -29.19 13.70 19.85
N ALA D 174 -28.48 14.77 20.13
CA ALA D 174 -28.06 15.71 19.09
C ALA D 174 -27.12 15.01 18.10
N PRO D 175 -27.21 15.39 16.83
CA PRO D 175 -26.31 14.83 15.82
C PRO D 175 -24.87 15.29 16.03
N ILE D 176 -23.93 14.37 15.87
CA ILE D 176 -22.51 14.72 15.83
C ILE D 176 -22.11 15.18 14.45
N ASP D 177 -21.38 16.28 14.36
CA ASP D 177 -20.79 16.71 13.09
C ASP D 177 -19.45 15.99 12.88
N TYR D 178 -19.49 14.93 12.08
CA TYR D 178 -18.32 14.11 11.83
C TYR D 178 -17.41 14.73 10.77
N LEU D 179 -17.95 15.70 10.03
CA LEU D 179 -17.23 16.33 8.93
C LEU D 179 -16.34 17.45 9.46
N THR D 180 -15.32 17.06 10.20
CA THR D 180 -14.47 18.01 10.88
C THR D 180 -13.22 18.27 10.03
N PRO D 181 -13.06 19.51 9.55
CA PRO D 181 -11.97 19.79 8.62
C PRO D 181 -10.62 19.39 9.19
N ILE D 182 -9.77 18.84 8.33
CA ILE D 182 -8.47 18.32 8.76
C ILE D 182 -7.34 19.23 8.27
N VAL D 183 -6.45 19.61 9.18
CA VAL D 183 -5.20 20.25 8.80
C VAL D 183 -4.02 19.31 9.06
N ALA D 184 -3.17 19.13 8.06
CA ALA D 184 -2.19 18.06 8.08
C ALA D 184 -0.76 18.58 7.89
N ASP D 185 0.18 17.89 8.52
CA ASP D 185 1.60 18.22 8.48
C ASP D 185 2.21 17.80 7.14
N ALA D 186 2.71 18.78 6.38
CA ALA D 186 3.40 18.51 5.12
C ALA D 186 4.91 18.68 5.30
N ASP D 187 5.36 18.67 6.56
CA ASP D 187 6.77 18.69 6.89
C ASP D 187 7.51 19.82 6.18
N ALA D 188 8.60 19.50 5.49
CA ALA D 188 9.36 20.50 4.75
C ALA D 188 9.30 20.28 3.24
N GLY D 189 8.35 19.47 2.79
CA GLY D 189 8.13 19.28 1.36
C GLY D 189 8.67 17.96 0.83
N HIS D 190 9.48 17.28 1.62
CA HIS D 190 10.01 15.96 1.24
C HIS D 190 10.82 15.99 -0.04
N GLY D 191 11.59 17.06 -0.22
CA GLY D 191 12.50 17.17 -1.37
C GLY D 191 12.35 18.51 -2.07
N GLY D 192 12.59 18.51 -3.38
CA GLY D 192 12.53 19.76 -4.16
C GLY D 192 11.11 20.18 -4.46
N LEU D 193 10.97 21.20 -5.31
CA LEU D 193 9.67 21.79 -5.56
C LEU D 193 8.73 20.83 -6.29
N THR D 194 9.29 19.89 -7.04
CA THR D 194 8.46 18.89 -7.71
C THR D 194 7.89 17.90 -6.70
N ALA D 195 8.64 17.62 -5.64
CA ALA D 195 8.13 16.81 -4.54
C ALA D 195 7.05 17.56 -3.78
N VAL D 196 7.28 18.83 -3.53
CA VAL D 196 6.27 19.68 -2.88
C VAL D 196 4.94 19.61 -3.64
N PHE D 197 5.04 19.68 -4.97
CA PHE D 197 3.85 19.64 -5.83
C PHE D 197 3.11 18.31 -5.69
N LYS D 198 3.86 17.21 -5.75
CA LYS D 198 3.26 15.88 -5.70
C LYS D 198 2.66 15.61 -4.32
N LEU D 199 3.34 16.10 -3.29
CA LEU D 199 2.86 15.94 -1.93
C LEU D 199 1.54 16.68 -1.75
N THR D 200 1.50 17.91 -2.21
CA THR D 200 0.26 18.70 -2.16
C THR D 200 -0.87 17.99 -2.89
N LYS D 201 -0.56 17.43 -4.05
CA LYS D 201 -1.57 16.74 -4.85
C LYS D 201 -2.19 15.59 -4.08
N MET D 202 -1.35 14.78 -3.44
CA MET D 202 -1.83 13.67 -2.67
C MET D 202 -2.75 14.16 -1.55
N PHE D 203 -2.32 15.22 -0.87
CA PHE D 203 -3.10 15.75 0.24
C PHE D 203 -4.49 16.17 -0.20
N ILE D 204 -4.57 16.82 -1.35
CA ILE D 204 -5.84 17.31 -1.87
C ILE D 204 -6.73 16.13 -2.30
N GLU D 205 -6.11 15.12 -2.91
CA GLU D 205 -6.86 13.95 -3.35
C GLU D 205 -7.45 13.19 -2.18
N ARG D 206 -6.79 13.24 -1.03
CA ARG D 206 -7.05 12.28 0.02
C ARG D 206 -7.79 12.88 1.21
N GLY D 207 -7.90 14.20 1.24
CA GLY D 207 -8.99 14.85 1.97
C GLY D 207 -8.58 15.98 2.88
N ALA D 208 -7.41 16.57 2.64
CA ALA D 208 -6.89 17.61 3.53
C ALA D 208 -7.56 18.95 3.26
N ALA D 209 -8.17 19.53 4.30
CA ALA D 209 -8.72 20.89 4.21
C ALA D 209 -7.61 21.94 4.24
N GLY D 210 -6.51 21.62 4.92
CA GLY D 210 -5.34 22.47 4.91
C GLY D 210 -4.09 21.68 5.24
N ILE D 211 -2.94 22.23 4.90
CA ILE D 211 -1.65 21.64 5.26
C ILE D 211 -0.68 22.73 5.71
N HIS D 212 0.30 22.34 6.52
CA HIS D 212 1.37 23.25 6.90
C HIS D 212 2.74 22.78 6.45
N MET D 213 3.56 23.72 6.02
CA MET D 213 4.93 23.43 5.58
C MET D 213 5.91 24.43 6.18
N GLU D 214 7.06 23.92 6.58
CA GLU D 214 7.98 24.66 7.42
C GLU D 214 9.28 24.93 6.67
N ASP D 215 9.98 25.99 7.07
CA ASP D 215 11.20 26.44 6.38
C ASP D 215 12.45 25.70 6.88
N GLN D 216 12.33 24.42 7.16
CA GLN D 216 13.51 23.57 7.41
C GLN D 216 14.02 22.93 6.12
N THR D 217 15.20 22.32 6.20
CA THR D 217 15.68 21.44 5.13
C THR D 217 14.95 20.12 5.18
N SER D 218 15.04 19.36 4.08
CA SER D 218 14.67 17.95 4.10
C SER D 218 15.90 17.05 4.09
N THR D 219 17.09 17.64 4.12
CA THR D 219 18.32 16.86 3.93
C THR D 219 19.22 16.89 5.16
N ASN D 220 18.94 17.79 6.10
CA ASN D 220 19.82 18.01 7.24
C ASN D 220 19.03 18.06 8.55
N LYS D 221 17.91 17.35 8.57
CA LYS D 221 17.10 17.22 9.78
C LYS D 221 17.86 16.45 10.86
N LYS D 222 17.69 16.84 12.10
CA LYS D 222 18.37 16.19 13.23
C LYS D 222 17.37 15.94 14.35
N CYS D 223 17.71 15.02 15.25
CA CYS D 223 16.78 14.61 16.30
C CYS D 223 17.43 14.58 17.67
N GLY D 224 18.76 14.65 17.71
CA GLY D 224 19.51 14.69 18.96
C GLY D 224 19.04 15.78 19.91
N HIS D 225 19.28 15.57 21.21
CA HIS D 225 18.64 16.37 22.25
C HIS D 225 18.98 17.85 22.13
N MET D 226 20.27 18.17 22.02
CA MET D 226 20.69 19.54 21.76
C MET D 226 21.54 19.56 20.49
N ALA D 227 20.92 19.17 19.38
CA ALA D 227 21.65 18.83 18.16
C ALA D 227 21.76 20.05 17.25
N GLY D 228 20.82 20.98 17.39
CA GLY D 228 20.73 22.14 16.51
C GLY D 228 19.77 21.92 15.36
N ARG D 229 19.63 22.92 14.49
CA ARG D 229 18.49 22.99 13.58
C ARG D 229 18.73 23.94 12.41
N CYS D 230 18.63 23.41 11.19
CA CYS D 230 18.93 24.19 9.98
C CYS D 230 17.66 24.65 9.30
N VAL D 231 17.59 25.92 8.95
CA VAL D 231 16.55 26.42 8.04
C VAL D 231 17.09 26.69 6.63
N ILE D 232 16.17 26.96 5.71
CA ILE D 232 16.52 27.31 4.34
C ILE D 232 16.30 28.80 4.10
N PRO D 233 16.94 29.34 3.04
CA PRO D 233 16.76 30.73 2.67
C PRO D 233 15.29 31.11 2.53
N VAL D 234 14.98 32.37 2.87
CA VAL D 234 13.61 32.83 2.90
C VAL D 234 12.89 32.52 1.60
N GLN D 235 13.52 32.87 0.47
CA GLN D 235 12.85 32.77 -0.84
C GLN D 235 12.55 31.32 -1.20
N GLU D 236 13.43 30.42 -0.78
CA GLU D 236 13.26 29.02 -1.09
C GLU D 236 11.98 28.48 -0.47
N HIS D 237 11.66 28.91 0.75
CA HIS D 237 10.40 28.53 1.36
C HIS D 237 9.22 29.26 0.71
N VAL D 238 9.39 30.53 0.37
CA VAL D 238 8.34 31.22 -0.38
C VAL D 238 7.97 30.40 -1.62
N ASN D 239 8.97 29.90 -2.33
CA ASN D 239 8.74 29.14 -3.54
C ASN D 239 8.00 27.83 -3.27
N ARG D 240 8.29 27.20 -2.14
CA ARG D 240 7.51 26.06 -1.67
C ARG D 240 6.03 26.42 -1.55
N LEU D 241 5.76 27.53 -0.88
CA LEU D 241 4.37 27.94 -0.64
C LEU D 241 3.68 28.28 -1.94
N VAL D 242 4.40 28.94 -2.84
CA VAL D 242 3.90 29.22 -4.18
C VAL D 242 3.55 27.94 -4.93
N THR D 243 4.34 26.89 -4.71
CA THR D 243 4.16 25.63 -5.43
C THR D 243 2.94 24.86 -4.91
N ILE D 244 2.74 24.90 -3.59
CA ILE D 244 1.52 24.38 -2.98
C ILE D 244 0.30 25.05 -3.59
N ARG D 245 0.29 26.39 -3.61
CA ARG D 245 -0.85 27.13 -4.14
C ARG D 245 -1.06 26.85 -5.62
N MET D 246 0.04 26.66 -6.34
CA MET D 246 -0.02 26.39 -7.77
C MET D 246 -0.72 25.05 -8.04
N CYS D 247 -0.34 24.03 -7.27
CA CYS D 247 -0.98 22.74 -7.35
C CYS D 247 -2.47 22.83 -7.00
N ALA D 248 -2.77 23.57 -5.93
CA ALA D 248 -4.16 23.77 -5.53
C ALA D 248 -4.94 24.48 -6.62
N ASP D 249 -4.32 25.46 -7.27
CA ASP D 249 -4.99 26.21 -8.35
C ASP D 249 -5.24 25.30 -9.57
N ILE D 250 -4.28 24.43 -9.85
CA ILE D 250 -4.43 23.49 -10.95
C ILE D 250 -5.59 22.53 -10.66
N MET D 251 -5.82 22.23 -9.38
CA MET D 251 -6.82 21.23 -8.99
C MET D 251 -8.10 21.90 -8.49
N HIS D 252 -8.18 23.21 -8.66
CA HIS D 252 -9.35 23.98 -8.26
C HIS D 252 -9.72 23.77 -6.80
N SER D 253 -8.72 23.71 -5.92
CA SER D 253 -8.96 23.53 -4.49
C SER D 253 -8.79 24.83 -3.72
N ASP D 254 -9.64 25.04 -2.72
CA ASP D 254 -9.54 26.19 -1.83
C ASP D 254 -8.62 25.91 -0.64
N LEU D 255 -7.88 24.80 -0.71
CA LEU D 255 -6.91 24.38 0.31
C LEU D 255 -6.32 25.53 1.12
N ILE D 256 -6.46 25.45 2.43
CA ILE D 256 -5.80 26.36 3.34
C ILE D 256 -4.32 26.00 3.47
N VAL D 257 -3.47 27.03 3.44
CA VAL D 257 -2.04 26.84 3.55
C VAL D 257 -1.53 27.54 4.80
N VAL D 258 -0.80 26.79 5.62
CA VAL D 258 -0.19 27.33 6.82
C VAL D 258 1.32 27.36 6.64
N ALA D 259 1.90 28.55 6.74
CA ALA D 259 3.35 28.69 6.67
C ALA D 259 3.94 28.69 8.07
N ARG D 260 4.83 27.74 8.32
CA ARG D 260 5.49 27.65 9.60
C ARG D 260 6.96 28.02 9.44
N THR D 261 7.47 28.84 10.33
CA THR D 261 8.91 29.05 10.42
C THR D 261 9.47 28.40 11.68
N ASP D 262 10.61 27.74 11.52
CA ASP D 262 11.30 27.10 12.62
C ASP D 262 12.53 27.91 13.02
N SER D 263 12.50 29.19 12.72
CA SER D 263 13.69 30.03 12.83
C SER D 263 13.93 30.51 14.25
N GLU D 264 12.95 30.34 15.13
CA GLU D 264 13.05 30.85 16.50
C GLU D 264 14.22 30.20 17.25
N ALA D 265 14.50 28.94 16.96
CA ALA D 265 15.61 28.23 17.60
C ALA D 265 16.57 27.63 16.56
N ALA D 266 16.56 28.18 15.35
CA ALA D 266 17.50 27.75 14.31
C ALA D 266 18.92 28.12 14.71
N THR D 267 19.88 27.24 14.41
CA THR D 267 21.29 27.54 14.64
C THR D 267 22.09 27.48 13.35
N LEU D 268 21.44 27.08 12.27
CA LEU D 268 22.11 26.89 10.99
C LEU D 268 21.21 27.32 9.84
N ILE D 269 21.81 27.71 8.73
CA ILE D 269 21.07 27.95 7.51
C ILE D 269 21.86 27.35 6.34
N SER D 270 21.13 26.92 5.31
CA SER D 270 21.70 26.05 4.28
C SER D 270 22.48 26.87 3.24
N SER D 271 22.26 28.16 3.22
CA SER D 271 22.87 29.03 2.21
C SER D 271 22.69 30.50 2.58
N THR D 272 23.60 31.34 2.10
CA THR D 272 23.55 32.77 2.42
C THR D 272 22.91 33.58 1.30
N ILE D 273 22.25 32.91 0.36
CA ILE D 273 21.90 33.52 -0.92
C ILE D 273 20.85 34.63 -0.78
N ASP D 274 20.04 34.55 0.27
CA ASP D 274 18.96 35.52 0.45
C ASP D 274 19.38 36.67 1.36
N THR D 275 19.30 37.89 0.83
CA THR D 275 19.84 39.05 1.53
C THR D 275 19.08 39.32 2.82
N ARG D 276 17.83 38.87 2.89
CA ARG D 276 17.03 39.04 4.10
C ARG D 276 17.62 38.27 5.29
N ASP D 277 18.37 37.21 5.00
CA ASP D 277 18.93 36.36 6.04
C ASP D 277 20.23 36.92 6.61
N HIS D 278 20.81 37.91 5.96
CA HIS D 278 22.20 38.25 6.19
C HIS D 278 22.44 38.73 7.61
N TYR D 279 21.52 39.55 8.13
CA TYR D 279 21.64 40.05 9.50
C TYR D 279 22.00 38.92 10.45
N PHE D 280 21.44 37.73 10.20
CA PHE D 280 21.39 36.69 11.22
C PHE D 280 22.50 35.67 11.04
N ILE D 281 23.34 35.84 10.02
CA ILE D 281 24.35 34.85 9.70
C ILE D 281 25.66 35.13 10.44
N VAL D 282 26.16 34.12 11.14
CA VAL D 282 27.29 34.29 12.05
C VAL D 282 28.60 34.23 11.25
N GLY D 283 29.48 35.17 11.52
CA GLY D 283 30.79 35.23 10.87
C GLY D 283 31.94 35.21 11.87
N ALA D 284 33.11 34.79 11.40
CA ALA D 284 34.32 34.87 12.19
C ALA D 284 34.98 36.23 12.00
N THR D 285 35.52 36.79 13.08
CA THR D 285 36.20 38.08 13.02
C THR D 285 37.72 37.93 13.21
N ASN D 286 38.19 36.71 13.43
CA ASN D 286 39.62 36.43 13.52
C ASN D 286 40.15 35.87 12.20
N PRO D 287 40.95 36.68 11.48
CA PRO D 287 41.43 36.32 10.15
C PRO D 287 42.61 35.35 10.17
N ASN D 288 42.97 34.89 11.37
CA ASN D 288 44.19 34.12 11.54
C ASN D 288 43.88 32.68 11.95
N ILE D 289 42.61 32.30 11.85
CA ILE D 289 42.20 30.96 12.21
C ILE D 289 41.83 30.15 10.98
N GLU D 290 42.16 28.85 11.03
CA GLU D 290 41.81 27.93 9.96
C GLU D 290 40.30 27.68 9.95
N PRO D 291 39.76 27.29 8.79
CA PRO D 291 38.34 26.99 8.67
C PRO D 291 37.92 25.88 9.63
N PHE D 292 36.80 26.07 10.30
CA PHE D 292 36.28 25.07 11.22
C PHE D 292 36.19 23.68 10.59
N ALA D 293 35.64 23.60 9.39
CA ALA D 293 35.38 22.30 8.77
C ALA D 293 36.67 21.54 8.47
N GLU D 294 37.71 22.26 8.03
CA GLU D 294 39.01 21.64 7.74
C GLU D 294 39.71 21.22 9.02
N VAL D 295 39.58 22.04 10.06
CA VAL D 295 40.13 21.69 11.37
C VAL D 295 39.48 20.43 11.91
N LEU D 296 38.15 20.36 11.85
CA LEU D 296 37.43 19.21 12.38
C LEU D 296 37.74 17.95 11.58
N ASN D 297 37.87 18.10 10.27
CA ASN D 297 38.22 16.97 9.40
C ASN D 297 39.61 16.43 9.76
N ASP D 298 40.59 17.32 9.85
CA ASP D 298 41.95 16.93 10.21
C ASP D 298 41.95 16.18 11.53
N ALA D 299 41.11 16.61 12.46
CA ALA D 299 41.07 16.02 13.79
C ALA D 299 40.47 14.61 13.74
N ILE D 300 39.48 14.42 12.88
CA ILE D 300 38.87 13.11 12.68
C ILE D 300 39.85 12.16 11.96
N MET D 301 40.56 12.69 10.96
CA MET D 301 41.48 11.90 10.17
C MET D 301 42.67 11.45 11.02
N SER D 302 42.95 12.18 12.09
CA SER D 302 43.94 11.80 13.08
C SER D 302 43.28 11.01 14.22
N GLY D 303 42.03 10.61 14.01
CA GLY D 303 41.34 9.73 14.96
C GLY D 303 41.15 10.39 16.32
N ALA D 304 40.43 11.50 16.33
CA ALA D 304 40.02 12.12 17.60
C ALA D 304 38.77 11.45 18.15
N SER D 305 38.65 11.43 19.48
CA SER D 305 37.47 10.86 20.13
C SER D 305 36.30 11.86 20.11
N GLY D 306 35.12 11.39 20.50
CA GLY D 306 33.91 12.19 20.39
C GLY D 306 33.90 13.37 21.34
N GLN D 307 34.55 13.22 22.48
CA GLN D 307 34.63 14.31 23.45
C GLN D 307 35.71 15.29 23.02
N GLU D 308 36.79 14.77 22.44
CA GLU D 308 37.87 15.61 21.95
C GLU D 308 37.36 16.55 20.84
N LEU D 309 36.40 16.06 20.06
CA LEU D 309 35.87 16.84 18.94
C LEU D 309 34.94 17.95 19.41
N ALA D 310 34.23 17.69 20.50
CA ALA D 310 33.39 18.71 21.11
C ALA D 310 34.26 19.79 21.76
N ASP D 311 35.42 19.37 22.28
CA ASP D 311 36.38 20.32 22.85
C ASP D 311 36.98 21.20 21.77
N ILE D 312 37.40 20.59 20.67
CA ILE D 312 38.01 21.32 19.58
C ILE D 312 37.04 22.32 18.99
N GLU D 313 35.78 21.91 18.87
CA GLU D 313 34.76 22.77 18.30
C GLU D 313 34.53 23.99 19.20
N GLN D 314 34.39 23.74 20.49
CA GLN D 314 34.07 24.80 21.46
C GLN D 314 35.20 25.82 21.55
N LYS D 315 36.43 25.33 21.48
CA LYS D 315 37.60 26.20 21.49
C LYS D 315 37.76 26.96 20.17
N TRP D 316 37.43 26.30 19.06
CA TRP D 316 37.51 26.96 17.76
C TRP D 316 36.54 28.13 17.70
N CYS D 317 35.35 27.94 18.26
CA CYS D 317 34.30 28.96 18.19
C CYS D 317 34.70 30.15 19.04
N ARG D 318 35.31 29.88 20.19
CA ARG D 318 35.78 30.92 21.09
C ARG D 318 36.85 31.75 20.38
N ASP D 319 37.82 31.08 19.77
CA ASP D 319 39.00 31.76 19.23
C ASP D 319 38.69 32.43 17.89
N ALA D 320 37.66 31.97 17.21
CA ALA D 320 37.30 32.51 15.88
C ALA D 320 36.61 33.86 15.98
N GLY D 321 36.11 34.18 17.17
CA GLY D 321 35.40 35.43 17.37
C GLY D 321 34.10 35.49 16.59
N LEU D 322 33.20 34.57 16.90
CA LEU D 322 31.95 34.45 16.17
C LEU D 322 30.99 35.55 16.59
N LYS D 323 30.53 36.33 15.61
CA LYS D 323 29.56 37.40 15.87
C LYS D 323 28.63 37.56 14.68
N LEU D 324 27.47 38.16 14.92
CA LEU D 324 26.73 38.80 13.83
C LEU D 324 27.45 40.05 13.41
N PHE D 325 27.26 40.45 12.14
CA PHE D 325 28.03 41.54 11.59
C PHE D 325 27.79 42.83 12.36
N HIS D 326 26.54 43.09 12.71
CA HIS D 326 26.22 44.33 13.40
C HIS D 326 26.90 44.39 14.77
N GLU D 327 27.05 43.24 15.42
CA GLU D 327 27.83 43.17 16.67
C GLU D 327 29.29 43.46 16.40
N ALA D 328 29.84 42.85 15.35
CA ALA D 328 31.24 43.07 15.00
C ALA D 328 31.48 44.54 14.79
N VAL D 329 30.56 45.19 14.08
CA VAL D 329 30.68 46.61 13.77
C VAL D 329 30.54 47.46 15.03
N ILE D 330 29.49 47.21 15.80
CA ILE D 330 29.28 47.95 17.04
C ILE D 330 30.45 47.79 18.00
N ASP D 331 30.97 46.57 18.12
CA ASP D 331 32.13 46.32 18.99
C ASP D 331 33.33 47.15 18.54
N GLU D 332 33.58 47.21 17.24
CA GLU D 332 34.72 47.94 16.72
C GLU D 332 34.55 49.45 16.95
N ILE D 333 33.32 49.94 16.85
CA ILE D 333 33.04 51.35 17.09
C ILE D 333 33.31 51.73 18.55
N GLU D 334 32.84 50.90 19.47
CA GLU D 334 33.02 51.17 20.90
C GLU D 334 34.50 51.19 21.27
N ARG D 335 35.31 50.52 20.46
CA ARG D 335 36.70 50.27 20.77
C ARG D 335 37.59 51.28 20.05
N SER D 336 36.95 52.15 19.25
CA SER D 336 37.66 53.06 18.34
C SER D 336 37.90 54.43 18.96
N ALA D 337 38.56 55.31 18.20
CA ALA D 337 38.90 56.65 18.67
C ALA D 337 37.74 57.63 18.54
N LEU D 338 36.64 57.17 17.93
CA LEU D 338 35.71 58.09 17.26
C LEU D 338 34.88 58.88 18.27
N SER D 339 34.40 60.04 17.86
CA SER D 339 33.51 60.85 18.69
C SER D 339 32.06 60.46 18.44
N ASN D 340 31.22 60.67 19.45
CA ASN D 340 29.76 60.54 19.29
C ASN D 340 29.41 59.08 19.00
N LYS D 341 30.03 58.17 19.72
CA LYS D 341 29.87 56.75 19.46
C LYS D 341 28.41 56.32 19.54
N GLN D 342 27.72 56.77 20.59
CA GLN D 342 26.35 56.34 20.84
C GLN D 342 25.44 56.73 19.69
N GLU D 343 25.76 57.84 19.04
CA GLU D 343 24.91 58.38 17.99
C GLU D 343 25.24 57.75 16.64
N LEU D 344 26.51 57.40 16.43
CA LEU D 344 26.92 56.61 15.27
C LEU D 344 26.27 55.23 15.30
N ILE D 345 26.26 54.62 16.48
CA ILE D 345 25.71 53.29 16.65
C ILE D 345 24.20 53.29 16.42
N LYS D 346 23.54 54.34 16.88
CA LYS D 346 22.09 54.47 16.73
C LYS D 346 21.73 54.65 15.26
N LYS D 347 22.58 55.37 14.53
CA LYS D 347 22.39 55.57 13.10
C LYS D 347 22.56 54.27 12.32
N PHE D 348 23.67 53.57 12.59
CA PHE D 348 23.94 52.28 11.98
C PHE D 348 22.79 51.31 12.25
N THR D 349 22.38 51.22 13.51
CA THR D 349 21.41 50.23 13.94
C THR D 349 20.03 50.48 13.33
N SER D 350 19.73 51.73 13.03
CA SER D 350 18.46 52.10 12.40
C SER D 350 18.44 51.69 10.93
N LYS D 351 19.61 51.50 10.33
CA LYS D 351 19.70 51.05 8.94
C LYS D 351 19.99 49.55 8.87
N VAL D 352 20.48 48.97 9.95
CA VAL D 352 20.88 47.58 9.98
C VAL D 352 20.29 46.86 11.19
N GLY D 353 19.15 46.22 10.98
CA GLY D 353 18.40 45.60 12.06
C GLY D 353 17.74 44.32 11.62
N PRO D 354 17.20 43.57 12.58
CA PRO D 354 16.63 42.25 12.29
C PRO D 354 15.54 42.31 11.20
N LEU D 355 14.81 43.41 11.15
CA LEU D 355 13.64 43.51 10.29
C LEU D 355 13.89 44.36 9.05
N THR D 356 15.09 44.94 8.95
CA THR D 356 15.37 45.89 7.86
C THR D 356 15.78 45.19 6.58
N GLU D 357 16.13 43.91 6.67
CA GLU D 357 16.42 43.12 5.48
C GLU D 357 17.54 43.78 4.68
N THR D 358 18.54 44.27 5.41
CA THR D 358 19.68 44.92 4.78
C THR D 358 20.71 43.89 4.38
N SER D 359 21.11 43.94 3.13
CA SER D 359 22.10 43.01 2.60
C SER D 359 23.45 43.26 3.25
N HIS D 360 24.29 42.23 3.27
CA HIS D 360 25.58 42.32 3.92
C HIS D 360 26.43 43.35 3.21
N ARG D 361 26.33 43.36 1.88
CA ARG D 361 27.02 44.34 1.06
C ARG D 361 26.68 45.77 1.51
N GLU D 362 25.40 46.05 1.70
CA GLU D 362 24.98 47.37 2.09
C GLU D 362 25.46 47.69 3.51
N ALA D 363 25.46 46.70 4.39
CA ALA D 363 25.88 46.89 5.76
C ALA D 363 27.39 47.11 5.85
N LYS D 364 28.14 46.44 4.98
CA LYS D 364 29.59 46.65 4.88
C LYS D 364 29.92 48.06 4.45
N LYS D 365 29.15 48.59 3.50
CA LYS D 365 29.35 49.92 2.99
C LYS D 365 29.18 50.94 4.12
N LEU D 366 28.10 50.81 4.88
CA LEU D 366 27.83 51.71 6.00
C LEU D 366 28.89 51.60 7.10
N ALA D 367 29.35 50.37 7.35
CA ALA D 367 30.35 50.12 8.38
C ALA D 367 31.67 50.81 8.04
N LYS D 368 32.07 50.74 6.77
CA LYS D 368 33.33 51.32 6.34
C LYS D 368 33.28 52.86 6.35
N GLU D 369 32.13 53.42 5.98
CA GLU D 369 31.97 54.87 6.00
C GLU D 369 32.11 55.41 7.43
N ILE D 370 31.81 54.57 8.41
CA ILE D 370 31.84 55.00 9.79
C ILE D 370 33.22 54.80 10.43
N LEU D 371 33.83 53.65 10.18
CA LEU D 371 35.08 53.28 10.84
C LEU D 371 36.29 53.73 10.03
N GLY D 372 36.11 53.87 8.71
CA GLY D 372 37.19 54.24 7.81
C GLY D 372 38.03 53.06 7.34
N HIS D 373 37.72 51.86 7.82
CA HIS D 373 38.33 50.65 7.29
C HIS D 373 37.32 49.49 7.21
N GLU D 374 37.67 48.48 6.41
CA GLU D 374 36.90 47.25 6.34
C GLU D 374 37.34 46.35 7.48
N ILE D 375 36.40 45.91 8.30
CA ILE D 375 36.72 44.90 9.30
C ILE D 375 36.60 43.52 8.69
N PHE D 376 37.43 42.61 9.15
CA PHE D 376 37.38 41.22 8.69
C PHE D 376 36.13 40.55 9.23
N PHE D 377 35.38 39.93 8.33
CA PHE D 377 34.16 39.20 8.69
C PHE D 377 33.88 38.13 7.65
N ASP D 378 33.92 36.87 8.07
CA ASP D 378 33.92 35.76 7.14
C ASP D 378 32.97 34.68 7.64
N TRP D 379 31.88 34.45 6.92
CA TRP D 379 30.91 33.45 7.34
C TRP D 379 31.05 32.12 6.61
N GLU D 380 32.04 32.01 5.72
CA GLU D 380 32.47 30.71 5.21
C GLU D 380 33.25 29.91 6.26
N LEU D 381 34.09 30.60 7.02
CA LEU D 381 35.03 29.93 7.93
C LEU D 381 34.33 29.06 8.98
N PRO D 382 33.20 29.52 9.53
CA PRO D 382 32.53 28.78 10.60
C PRO D 382 31.64 27.61 10.15
N ARG D 383 31.48 27.43 8.84
CA ARG D 383 30.57 26.40 8.33
C ARG D 383 30.89 25.05 8.94
N VAL D 384 29.85 24.29 9.30
CA VAL D 384 30.00 22.90 9.72
C VAL D 384 30.34 22.00 8.53
N ARG D 385 30.62 20.73 8.79
CA ARG D 385 31.18 19.83 7.78
C ARG D 385 30.26 19.63 6.60
N GLU D 386 28.94 19.66 6.84
CA GLU D 386 27.96 19.52 5.77
C GLU D 386 27.86 20.81 4.95
N GLY D 387 28.52 21.87 5.40
CA GLY D 387 28.61 23.10 4.61
C GLY D 387 27.59 24.14 5.03
N LEU D 388 26.85 23.85 6.09
CA LEU D 388 25.79 24.72 6.56
C LEU D 388 26.35 25.89 7.34
N TYR D 389 25.73 27.05 7.20
CA TYR D 389 26.21 28.28 7.81
C TYR D 389 25.61 28.43 9.19
N ARG D 390 26.37 29.02 10.11
CA ARG D 390 25.89 29.29 11.45
C ARG D 390 24.97 30.51 11.41
N TYR D 391 23.90 30.45 12.19
CA TYR D 391 22.74 31.31 11.99
C TYR D 391 22.13 31.53 13.36
N ARG D 392 21.92 32.78 13.74
CA ARG D 392 21.35 33.05 15.03
C ARG D 392 19.86 33.37 14.92
N GLY D 393 19.05 32.35 15.13
CA GLY D 393 17.60 32.51 15.07
C GLY D 393 17.05 33.16 16.34
N GLY D 394 15.78 33.53 16.28
CA GLY D 394 15.09 34.16 17.40
C GLY D 394 13.76 34.75 16.96
N THR D 395 13.08 35.41 17.89
CA THR D 395 11.73 35.89 17.65
C THR D 395 11.70 36.85 16.48
N GLN D 396 12.65 37.77 16.43
CA GLN D 396 12.68 38.78 15.39
C GLN D 396 12.96 38.15 14.02
N CYS D 397 13.85 37.16 14.00
CA CYS D 397 14.09 36.39 12.78
C CYS D 397 12.79 35.79 12.28
N SER D 398 12.01 35.23 13.21
CA SER D 398 10.75 34.59 12.86
C SER D 398 9.74 35.60 12.32
N ILE D 399 9.77 36.81 12.86
CA ILE D 399 8.88 37.86 12.37
C ILE D 399 9.25 38.26 10.95
N MET D 400 10.55 38.37 10.69
CA MET D 400 11.02 38.72 9.35
C MET D 400 10.51 37.67 8.36
N ARG D 401 10.66 36.40 8.73
CA ARG D 401 10.32 35.30 7.84
C ARG D 401 8.81 35.15 7.65
N ALA D 402 8.06 35.23 8.74
CA ALA D 402 6.60 35.11 8.67
C ALA D 402 6.02 36.23 7.83
N ARG D 403 6.61 37.42 7.91
CA ARG D 403 6.22 38.55 7.07
C ARG D 403 6.42 38.25 5.61
N ALA D 404 7.54 37.58 5.30
CA ALA D 404 7.84 37.23 3.91
C ALA D 404 6.89 36.13 3.43
N PHE D 405 6.45 35.28 4.34
CA PHE D 405 5.58 34.16 3.99
C PHE D 405 4.11 34.59 3.86
N ALA D 406 3.76 35.69 4.52
CA ALA D 406 2.36 36.00 4.81
C ALA D 406 1.51 36.19 3.55
N PRO D 407 2.08 36.79 2.51
CA PRO D 407 1.30 36.98 1.29
C PRO D 407 0.94 35.65 0.64
N TYR D 408 1.65 34.58 1.01
CA TYR D 408 1.49 33.30 0.34
C TYR D 408 0.85 32.24 1.24
N ALA D 409 0.28 32.68 2.37
CA ALA D 409 -0.17 31.74 3.38
C ALA D 409 -1.38 32.29 4.13
N ASP D 410 -2.37 31.43 4.36
CA ASP D 410 -3.58 31.82 5.04
C ASP D 410 -3.38 31.97 6.55
N LEU D 411 -2.48 31.16 7.11
CA LEU D 411 -2.00 31.36 8.48
C LEU D 411 -0.48 31.31 8.51
N VAL D 412 0.11 32.05 9.45
CA VAL D 412 1.52 31.85 9.79
C VAL D 412 1.68 31.39 11.22
N TRP D 413 2.85 30.84 11.53
CA TRP D 413 3.03 30.01 12.71
C TRP D 413 4.52 30.01 13.04
N MET D 414 4.87 30.53 14.23
CA MET D 414 6.23 30.42 14.72
C MET D 414 6.32 29.22 15.65
N GLU D 415 7.03 28.19 15.22
CA GLU D 415 7.25 27.00 16.03
C GLU D 415 7.90 27.39 17.34
N SER D 416 7.28 26.97 18.44
CA SER D 416 7.80 27.26 19.78
C SER D 416 7.90 25.97 20.59
N ASN D 417 8.97 25.83 21.36
CA ASN D 417 9.13 24.69 22.25
C ASN D 417 8.74 25.06 23.68
N TYR D 418 8.58 26.36 23.92
CA TYR D 418 8.34 26.87 25.27
C TYR D 418 7.19 27.88 25.21
N PRO D 419 6.07 27.58 25.89
CA PRO D 419 4.93 28.49 25.90
C PRO D 419 5.22 29.78 26.68
N ASP D 420 5.37 30.89 25.96
CA ASP D 420 5.78 32.16 26.54
C ASP D 420 4.86 33.26 26.02
N PHE D 421 4.01 33.80 26.89
CA PHE D 421 2.99 34.76 26.45
C PHE D 421 3.63 35.98 25.79
N GLN D 422 4.70 36.47 26.40
CA GLN D 422 5.32 37.72 25.96
C GLN D 422 5.91 37.57 24.55
N GLN D 423 6.60 36.45 24.32
CA GLN D 423 7.18 36.15 23.01
C GLN D 423 6.07 36.01 21.97
N ALA D 424 4.97 35.37 22.35
CA ALA D 424 3.84 35.17 21.44
C ALA D 424 3.17 36.50 21.10
N LYS D 425 3.19 37.42 22.06
CA LYS D 425 2.70 38.78 21.84
C LYS D 425 3.60 39.53 20.86
N GLU D 426 4.91 39.35 21.02
CA GLU D 426 5.88 40.01 20.16
C GLU D 426 5.74 39.54 18.72
N PHE D 427 5.60 38.23 18.54
CA PHE D 427 5.47 37.66 17.20
C PHE D 427 4.18 38.13 16.54
N ALA D 428 3.08 38.05 17.27
CA ALA D 428 1.79 38.48 16.76
C ALA D 428 1.85 39.93 16.30
N GLU D 429 2.35 40.81 17.15
CA GLU D 429 2.36 42.24 16.87
C GLU D 429 3.36 42.58 15.77
N GLY D 430 4.49 41.89 15.77
CA GLY D 430 5.49 42.05 14.72
C GLY D 430 4.94 41.72 13.34
N VAL D 431 4.17 40.64 13.25
CA VAL D 431 3.57 40.25 11.98
C VAL D 431 2.42 41.19 11.62
N LYS D 432 1.63 41.56 12.60
CA LYS D 432 0.39 42.29 12.35
C LYS D 432 0.67 43.75 12.00
N GLU D 433 1.85 44.22 12.36
CA GLU D 433 2.28 45.57 11.98
C GLU D 433 2.31 45.74 10.47
N LYS D 434 2.64 44.67 9.76
CA LYS D 434 2.68 44.71 8.29
C LYS D 434 1.43 44.07 7.69
N PHE D 435 0.83 43.14 8.41
CA PHE D 435 -0.33 42.40 7.92
C PHE D 435 -1.40 42.32 9.01
N PRO D 436 -2.16 43.41 9.17
CA PRO D 436 -3.02 43.55 10.34
C PRO D 436 -4.11 42.48 10.44
N ASP D 437 -4.44 41.85 9.32
CA ASP D 437 -5.52 40.88 9.28
C ASP D 437 -5.00 39.44 9.27
N GLN D 438 -3.69 39.27 9.41
CA GLN D 438 -3.08 37.95 9.28
C GLN D 438 -3.60 37.01 10.35
N TRP D 439 -4.06 35.83 9.93
CA TRP D 439 -4.41 34.77 10.86
C TRP D 439 -3.15 34.13 11.42
N LEU D 440 -3.17 33.83 12.72
CA LEU D 440 -2.01 33.22 13.35
C LEU D 440 -2.38 31.86 13.92
N ALA D 441 -1.41 30.95 13.93
CA ALA D 441 -1.56 29.66 14.58
C ALA D 441 -0.49 29.48 15.65
N TYR D 442 -0.78 28.66 16.65
CA TYR D 442 0.16 28.42 17.74
C TYR D 442 0.13 26.95 18.16
N ASN D 443 1.30 26.32 18.27
CA ASN D 443 1.38 24.97 18.82
C ASN D 443 1.59 24.98 20.33
N LEU D 444 0.76 24.22 21.03
CA LEU D 444 0.85 24.11 22.47
C LEU D 444 1.73 22.92 22.85
N SER D 445 2.91 23.21 23.36
CA SER D 445 3.98 22.23 23.44
C SER D 445 3.61 21.13 24.44
N PRO D 446 3.68 19.86 24.00
CA PRO D 446 3.37 18.73 24.87
C PRO D 446 4.56 18.28 25.71
N SER D 447 5.75 18.83 25.42
CA SER D 447 6.94 18.52 26.20
C SER D 447 7.08 19.46 27.41
N PHE D 448 6.57 20.68 27.28
CA PHE D 448 6.60 21.63 28.37
C PHE D 448 5.94 21.02 29.60
N ASN D 449 6.47 21.32 30.77
CA ASN D 449 5.89 20.82 32.01
C ASN D 449 4.81 21.75 32.51
N TRP D 450 3.60 21.58 31.97
CA TRP D 450 2.52 22.50 32.24
C TRP D 450 2.14 22.52 33.72
N PRO D 451 2.03 21.33 34.35
CA PRO D 451 1.50 21.28 35.71
C PRO D 451 2.41 22.00 36.72
N LYS D 452 3.72 21.98 36.47
CA LYS D 452 4.67 22.44 37.49
C LYS D 452 5.36 23.76 37.13
N ALA D 453 5.24 24.20 35.88
CA ALA D 453 5.88 25.44 35.45
C ALA D 453 4.88 26.54 35.11
N MET D 454 3.61 26.31 35.44
CA MET D 454 2.57 27.32 35.25
C MET D 454 1.43 27.06 36.24
N SER D 455 0.84 28.12 36.78
CA SER D 455 -0.22 27.96 37.77
C SER D 455 -1.45 27.38 37.11
N VAL D 456 -2.32 26.77 37.91
CA VAL D 456 -3.54 26.18 37.40
C VAL D 456 -4.36 27.21 36.62
N ASP D 457 -4.46 28.42 37.16
CA ASP D 457 -5.28 29.46 36.55
C ASP D 457 -4.70 29.92 35.21
N GLU D 458 -3.38 29.96 35.12
CA GLU D 458 -2.71 30.30 33.87
C GLU D 458 -2.90 29.21 32.81
N GLN D 459 -2.77 27.95 33.23
CA GLN D 459 -3.13 26.80 32.38
C GLN D 459 -4.52 27.00 31.77
N HIS D 460 -5.46 27.37 32.62
CA HIS D 460 -6.87 27.40 32.25
C HIS D 460 -7.13 28.50 31.21
N THR D 461 -6.36 29.58 31.27
CA THR D 461 -6.65 30.78 30.47
C THR D 461 -5.71 30.91 29.27
N PHE D 462 -4.66 30.10 29.23
CA PHE D 462 -3.56 30.34 28.31
C PHE D 462 -4.05 30.50 26.89
N ILE D 463 -4.93 29.58 26.47
CA ILE D 463 -5.36 29.50 25.10
C ILE D 463 -6.19 30.73 24.72
N GLN D 464 -7.08 31.15 25.63
CA GLN D 464 -7.92 32.33 25.40
C GLN D 464 -7.08 33.61 25.37
N ARG D 465 -6.02 33.65 26.17
CA ARG D 465 -5.14 34.82 26.19
C ARG D 465 -4.38 34.95 24.87
N LEU D 466 -3.88 33.85 24.33
CA LEU D 466 -3.29 33.86 22.99
C LEU D 466 -4.35 34.14 21.94
N GLY D 467 -5.57 33.69 22.18
CA GLY D 467 -6.68 34.00 21.29
C GLY D 467 -6.94 35.48 21.15
N ASP D 468 -6.71 36.23 22.23
CA ASP D 468 -6.92 37.67 22.22
C ASP D 468 -5.85 38.36 21.38
N LEU D 469 -4.74 37.67 21.15
CA LEU D 469 -3.65 38.22 20.34
C LEU D 469 -3.85 37.95 18.86
N GLY D 470 -4.80 37.07 18.54
CA GLY D 470 -5.07 36.72 17.16
C GLY D 470 -4.59 35.33 16.75
N TYR D 471 -4.25 34.49 17.73
CA TYR D 471 -3.99 33.07 17.47
C TYR D 471 -5.28 32.28 17.44
N ILE D 472 -5.84 32.10 16.24
CA ILE D 472 -7.21 31.63 16.08
C ILE D 472 -7.25 30.11 15.95
N TRP D 473 -6.08 29.50 15.74
CA TRP D 473 -5.98 28.05 15.65
C TRP D 473 -4.83 27.57 16.52
N GLN D 474 -5.16 26.75 17.53
CA GLN D 474 -4.16 26.26 18.48
C GLN D 474 -4.39 24.78 18.74
N PHE D 475 -3.30 24.04 18.91
CA PHE D 475 -3.37 22.59 18.91
C PHE D 475 -2.23 21.99 19.71
N ILE D 476 -2.53 20.89 20.40
CA ILE D 476 -1.51 20.05 21.00
C ILE D 476 -1.14 18.92 20.06
N THR D 477 0.05 19.01 19.49
CA THR D 477 0.43 18.13 18.41
C THR D 477 0.26 16.66 18.84
N LEU D 478 0.68 16.34 20.06
CA LEU D 478 0.95 14.94 20.43
C LEU D 478 -0.08 14.38 21.42
N ALA D 479 -1.23 15.01 21.52
CA ALA D 479 -2.18 14.68 22.58
C ALA D 479 -2.81 13.31 22.34
N GLY D 480 -3.10 13.00 21.08
CA GLY D 480 -3.60 11.68 20.72
C GLY D 480 -2.66 10.57 21.19
N LEU D 481 -1.37 10.75 20.96
CA LEU D 481 -0.37 9.79 21.37
C LEU D 481 -0.37 9.59 22.88
N HIS D 482 -0.45 10.68 23.63
CA HIS D 482 -0.23 10.61 25.06
C HIS D 482 -1.45 10.04 25.78
N THR D 483 -2.65 10.47 25.40
CA THR D 483 -3.87 9.93 25.99
C THR D 483 -3.96 8.42 25.77
N ASN D 484 -3.59 7.99 24.57
CA ASN D 484 -3.56 6.56 24.25
C ASN D 484 -2.52 5.82 25.10
N ALA D 485 -1.32 6.39 25.19
CA ALA D 485 -0.22 5.76 25.91
C ALA D 485 -0.57 5.59 27.40
N LEU D 486 -1.10 6.65 28.00
CA LEU D 486 -1.45 6.62 29.42
C LEU D 486 -2.50 5.55 29.68
N ALA D 487 -3.56 5.54 28.89
CA ALA D 487 -4.68 4.62 29.11
C ALA D 487 -4.28 3.16 28.92
N VAL D 488 -3.46 2.90 27.91
CA VAL D 488 -3.10 1.52 27.60
C VAL D 488 -1.99 1.01 28.51
N HIS D 489 -1.11 1.91 28.95
CA HIS D 489 -0.18 1.59 30.03
C HIS D 489 -0.93 1.17 31.29
N ASN D 490 -1.88 2.00 31.71
CA ASN D 490 -2.55 1.79 32.98
C ASN D 490 -3.39 0.52 32.95
N PHE D 491 -4.06 0.25 31.84
CA PHE D 491 -4.88 -0.95 31.75
C PHE D 491 -4.03 -2.21 31.65
N SER D 492 -2.90 -2.13 30.97
CA SER D 492 -1.99 -3.26 30.89
C SER D 492 -1.54 -3.66 32.30
N ARG D 493 -1.10 -2.67 33.06
CA ARG D 493 -0.69 -2.86 34.45
C ARG D 493 -1.83 -3.44 35.27
N ASP D 494 -3.00 -2.81 35.20
CA ASP D 494 -4.12 -3.18 36.06
C ASP D 494 -4.71 -4.52 35.65
N PHE D 495 -4.68 -4.81 34.34
CA PHE D 495 -5.20 -6.07 33.84
C PHE D 495 -4.30 -7.24 34.25
N ALA D 496 -3.00 -7.05 34.18
CA ALA D 496 -2.06 -8.09 34.61
C ALA D 496 -2.31 -8.46 36.06
N LYS D 497 -2.72 -7.47 36.85
CA LYS D 497 -2.85 -7.66 38.29
C LYS D 497 -4.26 -8.17 38.67
N ASP D 498 -5.29 -7.56 38.08
CA ASP D 498 -6.66 -7.71 38.60
C ASP D 498 -7.62 -8.33 37.59
N GLY D 499 -7.11 -8.71 36.41
CA GLY D 499 -7.92 -9.39 35.41
C GLY D 499 -9.18 -8.62 35.06
N MET D 500 -10.31 -9.33 35.00
CA MET D 500 -11.54 -8.76 34.45
C MET D 500 -12.11 -7.69 35.38
N LYS D 501 -11.71 -7.70 36.64
CA LYS D 501 -12.09 -6.63 37.55
C LYS D 501 -11.60 -5.29 37.02
N ALA D 502 -10.37 -5.26 36.53
CA ALA D 502 -9.80 -4.04 35.97
C ALA D 502 -10.58 -3.57 34.75
N TYR D 503 -10.97 -4.52 33.89
CA TYR D 503 -11.74 -4.17 32.72
C TYR D 503 -13.11 -3.63 33.12
N ALA D 504 -13.77 -4.35 34.02
CA ALA D 504 -15.09 -3.96 34.47
C ALA D 504 -15.11 -2.54 35.04
N GLN D 505 -14.16 -2.24 35.93
CA GLN D 505 -14.20 -0.99 36.69
C GLN D 505 -13.51 0.17 35.95
N ASN D 506 -12.37 -0.10 35.33
CA ASN D 506 -11.50 0.96 34.82
C ASN D 506 -11.78 1.29 33.36
N VAL D 507 -12.51 0.40 32.67
CA VAL D 507 -12.88 0.64 31.28
C VAL D 507 -14.39 0.73 31.14
N GLN D 508 -15.08 -0.36 31.44
CA GLN D 508 -16.48 -0.50 31.07
C GLN D 508 -17.38 0.43 31.87
N GLN D 509 -17.26 0.37 33.20
CA GLN D 509 -18.06 1.24 34.08
C GLN D 509 -17.83 2.71 33.75
N ARG D 510 -16.59 3.07 33.46
CA ARG D 510 -16.25 4.45 33.13
C ARG D 510 -16.86 4.86 31.80
N GLU D 511 -16.85 3.95 30.83
CA GLU D 511 -17.51 4.18 29.55
C GLU D 511 -19.01 4.42 29.74
N MET D 512 -19.64 3.62 30.60
CA MET D 512 -21.05 3.78 30.92
C MET D 512 -21.29 5.15 31.55
N ASP D 513 -20.48 5.50 32.55
CA ASP D 513 -20.68 6.74 33.29
C ASP D 513 -20.49 7.95 32.41
N ASP D 514 -19.53 7.88 31.49
CA ASP D 514 -19.14 9.04 30.70
C ASP D 514 -19.92 9.14 29.39
N GLY D 515 -20.72 8.11 29.08
CA GLY D 515 -21.60 8.12 27.91
C GLY D 515 -20.86 7.92 26.60
N VAL D 516 -19.80 7.12 26.65
CA VAL D 516 -19.00 6.87 25.46
C VAL D 516 -19.73 5.90 24.53
N ASP D 517 -20.08 6.38 23.33
CA ASP D 517 -20.90 5.59 22.42
C ASP D 517 -20.23 4.28 22.00
N VAL D 518 -18.90 4.27 21.99
CA VAL D 518 -18.17 3.07 21.59
C VAL D 518 -18.50 1.89 22.49
N LEU D 519 -18.96 2.17 23.70
CA LEU D 519 -19.41 1.13 24.62
C LEU D 519 -20.29 0.11 23.90
N LYS D 520 -21.23 0.62 23.12
CA LYS D 520 -22.07 -0.22 22.27
C LYS D 520 -21.36 -0.45 20.94
N HIS D 521 -20.37 -1.34 20.94
CA HIS D 521 -19.37 -1.31 19.90
C HIS D 521 -19.91 -1.77 18.54
N GLN D 522 -20.87 -2.69 18.56
CA GLN D 522 -21.47 -3.16 17.32
C GLN D 522 -22.17 -1.99 16.61
N LYS D 523 -23.05 -1.31 17.33
CA LYS D 523 -23.79 -0.20 16.76
C LYS D 523 -22.84 0.93 16.33
N TRP D 524 -21.87 1.24 17.18
CA TRP D 524 -20.94 2.32 16.89
C TRP D 524 -20.15 2.03 15.60
N SER D 525 -19.79 0.76 15.42
CA SER D 525 -18.96 0.36 14.29
C SER D 525 -19.73 0.41 12.97
N GLY D 526 -21.06 0.47 13.08
CA GLY D 526 -21.90 0.62 11.89
C GLY D 526 -22.61 -0.67 11.48
N ALA D 527 -22.77 -1.59 12.43
CA ALA D 527 -23.40 -2.88 12.15
C ALA D 527 -24.82 -2.74 11.62
N GLU D 528 -25.58 -1.82 12.18
CA GLU D 528 -26.96 -1.60 11.73
C GLU D 528 -26.99 -0.97 10.34
N TYR D 529 -26.05 -0.07 10.06
CA TYR D 529 -25.94 0.55 8.75
C TYR D 529 -25.73 -0.50 7.68
N ILE D 530 -24.75 -1.38 7.89
CA ILE D 530 -24.38 -2.37 6.89
C ILE D 530 -25.45 -3.46 6.80
N ASP D 531 -26.00 -3.85 7.94
CA ASP D 531 -27.15 -4.75 7.95
C ASP D 531 -28.25 -4.21 7.05
N GLY D 532 -28.50 -2.91 7.11
CA GLY D 532 -29.48 -2.28 6.23
C GLY D 532 -29.15 -2.36 4.76
N LEU D 533 -27.86 -2.31 4.41
CA LEU D 533 -27.45 -2.47 3.01
C LEU D 533 -27.72 -3.91 2.56
N LEU D 534 -27.35 -4.87 3.40
CA LEU D 534 -27.69 -6.27 3.17
C LEU D 534 -29.18 -6.47 2.88
N LYS D 535 -30.05 -5.90 3.72
CA LYS D 535 -31.50 -6.12 3.57
C LYS D 535 -31.98 -5.53 2.26
N LEU D 536 -31.46 -4.36 1.92
CA LEU D 536 -31.89 -3.70 0.70
C LEU D 536 -31.52 -4.54 -0.52
N ALA D 537 -30.39 -5.24 -0.44
CA ALA D 537 -29.84 -5.94 -1.60
C ALA D 537 -30.48 -7.31 -1.78
N GLN D 538 -30.97 -7.88 -0.68
CA GLN D 538 -31.50 -9.24 -0.70
C GLN D 538 -33.02 -9.23 -0.61
N GLY D 539 -33.61 -8.03 -0.66
CA GLY D 539 -35.04 -7.88 -0.50
C GLY D 539 -35.78 -8.01 -1.82
N GLY D 540 -35.04 -8.33 -2.87
CA GLY D 540 -35.58 -8.27 -4.23
C GLY D 540 -36.14 -9.61 -4.68
N VAL D 541 -37.09 -9.56 -5.61
CA VAL D 541 -37.93 -10.70 -5.92
C VAL D 541 -37.21 -11.70 -6.83
N SER D 542 -37.37 -12.99 -6.55
CA SER D 542 -36.96 -14.06 -7.45
C SER D 542 -38.04 -14.33 -8.50
#